data_1NOA
# 
_entry.id   1NOA 
# 
_audit_conform.dict_name       mmcif_pdbx.dic 
_audit_conform.dict_version    5.398 
_audit_conform.dict_location   http://mmcif.pdb.org/dictionaries/ascii/mmcif_pdbx.dic 
# 
loop_
_database_2.database_id 
_database_2.database_code 
_database_2.pdbx_database_accession 
_database_2.pdbx_DOI 
PDB   1NOA         pdb_00001noa 10.2210/pdb1noa/pdb 
WWPDB D_1000175343 ?            ?                   
# 
loop_
_pdbx_audit_revision_history.ordinal 
_pdbx_audit_revision_history.data_content_type 
_pdbx_audit_revision_history.major_revision 
_pdbx_audit_revision_history.minor_revision 
_pdbx_audit_revision_history.revision_date 
1 'Structure model' 1 0 1993-10-31 
2 'Structure model' 1 1 2008-03-24 
3 'Structure model' 1 2 2011-07-13 
4 'Structure model' 1 3 2017-11-29 
5 'Structure model' 1 4 2024-11-06 
# 
_pdbx_audit_revision_details.ordinal             1 
_pdbx_audit_revision_details.revision_ordinal    1 
_pdbx_audit_revision_details.data_content_type   'Structure model' 
_pdbx_audit_revision_details.provider            repository 
_pdbx_audit_revision_details.type                'Initial release' 
_pdbx_audit_revision_details.description         ? 
_pdbx_audit_revision_details.details             ? 
# 
loop_
_pdbx_audit_revision_group.ordinal 
_pdbx_audit_revision_group.revision_ordinal 
_pdbx_audit_revision_group.data_content_type 
_pdbx_audit_revision_group.group 
1 2 'Structure model' 'Version format compliance' 
2 3 'Structure model' 'Version format compliance' 
3 4 'Structure model' 'Derived calculations'      
4 4 'Structure model' Other                       
5 5 'Structure model' 'Data collection'           
6 5 'Structure model' 'Database references'       
7 5 'Structure model' 'Structure summary'         
# 
loop_
_pdbx_audit_revision_category.ordinal 
_pdbx_audit_revision_category.revision_ordinal 
_pdbx_audit_revision_category.data_content_type 
_pdbx_audit_revision_category.category 
1 4 'Structure model' pdbx_database_status      
2 4 'Structure model' struct_conf               
3 4 'Structure model' struct_conf_type          
4 5 'Structure model' chem_comp_atom            
5 5 'Structure model' chem_comp_bond            
6 5 'Structure model' database_2                
7 5 'Structure model' pdbx_entry_details        
8 5 'Structure model' pdbx_modification_feature 
# 
loop_
_pdbx_audit_revision_item.ordinal 
_pdbx_audit_revision_item.revision_ordinal 
_pdbx_audit_revision_item.data_content_type 
_pdbx_audit_revision_item.item 
1 4 'Structure model' '_pdbx_database_status.process_site'  
2 5 'Structure model' '_database_2.pdbx_DOI'                
3 5 'Structure model' '_database_2.pdbx_database_accession' 
# 
_pdbx_database_status.status_code                     REL 
_pdbx_database_status.entry_id                        1NOA 
_pdbx_database_status.recvd_initial_deposition_date   1992-12-11 
_pdbx_database_status.deposit_site                    ? 
_pdbx_database_status.process_site                    BNL 
_pdbx_database_status.status_code_sf                  REL 
_pdbx_database_status.status_code_mr                  ? 
_pdbx_database_status.SG_entry                        ? 
_pdbx_database_status.pdb_format_compatible           Y 
_pdbx_database_status.status_code_cs                  ? 
_pdbx_database_status.methods_development_category    ? 
_pdbx_database_status.status_code_nmr_data            ? 
# 
_audit_author.name           'Teplyakov, A.' 
_audit_author.pdbx_ordinal   1 
# 
_citation.id                        primary 
_citation.title                     'Crystal structure of apo-neocarzinostatin at 0.15-nm resolution.' 
_citation.journal_abbrev            Eur.J.Biochem. 
_citation.journal_volume            213 
_citation.page_first                737 
_citation.page_last                 741 
_citation.year                      1993 
_citation.journal_id_ASTM           EJBCAI 
_citation.country                   IX 
_citation.journal_id_ISSN           0014-2956 
_citation.journal_id_CSD            0262 
_citation.book_publisher            ? 
_citation.pdbx_database_id_PubMed   8477746 
_citation.pdbx_database_id_DOI      10.1111/j.1432-1033.1993.tb17814.x 
# 
loop_
_citation_author.citation_id 
_citation_author.name 
_citation_author.ordinal 
_citation_author.identifier_ORCID 
primary 'Teplyakov, A.' 1 ? 
primary 'Obmolova, G.'  2 ? 
primary 'Wilson, K.'    3 ? 
primary 'Kuromizu, K.'  4 ? 
# 
loop_
_entity.id 
_entity.type 
_entity.src_method 
_entity.pdbx_description 
_entity.formula_weight 
_entity.pdbx_number_of_molecules 
_entity.pdbx_ec 
_entity.pdbx_mutation 
_entity.pdbx_fragment 
_entity.details 
1 polymer man NEOCARZINOSTATIN 11100.055 1  ? ? ? ? 
2 water   nat water            18.015    99 ? ? ? ? 
# 
_entity_poly.entity_id                      1 
_entity_poly.type                           'polypeptide(L)' 
_entity_poly.nstd_linkage                   no 
_entity_poly.nstd_monomer                   no 
_entity_poly.pdbx_seq_one_letter_code       
;AAPTATVTPSSGLSDGTVVKVAGAGLQAGTAYDVGQCAWVDTGVLACNPADFSSVTADANGSASTSLTVRRSFEGFLFDG
TRWGTVDCTTAACQVGLSDAAGNGPEGVAISFN
;
_entity_poly.pdbx_seq_one_letter_code_can   
;AAPTATVTPSSGLSDGTVVKVAGAGLQAGTAYDVGQCAWVDTGVLACNPADFSSVTADANGSASTSLTVRRSFEGFLFDG
TRWGTVDCTTAACQVGLSDAAGNGPEGVAISFN
;
_entity_poly.pdbx_strand_id                 A 
_entity_poly.pdbx_target_identifier         ? 
# 
_pdbx_entity_nonpoly.entity_id   2 
_pdbx_entity_nonpoly.name        water 
_pdbx_entity_nonpoly.comp_id     HOH 
# 
loop_
_entity_poly_seq.entity_id 
_entity_poly_seq.num 
_entity_poly_seq.mon_id 
_entity_poly_seq.hetero 
1 1   ALA n 
1 2   ALA n 
1 3   PRO n 
1 4   THR n 
1 5   ALA n 
1 6   THR n 
1 7   VAL n 
1 8   THR n 
1 9   PRO n 
1 10  SER n 
1 11  SER n 
1 12  GLY n 
1 13  LEU n 
1 14  SER n 
1 15  ASP n 
1 16  GLY n 
1 17  THR n 
1 18  VAL n 
1 19  VAL n 
1 20  LYS n 
1 21  VAL n 
1 22  ALA n 
1 23  GLY n 
1 24  ALA n 
1 25  GLY n 
1 26  LEU n 
1 27  GLN n 
1 28  ALA n 
1 29  GLY n 
1 30  THR n 
1 31  ALA n 
1 32  TYR n 
1 33  ASP n 
1 34  VAL n 
1 35  GLY n 
1 36  GLN n 
1 37  CYS n 
1 38  ALA n 
1 39  TRP n 
1 40  VAL n 
1 41  ASP n 
1 42  THR n 
1 43  GLY n 
1 44  VAL n 
1 45  LEU n 
1 46  ALA n 
1 47  CYS n 
1 48  ASN n 
1 49  PRO n 
1 50  ALA n 
1 51  ASP n 
1 52  PHE n 
1 53  SER n 
1 54  SER n 
1 55  VAL n 
1 56  THR n 
1 57  ALA n 
1 58  ASP n 
1 59  ALA n 
1 60  ASN n 
1 61  GLY n 
1 62  SER n 
1 63  ALA n 
1 64  SER n 
1 65  THR n 
1 66  SER n 
1 67  LEU n 
1 68  THR n 
1 69  VAL n 
1 70  ARG n 
1 71  ARG n 
1 72  SER n 
1 73  PHE n 
1 74  GLU n 
1 75  GLY n 
1 76  PHE n 
1 77  LEU n 
1 78  PHE n 
1 79  ASP n 
1 80  GLY n 
1 81  THR n 
1 82  ARG n 
1 83  TRP n 
1 84  GLY n 
1 85  THR n 
1 86  VAL n 
1 87  ASP n 
1 88  CYS n 
1 89  THR n 
1 90  THR n 
1 91  ALA n 
1 92  ALA n 
1 93  CYS n 
1 94  GLN n 
1 95  VAL n 
1 96  GLY n 
1 97  LEU n 
1 98  SER n 
1 99  ASP n 
1 100 ALA n 
1 101 ALA n 
1 102 GLY n 
1 103 ASN n 
1 104 GLY n 
1 105 PRO n 
1 106 GLU n 
1 107 GLY n 
1 108 VAL n 
1 109 ALA n 
1 110 ILE n 
1 111 SER n 
1 112 PHE n 
1 113 ASN n 
# 
_entity_src_gen.entity_id                          1 
_entity_src_gen.pdbx_src_id                        1 
_entity_src_gen.pdbx_alt_source_flag               sample 
_entity_src_gen.pdbx_seq_type                      ? 
_entity_src_gen.pdbx_beg_seq_num                   ? 
_entity_src_gen.pdbx_end_seq_num                   ? 
_entity_src_gen.gene_src_common_name               ? 
_entity_src_gen.gene_src_genus                     Streptomyces 
_entity_src_gen.pdbx_gene_src_gene                 ? 
_entity_src_gen.gene_src_species                   ? 
_entity_src_gen.gene_src_strain                    ? 
_entity_src_gen.gene_src_tissue                    ? 
_entity_src_gen.gene_src_tissue_fraction           ? 
_entity_src_gen.gene_src_details                   ? 
_entity_src_gen.pdbx_gene_src_fragment             ? 
_entity_src_gen.pdbx_gene_src_scientific_name      'Streptomyces carzinostaticus' 
_entity_src_gen.pdbx_gene_src_ncbi_taxonomy_id     1897 
_entity_src_gen.pdbx_gene_src_variant              ? 
_entity_src_gen.pdbx_gene_src_cell_line            ? 
_entity_src_gen.pdbx_gene_src_atcc                 ? 
_entity_src_gen.pdbx_gene_src_organ                ? 
_entity_src_gen.pdbx_gene_src_organelle            ? 
_entity_src_gen.pdbx_gene_src_cell                 ? 
_entity_src_gen.pdbx_gene_src_cellular_location    ? 
_entity_src_gen.host_org_common_name               ? 
_entity_src_gen.pdbx_host_org_scientific_name      ? 
_entity_src_gen.pdbx_host_org_ncbi_taxonomy_id     ? 
_entity_src_gen.host_org_genus                     ? 
_entity_src_gen.pdbx_host_org_gene                 ? 
_entity_src_gen.pdbx_host_org_organ                ? 
_entity_src_gen.host_org_species                   ? 
_entity_src_gen.pdbx_host_org_tissue               ? 
_entity_src_gen.pdbx_host_org_tissue_fraction      ? 
_entity_src_gen.pdbx_host_org_strain               ? 
_entity_src_gen.pdbx_host_org_variant              ? 
_entity_src_gen.pdbx_host_org_cell_line            ? 
_entity_src_gen.pdbx_host_org_atcc                 ? 
_entity_src_gen.pdbx_host_org_culture_collection   ? 
_entity_src_gen.pdbx_host_org_cell                 ? 
_entity_src_gen.pdbx_host_org_organelle            ? 
_entity_src_gen.pdbx_host_org_cellular_location    ? 
_entity_src_gen.pdbx_host_org_vector_type          ? 
_entity_src_gen.pdbx_host_org_vector               ? 
_entity_src_gen.host_org_details                   ? 
_entity_src_gen.expression_system_id               ? 
_entity_src_gen.plasmid_name                       ? 
_entity_src_gen.plasmid_details                    ? 
_entity_src_gen.pdbx_description                   ? 
# 
loop_
_chem_comp.id 
_chem_comp.type 
_chem_comp.mon_nstd_flag 
_chem_comp.name 
_chem_comp.pdbx_synonyms 
_chem_comp.formula 
_chem_comp.formula_weight 
ALA 'L-peptide linking' y ALANINE         ? 'C3 H7 N O2'     89.093  
ARG 'L-peptide linking' y ARGININE        ? 'C6 H15 N4 O2 1' 175.209 
ASN 'L-peptide linking' y ASPARAGINE      ? 'C4 H8 N2 O3'    132.118 
ASP 'L-peptide linking' y 'ASPARTIC ACID' ? 'C4 H7 N O4'     133.103 
CYS 'L-peptide linking' y CYSTEINE        ? 'C3 H7 N O2 S'   121.158 
GLN 'L-peptide linking' y GLUTAMINE       ? 'C5 H10 N2 O3'   146.144 
GLU 'L-peptide linking' y 'GLUTAMIC ACID' ? 'C5 H9 N O4'     147.129 
GLY 'peptide linking'   y GLYCINE         ? 'C2 H5 N O2'     75.067  
HOH non-polymer         . WATER           ? 'H2 O'           18.015  
ILE 'L-peptide linking' y ISOLEUCINE      ? 'C6 H13 N O2'    131.173 
LEU 'L-peptide linking' y LEUCINE         ? 'C6 H13 N O2'    131.173 
LYS 'L-peptide linking' y LYSINE          ? 'C6 H15 N2 O2 1' 147.195 
PHE 'L-peptide linking' y PHENYLALANINE   ? 'C9 H11 N O2'    165.189 
PRO 'L-peptide linking' y PROLINE         ? 'C5 H9 N O2'     115.130 
SER 'L-peptide linking' y SERINE          ? 'C3 H7 N O3'     105.093 
THR 'L-peptide linking' y THREONINE       ? 'C4 H9 N O3'     119.119 
TRP 'L-peptide linking' y TRYPTOPHAN      ? 'C11 H12 N2 O2'  204.225 
TYR 'L-peptide linking' y TYROSINE        ? 'C9 H11 N O3'    181.189 
VAL 'L-peptide linking' y VALINE          ? 'C5 H11 N O2'    117.146 
# 
loop_
_pdbx_poly_seq_scheme.asym_id 
_pdbx_poly_seq_scheme.entity_id 
_pdbx_poly_seq_scheme.seq_id 
_pdbx_poly_seq_scheme.mon_id 
_pdbx_poly_seq_scheme.ndb_seq_num 
_pdbx_poly_seq_scheme.pdb_seq_num 
_pdbx_poly_seq_scheme.auth_seq_num 
_pdbx_poly_seq_scheme.pdb_mon_id 
_pdbx_poly_seq_scheme.auth_mon_id 
_pdbx_poly_seq_scheme.pdb_strand_id 
_pdbx_poly_seq_scheme.pdb_ins_code 
_pdbx_poly_seq_scheme.hetero 
A 1 1   ALA 1   1   1   ALA ALA A . n 
A 1 2   ALA 2   2   2   ALA ALA A . n 
A 1 3   PRO 3   3   3   PRO PRO A . n 
A 1 4   THR 4   4   4   THR THR A . n 
A 1 5   ALA 5   5   5   ALA ALA A . n 
A 1 6   THR 6   6   6   THR THR A . n 
A 1 7   VAL 7   7   7   VAL VAL A . n 
A 1 8   THR 8   8   8   THR THR A . n 
A 1 9   PRO 9   9   9   PRO PRO A . n 
A 1 10  SER 10  10  10  SER SER A . n 
A 1 11  SER 11  11  11  SER SER A . n 
A 1 12  GLY 12  12  12  GLY GLY A . n 
A 1 13  LEU 13  13  13  LEU LEU A . n 
A 1 14  SER 14  14  14  SER SER A . n 
A 1 15  ASP 15  15  15  ASP ASP A . n 
A 1 16  GLY 16  16  16  GLY GLY A . n 
A 1 17  THR 17  17  17  THR THR A . n 
A 1 18  VAL 18  18  18  VAL VAL A . n 
A 1 19  VAL 19  19  19  VAL VAL A . n 
A 1 20  LYS 20  20  20  LYS LYS A . n 
A 1 21  VAL 21  21  21  VAL VAL A . n 
A 1 22  ALA 22  22  22  ALA ALA A . n 
A 1 23  GLY 23  23  23  GLY GLY A . n 
A 1 24  ALA 24  24  24  ALA ALA A . n 
A 1 25  GLY 25  25  25  GLY GLY A . n 
A 1 26  LEU 26  26  26  LEU LEU A . n 
A 1 27  GLN 27  27  27  GLN GLN A . n 
A 1 28  ALA 28  28  28  ALA ALA A . n 
A 1 29  GLY 29  29  29  GLY GLY A . n 
A 1 30  THR 30  30  30  THR THR A . n 
A 1 31  ALA 31  31  31  ALA ALA A . n 
A 1 32  TYR 32  32  32  TYR TYR A . n 
A 1 33  ASP 33  33  33  ASP ASP A . n 
A 1 34  VAL 34  34  34  VAL VAL A . n 
A 1 35  GLY 35  35  35  GLY GLY A . n 
A 1 36  GLN 36  36  36  GLN GLN A . n 
A 1 37  CYS 37  37  37  CYS CYS A . n 
A 1 38  ALA 38  38  38  ALA ALA A . n 
A 1 39  TRP 39  39  39  TRP TRP A . n 
A 1 40  VAL 40  40  40  VAL VAL A . n 
A 1 41  ASP 41  41  41  ASP ASP A . n 
A 1 42  THR 42  42  42  THR THR A . n 
A 1 43  GLY 43  43  43  GLY GLY A . n 
A 1 44  VAL 44  44  44  VAL VAL A . n 
A 1 45  LEU 45  45  45  LEU LEU A . n 
A 1 46  ALA 46  46  46  ALA ALA A . n 
A 1 47  CYS 47  47  47  CYS CYS A . n 
A 1 48  ASN 48  48  48  ASN ASN A . n 
A 1 49  PRO 49  49  49  PRO PRO A . n 
A 1 50  ALA 50  50  50  ALA ALA A . n 
A 1 51  ASP 51  51  51  ASP ASP A . n 
A 1 52  PHE 52  52  52  PHE PHE A . n 
A 1 53  SER 53  53  53  SER SER A . n 
A 1 54  SER 54  54  54  SER SER A . n 
A 1 55  VAL 55  55  55  VAL VAL A . n 
A 1 56  THR 56  56  56  THR THR A . n 
A 1 57  ALA 57  57  57  ALA ALA A . n 
A 1 58  ASP 58  58  58  ASP ASP A . n 
A 1 59  ALA 59  59  59  ALA ALA A . n 
A 1 60  ASN 60  60  60  ASN ASN A . n 
A 1 61  GLY 61  61  61  GLY GLY A . n 
A 1 62  SER 62  62  62  SER SER A . n 
A 1 63  ALA 63  63  63  ALA ALA A . n 
A 1 64  SER 64  64  64  SER SER A . n 
A 1 65  THR 65  65  65  THR THR A . n 
A 1 66  SER 66  66  66  SER SER A . n 
A 1 67  LEU 67  67  67  LEU LEU A . n 
A 1 68  THR 68  68  68  THR THR A . n 
A 1 69  VAL 69  69  69  VAL VAL A . n 
A 1 70  ARG 70  70  70  ARG ARG A . n 
A 1 71  ARG 71  71  71  ARG ARG A . n 
A 1 72  SER 72  72  72  SER SER A . n 
A 1 73  PHE 73  73  73  PHE PHE A . n 
A 1 74  GLU 74  74  74  GLU GLU A . n 
A 1 75  GLY 75  75  75  GLY GLY A . n 
A 1 76  PHE 76  76  76  PHE PHE A . n 
A 1 77  LEU 77  77  77  LEU LEU A . n 
A 1 78  PHE 78  78  78  PHE PHE A . n 
A 1 79  ASP 79  79  79  ASP ASP A . n 
A 1 80  GLY 80  80  80  GLY GLY A . n 
A 1 81  THR 81  81  81  THR THR A . n 
A 1 82  ARG 82  82  82  ARG ARG A . n 
A 1 83  TRP 83  83  83  TRP TRP A . n 
A 1 84  GLY 84  84  84  GLY GLY A . n 
A 1 85  THR 85  85  85  THR THR A . n 
A 1 86  VAL 86  86  86  VAL VAL A . n 
A 1 87  ASP 87  87  87  ASP ASP A . n 
A 1 88  CYS 88  88  88  CYS CYS A . n 
A 1 89  THR 89  89  89  THR THR A . n 
A 1 90  THR 90  90  90  THR THR A . n 
A 1 91  ALA 91  91  91  ALA ALA A . n 
A 1 92  ALA 92  92  92  ALA ALA A . n 
A 1 93  CYS 93  93  93  CYS CYS A . n 
A 1 94  GLN 94  94  94  GLN GLN A . n 
A 1 95  VAL 95  95  95  VAL VAL A . n 
A 1 96  GLY 96  96  96  GLY GLY A . n 
A 1 97  LEU 97  97  97  LEU LEU A . n 
A 1 98  SER 98  98  98  SER SER A . n 
A 1 99  ASP 99  99  99  ASP ASP A . n 
A 1 100 ALA 100 100 100 ALA ALA A . n 
A 1 101 ALA 101 101 101 ALA ALA A . n 
A 1 102 GLY 102 102 102 GLY GLY A . n 
A 1 103 ASN 103 103 103 ASN ASN A . n 
A 1 104 GLY 104 104 104 GLY GLY A . n 
A 1 105 PRO 105 105 105 PRO PRO A . n 
A 1 106 GLU 106 106 106 GLU GLU A . n 
A 1 107 GLY 107 107 107 GLY GLY A . n 
A 1 108 VAL 108 108 108 VAL VAL A . n 
A 1 109 ALA 109 109 109 ALA ALA A . n 
A 1 110 ILE 110 110 110 ILE ILE A . n 
A 1 111 SER 111 111 111 SER SER A . n 
A 1 112 PHE 112 112 112 PHE PHE A . n 
A 1 113 ASN 113 113 113 ASN ASN A . n 
# 
loop_
_pdbx_nonpoly_scheme.asym_id 
_pdbx_nonpoly_scheme.entity_id 
_pdbx_nonpoly_scheme.mon_id 
_pdbx_nonpoly_scheme.ndb_seq_num 
_pdbx_nonpoly_scheme.pdb_seq_num 
_pdbx_nonpoly_scheme.auth_seq_num 
_pdbx_nonpoly_scheme.pdb_mon_id 
_pdbx_nonpoly_scheme.auth_mon_id 
_pdbx_nonpoly_scheme.pdb_strand_id 
_pdbx_nonpoly_scheme.pdb_ins_code 
B 2 HOH 1  114 1  HOH HOH A . 
B 2 HOH 2  115 2  HOH HOH A . 
B 2 HOH 3  116 3  HOH HOH A . 
B 2 HOH 4  117 4  HOH HOH A . 
B 2 HOH 5  118 5  HOH HOH A . 
B 2 HOH 6  119 6  HOH HOH A . 
B 2 HOH 7  120 7  HOH HOH A . 
B 2 HOH 8  121 8  HOH HOH A . 
B 2 HOH 9  122 9  HOH HOH A . 
B 2 HOH 10 123 10 HOH HOH A . 
B 2 HOH 11 124 11 HOH HOH A . 
B 2 HOH 12 125 12 HOH HOH A . 
B 2 HOH 13 126 13 HOH HOH A . 
B 2 HOH 14 127 14 HOH HOH A . 
B 2 HOH 15 128 15 HOH HOH A . 
B 2 HOH 16 129 16 HOH HOH A . 
B 2 HOH 17 130 17 HOH HOH A . 
B 2 HOH 18 131 18 HOH HOH A . 
B 2 HOH 19 132 19 HOH HOH A . 
B 2 HOH 20 133 20 HOH HOH A . 
B 2 HOH 21 134 21 HOH HOH A . 
B 2 HOH 22 135 22 HOH HOH A . 
B 2 HOH 23 136 23 HOH HOH A . 
B 2 HOH 24 137 24 HOH HOH A . 
B 2 HOH 25 138 25 HOH HOH A . 
B 2 HOH 26 139 26 HOH HOH A . 
B 2 HOH 27 140 27 HOH HOH A . 
B 2 HOH 28 141 28 HOH HOH A . 
B 2 HOH 29 142 29 HOH HOH A . 
B 2 HOH 30 143 30 HOH HOH A . 
B 2 HOH 31 144 31 HOH HOH A . 
B 2 HOH 32 145 32 HOH HOH A . 
B 2 HOH 33 146 33 HOH HOH A . 
B 2 HOH 34 147 34 HOH HOH A . 
B 2 HOH 35 148 35 HOH HOH A . 
B 2 HOH 36 149 36 HOH HOH A . 
B 2 HOH 37 150 37 HOH HOH A . 
B 2 HOH 38 151 38 HOH HOH A . 
B 2 HOH 39 152 39 HOH HOH A . 
B 2 HOH 40 153 40 HOH HOH A . 
B 2 HOH 41 154 41 HOH HOH A . 
B 2 HOH 42 155 42 HOH HOH A . 
B 2 HOH 43 156 43 HOH HOH A . 
B 2 HOH 44 157 44 HOH HOH A . 
B 2 HOH 45 158 45 HOH HOH A . 
B 2 HOH 46 159 46 HOH HOH A . 
B 2 HOH 47 160 47 HOH HOH A . 
B 2 HOH 48 161 48 HOH HOH A . 
B 2 HOH 49 162 49 HOH HOH A . 
B 2 HOH 50 163 50 HOH HOH A . 
B 2 HOH 51 164 51 HOH HOH A . 
B 2 HOH 52 165 52 HOH HOH A . 
B 2 HOH 53 166 53 HOH HOH A . 
B 2 HOH 54 167 54 HOH HOH A . 
B 2 HOH 55 168 55 HOH HOH A . 
B 2 HOH 56 169 56 HOH HOH A . 
B 2 HOH 57 170 57 HOH HOH A . 
B 2 HOH 58 171 58 HOH HOH A . 
B 2 HOH 59 172 59 HOH HOH A . 
B 2 HOH 60 173 60 HOH HOH A . 
B 2 HOH 61 174 61 HOH HOH A . 
B 2 HOH 62 175 62 HOH HOH A . 
B 2 HOH 63 176 63 HOH HOH A . 
B 2 HOH 64 177 64 HOH HOH A . 
B 2 HOH 65 178 65 HOH HOH A . 
B 2 HOH 66 179 66 HOH HOH A . 
B 2 HOH 67 180 67 HOH HOH A . 
B 2 HOH 68 181 68 HOH HOH A . 
B 2 HOH 69 182 69 HOH HOH A . 
B 2 HOH 70 183 70 HOH HOH A . 
B 2 HOH 71 184 71 HOH HOH A . 
B 2 HOH 72 185 72 HOH HOH A . 
B 2 HOH 73 186 73 HOH HOH A . 
B 2 HOH 74 187 74 HOH HOH A . 
B 2 HOH 75 188 75 HOH HOH A . 
B 2 HOH 76 189 76 HOH HOH A . 
B 2 HOH 77 190 77 HOH HOH A . 
B 2 HOH 78 191 78 HOH HOH A . 
B 2 HOH 79 192 79 HOH HOH A . 
B 2 HOH 80 193 80 HOH HOH A . 
B 2 HOH 81 194 81 HOH HOH A . 
B 2 HOH 82 195 82 HOH HOH A . 
B 2 HOH 83 196 83 HOH HOH A . 
B 2 HOH 84 197 84 HOH HOH A . 
B 2 HOH 85 198 85 HOH HOH A . 
B 2 HOH 86 199 86 HOH HOH A . 
B 2 HOH 87 200 87 HOH HOH A . 
B 2 HOH 88 201 88 HOH HOH A . 
B 2 HOH 89 202 89 HOH HOH A . 
B 2 HOH 90 203 90 HOH HOH A . 
B 2 HOH 91 204 91 HOH HOH A . 
B 2 HOH 92 205 92 HOH HOH A . 
B 2 HOH 93 206 93 HOH HOH A . 
B 2 HOH 94 207 94 HOH HOH A . 
B 2 HOH 95 208 95 HOH HOH A . 
B 2 HOH 96 209 96 HOH HOH A . 
B 2 HOH 97 210 97 HOH HOH A . 
B 2 HOH 98 211 98 HOH HOH A . 
B 2 HOH 99 212 99 HOH HOH A . 
# 
_software.name             PROLSQ 
_software.classification   refinement 
_software.version          . 
_software.citation_id      ? 
_software.pdbx_ordinal     1 
# 
_cell.entry_id           1NOA 
_cell.length_a           27.430 
_cell.length_b           34.080 
_cell.length_c           102.420 
_cell.angle_alpha        90.00 
_cell.angle_beta         90.00 
_cell.angle_gamma        90.00 
_cell.Z_PDB              4 
_cell.pdbx_unique_axis   ? 
# 
_symmetry.entry_id                         1NOA 
_symmetry.space_group_name_H-M             'P 21 21 21' 
_symmetry.pdbx_full_space_group_name_H-M   ? 
_symmetry.cell_setting                     ? 
_symmetry.Int_Tables_number                19 
# 
_exptl.entry_id          1NOA 
_exptl.method            'X-RAY DIFFRACTION' 
_exptl.crystals_number   ? 
# 
_exptl_crystal.id                    1 
_exptl_crystal.density_meas          ? 
_exptl_crystal.density_Matthews      2.16 
_exptl_crystal.density_percent_sol   42.94 
_exptl_crystal.description           ? 
# 
_diffrn.id                     1 
_diffrn.ambient_temp           ? 
_diffrn.ambient_temp_details   ? 
_diffrn.crystal_id             1 
# 
_diffrn_radiation.diffrn_id                        1 
_diffrn_radiation.wavelength_id                    1 
_diffrn_radiation.pdbx_monochromatic_or_laue_m_l   ? 
_diffrn_radiation.monochromator                    ? 
_diffrn_radiation.pdbx_diffrn_protocol             ? 
_diffrn_radiation.pdbx_scattering_type             x-ray 
# 
_diffrn_radiation_wavelength.id           1 
_diffrn_radiation_wavelength.wavelength   . 
_diffrn_radiation_wavelength.wt           1.0 
# 
_refine.entry_id                                 1NOA 
_refine.ls_number_reflns_obs                     15074 
_refine.ls_number_reflns_all                     ? 
_refine.pdbx_ls_sigma_I                          ? 
_refine.pdbx_ls_sigma_F                          0.0 
_refine.pdbx_data_cutoff_high_absF               ? 
_refine.pdbx_data_cutoff_low_absF                ? 
_refine.pdbx_data_cutoff_high_rms_absF           ? 
_refine.ls_d_res_low                             8.0 
_refine.ls_d_res_high                            1.5 
_refine.ls_percent_reflns_obs                    ? 
_refine.ls_R_factor_obs                          0.172 
_refine.ls_R_factor_all                          ? 
_refine.ls_R_factor_R_work                       ? 
_refine.ls_R_factor_R_free                       ? 
_refine.ls_R_factor_R_free_error                 ? 
_refine.ls_R_factor_R_free_error_details         ? 
_refine.ls_percent_reflns_R_free                 ? 
_refine.ls_number_reflns_R_free                  ? 
_refine.ls_number_parameters                     ? 
_refine.ls_number_restraints                     ? 
_refine.occupancy_min                            ? 
_refine.occupancy_max                            ? 
_refine.B_iso_mean                               ? 
_refine.aniso_B[1][1]                            ? 
_refine.aniso_B[2][2]                            ? 
_refine.aniso_B[3][3]                            ? 
_refine.aniso_B[1][2]                            ? 
_refine.aniso_B[1][3]                            ? 
_refine.aniso_B[2][3]                            ? 
_refine.solvent_model_details                    ? 
_refine.solvent_model_param_ksol                 ? 
_refine.solvent_model_param_bsol                 ? 
_refine.pdbx_ls_cross_valid_method               ? 
_refine.details                                  ? 
_refine.pdbx_starting_model                      ? 
_refine.pdbx_method_to_determine_struct          ? 
_refine.pdbx_isotropic_thermal_model             ? 
_refine.pdbx_stereochemistry_target_values       ? 
_refine.pdbx_stereochem_target_val_spec_case     ? 
_refine.pdbx_R_Free_selection_details            ? 
_refine.pdbx_overall_ESU_R                       ? 
_refine.pdbx_overall_ESU_R_Free                  ? 
_refine.overall_SU_ML                            ? 
_refine.overall_SU_B                             ? 
_refine.pdbx_refine_id                           'X-RAY DIFFRACTION' 
_refine.pdbx_diffrn_id                           1 
_refine.pdbx_TLS_residual_ADP_flag               ? 
_refine.correlation_coeff_Fo_to_Fc               ? 
_refine.correlation_coeff_Fo_to_Fc_free          ? 
_refine.pdbx_solvent_vdw_probe_radii             ? 
_refine.pdbx_solvent_ion_probe_radii             ? 
_refine.pdbx_solvent_shrinkage_radii             ? 
_refine.pdbx_overall_phase_error                 ? 
_refine.overall_SU_R_Cruickshank_DPI             ? 
_refine.pdbx_overall_SU_R_free_Cruickshank_DPI   ? 
_refine.pdbx_overall_SU_R_Blow_DPI               ? 
_refine.pdbx_overall_SU_R_free_Blow_DPI          ? 
# 
_refine_hist.pdbx_refine_id                   'X-RAY DIFFRACTION' 
_refine_hist.cycle_id                         LAST 
_refine_hist.pdbx_number_atoms_protein        778 
_refine_hist.pdbx_number_atoms_nucleic_acid   0 
_refine_hist.pdbx_number_atoms_ligand         0 
_refine_hist.number_atoms_solvent             99 
_refine_hist.number_atoms_total               877 
_refine_hist.d_res_high                       1.5 
_refine_hist.d_res_low                        8.0 
# 
loop_
_refine_ls_restr.type 
_refine_ls_restr.dev_ideal 
_refine_ls_restr.dev_ideal_target 
_refine_ls_restr.weight 
_refine_ls_restr.number 
_refine_ls_restr.pdbx_refine_id 
_refine_ls_restr.pdbx_restraint_function 
p_bond_d            0.018 ? ? ? 'X-RAY DIFFRACTION' ? 
p_angle_d           0.041 ? ? ? 'X-RAY DIFFRACTION' ? 
p_angle_deg         ?     ? ? ? 'X-RAY DIFFRACTION' ? 
p_planar_d          0.045 ? ? ? 'X-RAY DIFFRACTION' ? 
p_hb_or_metal_coord ?     ? ? ? 'X-RAY DIFFRACTION' ? 
p_mcbond_it         2.5   ? ? ? 'X-RAY DIFFRACTION' ? 
p_mcangle_it        ?     ? ? ? 'X-RAY DIFFRACTION' ? 
p_scbond_it         7.7   ? ? ? 'X-RAY DIFFRACTION' ? 
p_scangle_it        ?     ? ? ? 'X-RAY DIFFRACTION' ? 
p_plane_restr       0.012 ? ? ? 'X-RAY DIFFRACTION' ? 
p_chiral_restr      0.175 ? ? ? 'X-RAY DIFFRACTION' ? 
p_singtor_nbd       0.132 ? ? ? 'X-RAY DIFFRACTION' ? 
p_multtor_nbd       0.221 ? ? ? 'X-RAY DIFFRACTION' ? 
p_xhyhbond_nbd      ?     ? ? ? 'X-RAY DIFFRACTION' ? 
p_xyhbond_nbd       ?     ? ? ? 'X-RAY DIFFRACTION' ? 
p_planar_tor        ?     ? ? ? 'X-RAY DIFFRACTION' ? 
p_staggered_tor     ?     ? ? ? 'X-RAY DIFFRACTION' ? 
p_orthonormal_tor   ?     ? ? ? 'X-RAY DIFFRACTION' ? 
p_transverse_tor    ?     ? ? ? 'X-RAY DIFFRACTION' ? 
p_special_tor       ?     ? ? ? 'X-RAY DIFFRACTION' ? 
# 
_struct.entry_id                  1NOA 
_struct.title                     'CRYSTAL STRUCTURE OF APO-NEOCARZINOSTATIN AT 0.15 NM RESOLUTION' 
_struct.pdbx_model_details        ? 
_struct.pdbx_CASP_flag            ? 
_struct.pdbx_model_type_details   ? 
# 
_struct_keywords.entry_id        1NOA 
_struct_keywords.pdbx_keywords   'ANTIBACTERIAL PROTEIN' 
_struct_keywords.text            'ANTIBACTERIAL PROTEIN' 
# 
loop_
_struct_asym.id 
_struct_asym.pdbx_blank_PDB_chainid_flag 
_struct_asym.pdbx_modified 
_struct_asym.entity_id 
_struct_asym.details 
A N N 1 ? 
B N N 2 ? 
# 
_struct_ref.id                         1 
_struct_ref.db_name                    UNP 
_struct_ref.db_code                    NCZS_STRCZ 
_struct_ref.entity_id                  1 
_struct_ref.pdbx_db_accession          P0A3R9 
_struct_ref.pdbx_align_begin           1 
_struct_ref.pdbx_seq_one_letter_code   
;MVPISIIRNRVAKVAVGSAAVLGLAVGFQTPAVAAAPTATVTPSSGLSDGTVVKVAGAGLQAGTAYDVGQCAWVDTGVLA
CNPADFSSVTADANGSASTSLTVRRSFEGFLFDGTRWGTVDCTTAACQVGLSDAAGNGPEGVAISFN
;
_struct_ref.pdbx_db_isoform            ? 
# 
_struct_ref_seq.align_id                      1 
_struct_ref_seq.ref_id                        1 
_struct_ref_seq.pdbx_PDB_id_code              1NOA 
_struct_ref_seq.pdbx_strand_id                A 
_struct_ref_seq.seq_align_beg                 1 
_struct_ref_seq.pdbx_seq_align_beg_ins_code   ? 
_struct_ref_seq.seq_align_end                 113 
_struct_ref_seq.pdbx_seq_align_end_ins_code   ? 
_struct_ref_seq.pdbx_db_accession             P0A3R9 
_struct_ref_seq.db_align_beg                  35 
_struct_ref_seq.pdbx_db_align_beg_ins_code    ? 
_struct_ref_seq.db_align_end                  147 
_struct_ref_seq.pdbx_db_align_end_ins_code    ? 
_struct_ref_seq.pdbx_auth_seq_align_beg       1 
_struct_ref_seq.pdbx_auth_seq_align_end       113 
# 
_pdbx_struct_assembly.id                   1 
_pdbx_struct_assembly.details              author_defined_assembly 
_pdbx_struct_assembly.method_details       ? 
_pdbx_struct_assembly.oligomeric_details   monomeric 
_pdbx_struct_assembly.oligomeric_count     1 
# 
_pdbx_struct_assembly_gen.assembly_id       1 
_pdbx_struct_assembly_gen.oper_expression   1 
_pdbx_struct_assembly_gen.asym_id_list      A,B 
# 
_pdbx_struct_oper_list.id                   1 
_pdbx_struct_oper_list.type                 'identity operation' 
_pdbx_struct_oper_list.name                 1_555 
_pdbx_struct_oper_list.symmetry_operation   x,y,z 
_pdbx_struct_oper_list.matrix[1][1]         1.0000000000 
_pdbx_struct_oper_list.matrix[1][2]         0.0000000000 
_pdbx_struct_oper_list.matrix[1][3]         0.0000000000 
_pdbx_struct_oper_list.vector[1]            0.0000000000 
_pdbx_struct_oper_list.matrix[2][1]         0.0000000000 
_pdbx_struct_oper_list.matrix[2][2]         1.0000000000 
_pdbx_struct_oper_list.matrix[2][3]         0.0000000000 
_pdbx_struct_oper_list.vector[2]            0.0000000000 
_pdbx_struct_oper_list.matrix[3][1]         0.0000000000 
_pdbx_struct_oper_list.matrix[3][2]         0.0000000000 
_pdbx_struct_oper_list.matrix[3][3]         1.0000000000 
_pdbx_struct_oper_list.vector[3]            0.0000000000 
# 
_struct_biol.id   1 
# 
_struct_conf.conf_type_id            HELX_P 
_struct_conf.id                      HELX_P1 
_struct_conf.pdbx_PDB_helix_id       1 
_struct_conf.beg_label_comp_id       PRO 
_struct_conf.beg_label_asym_id       A 
_struct_conf.beg_label_seq_id        49 
_struct_conf.pdbx_beg_PDB_ins_code   ? 
_struct_conf.end_label_comp_id       PHE 
_struct_conf.end_label_asym_id       A 
_struct_conf.end_label_seq_id        52 
_struct_conf.pdbx_end_PDB_ins_code   ? 
_struct_conf.beg_auth_comp_id        PRO 
_struct_conf.beg_auth_asym_id        A 
_struct_conf.beg_auth_seq_id         49 
_struct_conf.end_auth_comp_id        PHE 
_struct_conf.end_auth_asym_id        A 
_struct_conf.end_auth_seq_id         52 
_struct_conf.pdbx_PDB_helix_class    5 
_struct_conf.details                 ? 
_struct_conf.pdbx_PDB_helix_length   4 
# 
_struct_conf_type.id          HELX_P 
_struct_conf_type.criteria    ? 
_struct_conf_type.reference   ? 
# 
loop_
_struct_conn.id 
_struct_conn.conn_type_id 
_struct_conn.pdbx_leaving_atom_flag 
_struct_conn.pdbx_PDB_id 
_struct_conn.ptnr1_label_asym_id 
_struct_conn.ptnr1_label_comp_id 
_struct_conn.ptnr1_label_seq_id 
_struct_conn.ptnr1_label_atom_id 
_struct_conn.pdbx_ptnr1_label_alt_id 
_struct_conn.pdbx_ptnr1_PDB_ins_code 
_struct_conn.pdbx_ptnr1_standard_comp_id 
_struct_conn.ptnr1_symmetry 
_struct_conn.ptnr2_label_asym_id 
_struct_conn.ptnr2_label_comp_id 
_struct_conn.ptnr2_label_seq_id 
_struct_conn.ptnr2_label_atom_id 
_struct_conn.pdbx_ptnr2_label_alt_id 
_struct_conn.pdbx_ptnr2_PDB_ins_code 
_struct_conn.ptnr1_auth_asym_id 
_struct_conn.ptnr1_auth_comp_id 
_struct_conn.ptnr1_auth_seq_id 
_struct_conn.ptnr2_auth_asym_id 
_struct_conn.ptnr2_auth_comp_id 
_struct_conn.ptnr2_auth_seq_id 
_struct_conn.ptnr2_symmetry 
_struct_conn.pdbx_ptnr3_label_atom_id 
_struct_conn.pdbx_ptnr3_label_seq_id 
_struct_conn.pdbx_ptnr3_label_comp_id 
_struct_conn.pdbx_ptnr3_label_asym_id 
_struct_conn.pdbx_ptnr3_label_alt_id 
_struct_conn.pdbx_ptnr3_PDB_ins_code 
_struct_conn.details 
_struct_conn.pdbx_dist_value 
_struct_conn.pdbx_value_order 
_struct_conn.pdbx_role 
disulf1 disulf ? ? A CYS 37 SG ? ? ? 1_555 A CYS 47 SG ? ? A CYS 37 A CYS 47 1_555 ? ? ? ? ? ? ? 2.077 ? ? 
disulf2 disulf ? ? A CYS 88 SG ? ? ? 1_555 A CYS 93 SG ? ? A CYS 88 A CYS 93 1_555 ? ? ? ? ? ? ? 2.063 ? ? 
# 
_struct_conn_type.id          disulf 
_struct_conn_type.criteria    ? 
_struct_conn_type.reference   ? 
# 
loop_
_pdbx_modification_feature.ordinal 
_pdbx_modification_feature.label_comp_id 
_pdbx_modification_feature.label_asym_id 
_pdbx_modification_feature.label_seq_id 
_pdbx_modification_feature.label_alt_id 
_pdbx_modification_feature.modified_residue_label_comp_id 
_pdbx_modification_feature.modified_residue_label_asym_id 
_pdbx_modification_feature.modified_residue_label_seq_id 
_pdbx_modification_feature.modified_residue_label_alt_id 
_pdbx_modification_feature.auth_comp_id 
_pdbx_modification_feature.auth_asym_id 
_pdbx_modification_feature.auth_seq_id 
_pdbx_modification_feature.PDB_ins_code 
_pdbx_modification_feature.symmetry 
_pdbx_modification_feature.modified_residue_auth_comp_id 
_pdbx_modification_feature.modified_residue_auth_asym_id 
_pdbx_modification_feature.modified_residue_auth_seq_id 
_pdbx_modification_feature.modified_residue_PDB_ins_code 
_pdbx_modification_feature.modified_residue_symmetry 
_pdbx_modification_feature.comp_id_linking_atom 
_pdbx_modification_feature.modified_residue_id_linking_atom 
_pdbx_modification_feature.modified_residue_id 
_pdbx_modification_feature.ref_pcm_id 
_pdbx_modification_feature.ref_comp_id 
_pdbx_modification_feature.type 
_pdbx_modification_feature.category 
1 CYS A 37 ? CYS A 47 ? CYS A 37 ? 1_555 CYS A 47 ? 1_555 SG SG . . . None 'Disulfide bridge' 
2 CYS A 88 ? CYS A 93 ? CYS A 88 ? 1_555 CYS A 93 ? 1_555 SG SG . . . None 'Disulfide bridge' 
# 
_struct_mon_prot_cis.pdbx_id                1 
_struct_mon_prot_cis.label_comp_id          THR 
_struct_mon_prot_cis.label_seq_id           8 
_struct_mon_prot_cis.label_asym_id          A 
_struct_mon_prot_cis.label_alt_id           . 
_struct_mon_prot_cis.pdbx_PDB_ins_code      ? 
_struct_mon_prot_cis.auth_comp_id           THR 
_struct_mon_prot_cis.auth_seq_id            8 
_struct_mon_prot_cis.auth_asym_id           A 
_struct_mon_prot_cis.pdbx_label_comp_id_2   PRO 
_struct_mon_prot_cis.pdbx_label_seq_id_2    9 
_struct_mon_prot_cis.pdbx_label_asym_id_2   A 
_struct_mon_prot_cis.pdbx_PDB_ins_code_2    ? 
_struct_mon_prot_cis.pdbx_auth_comp_id_2    PRO 
_struct_mon_prot_cis.pdbx_auth_seq_id_2     9 
_struct_mon_prot_cis.pdbx_auth_asym_id_2    A 
_struct_mon_prot_cis.pdbx_PDB_model_num     1 
_struct_mon_prot_cis.pdbx_omega_angle       -3.42 
# 
loop_
_struct_sheet.id 
_struct_sheet.type 
_struct_sheet.number_strands 
_struct_sheet.details 
S1 ? 3 ? 
S2 ? 4 ? 
S3 ? 4 ? 
# 
loop_
_struct_sheet_order.sheet_id 
_struct_sheet_order.range_id_1 
_struct_sheet_order.range_id_2 
_struct_sheet_order.offset 
_struct_sheet_order.sense 
S1 1 2 ? anti-parallel 
S1 2 3 ? anti-parallel 
S2 1 2 ? anti-parallel 
S2 2 3 ? anti-parallel 
S2 3 4 ? anti-parallel 
S3 1 2 ? anti-parallel 
S3 2 3 ? anti-parallel 
S3 3 4 ? anti-parallel 
# 
loop_
_struct_sheet_range.sheet_id 
_struct_sheet_range.id 
_struct_sheet_range.beg_label_comp_id 
_struct_sheet_range.beg_label_asym_id 
_struct_sheet_range.beg_label_seq_id 
_struct_sheet_range.pdbx_beg_PDB_ins_code 
_struct_sheet_range.end_label_comp_id 
_struct_sheet_range.end_label_asym_id 
_struct_sheet_range.end_label_seq_id 
_struct_sheet_range.pdbx_end_PDB_ins_code 
_struct_sheet_range.beg_auth_comp_id 
_struct_sheet_range.beg_auth_asym_id 
_struct_sheet_range.beg_auth_seq_id 
_struct_sheet_range.end_auth_comp_id 
_struct_sheet_range.end_auth_asym_id 
_struct_sheet_range.end_auth_seq_id 
S1 1 THR A 4   ? THR A 8   ? THR A 4   THR A 8   
S1 2 THR A 17  ? ALA A 24  ? THR A 17  ALA A 24  
S1 3 ALA A 63  ? VAL A 69  ? ALA A 63  VAL A 69  
S2 1 SER A 53  ? ALA A 57  ? SER A 53  ALA A 57  
S2 2 THR A 30  ? TRP A 39  ? THR A 30  TRP A 39  
S2 3 ALA A 92  ? SER A 98  ? ALA A 92  SER A 98  
S2 4 VAL A 108 ? ILE A 110 ? VAL A 108 ILE A 110 
S3 1 GLN A 36  ? VAL A 40  ? GLN A 36  VAL A 40  
S3 2 VAL A 44  ? ASN A 48  ? VAL A 44  ASN A 48  
S3 3 ARG A 71  ? PHE A 76  ? ARG A 71  PHE A 76  
S3 4 GLY A 84  ? CYS A 88  ? GLY A 84  CYS A 88  
# 
loop_
_pdbx_struct_sheet_hbond.sheet_id 
_pdbx_struct_sheet_hbond.range_id_1 
_pdbx_struct_sheet_hbond.range_id_2 
_pdbx_struct_sheet_hbond.range_1_label_atom_id 
_pdbx_struct_sheet_hbond.range_1_label_comp_id 
_pdbx_struct_sheet_hbond.range_1_label_asym_id 
_pdbx_struct_sheet_hbond.range_1_label_seq_id 
_pdbx_struct_sheet_hbond.range_1_PDB_ins_code 
_pdbx_struct_sheet_hbond.range_1_auth_atom_id 
_pdbx_struct_sheet_hbond.range_1_auth_comp_id 
_pdbx_struct_sheet_hbond.range_1_auth_asym_id 
_pdbx_struct_sheet_hbond.range_1_auth_seq_id 
_pdbx_struct_sheet_hbond.range_2_label_atom_id 
_pdbx_struct_sheet_hbond.range_2_label_comp_id 
_pdbx_struct_sheet_hbond.range_2_label_asym_id 
_pdbx_struct_sheet_hbond.range_2_label_seq_id 
_pdbx_struct_sheet_hbond.range_2_PDB_ins_code 
_pdbx_struct_sheet_hbond.range_2_auth_atom_id 
_pdbx_struct_sheet_hbond.range_2_auth_comp_id 
_pdbx_struct_sheet_hbond.range_2_auth_asym_id 
_pdbx_struct_sheet_hbond.range_2_auth_seq_id 
S1 1 2 N THR A 4  ? N THR A 4  O ALA A 24  ? O ALA A 24  
S1 2 3 O GLY A 23 ? O GLY A 23 N ALA A 63  ? N ALA A 63  
S2 1 2 N ALA A 57 ? N ALA A 57 O THR A 30  ? O THR A 30  
S2 2 3 N TRP A 39 ? N TRP A 39 O ALA A 92  ? O ALA A 92  
S2 3 4 O VAL A 95 ? O VAL A 95 N VAL A 108 ? N VAL A 108 
S3 1 2 O GLN A 36 ? O GLN A 36 N ASN A 48  ? N ASN A 48  
S3 2 3 N CYS A 47 ? N CYS A 47 O PHE A 76  ? O PHE A 76  
S3 3 4 O ARG A 71 ? O ARG A 71 N CYS A 88  ? N CYS A 88  
# 
_pdbx_entry_details.entry_id                   1NOA 
_pdbx_entry_details.compound_details           ? 
_pdbx_entry_details.source_details             ? 
_pdbx_entry_details.nonpolymer_details         ? 
_pdbx_entry_details.sequence_details           ? 
_pdbx_entry_details.has_ligand_of_interest     ? 
_pdbx_entry_details.has_protein_modification   Y 
# 
loop_
_pdbx_validate_rmsd_angle.id 
_pdbx_validate_rmsd_angle.PDB_model_num 
_pdbx_validate_rmsd_angle.auth_atom_id_1 
_pdbx_validate_rmsd_angle.auth_asym_id_1 
_pdbx_validate_rmsd_angle.auth_comp_id_1 
_pdbx_validate_rmsd_angle.auth_seq_id_1 
_pdbx_validate_rmsd_angle.PDB_ins_code_1 
_pdbx_validate_rmsd_angle.label_alt_id_1 
_pdbx_validate_rmsd_angle.auth_atom_id_2 
_pdbx_validate_rmsd_angle.auth_asym_id_2 
_pdbx_validate_rmsd_angle.auth_comp_id_2 
_pdbx_validate_rmsd_angle.auth_seq_id_2 
_pdbx_validate_rmsd_angle.PDB_ins_code_2 
_pdbx_validate_rmsd_angle.label_alt_id_2 
_pdbx_validate_rmsd_angle.auth_atom_id_3 
_pdbx_validate_rmsd_angle.auth_asym_id_3 
_pdbx_validate_rmsd_angle.auth_comp_id_3 
_pdbx_validate_rmsd_angle.auth_seq_id_3 
_pdbx_validate_rmsd_angle.PDB_ins_code_3 
_pdbx_validate_rmsd_angle.label_alt_id_3 
_pdbx_validate_rmsd_angle.angle_value 
_pdbx_validate_rmsd_angle.angle_target_value 
_pdbx_validate_rmsd_angle.angle_deviation 
_pdbx_validate_rmsd_angle.angle_standard_deviation 
_pdbx_validate_rmsd_angle.linker_flag 
1 1 CB A ASP 15 ? ? CG A ASP 15 ? ? OD2 A ASP 15 ? ? 127.53 118.30 9.23  0.90 N 
2 1 CD A ARG 71 ? ? NE A ARG 71 ? ? CZ  A ARG 71 ? ? 138.87 123.60 15.27 1.40 N 
3 1 NE A ARG 71 ? ? CZ A ARG 71 ? ? NH1 A ARG 71 ? ? 128.81 120.30 8.51  0.50 N 
4 1 NE A ARG 71 ? ? CZ A ARG 71 ? ? NH2 A ARG 71 ? ? 115.66 120.30 -4.64 0.50 N 
# 
loop_
_chem_comp_atom.comp_id 
_chem_comp_atom.atom_id 
_chem_comp_atom.type_symbol 
_chem_comp_atom.pdbx_aromatic_flag 
_chem_comp_atom.pdbx_stereo_config 
_chem_comp_atom.pdbx_ordinal 
ALA N    N N N 1   
ALA CA   C N S 2   
ALA C    C N N 3   
ALA O    O N N 4   
ALA CB   C N N 5   
ALA OXT  O N N 6   
ALA H    H N N 7   
ALA H2   H N N 8   
ALA HA   H N N 9   
ALA HB1  H N N 10  
ALA HB2  H N N 11  
ALA HB3  H N N 12  
ALA HXT  H N N 13  
ARG N    N N N 14  
ARG CA   C N S 15  
ARG C    C N N 16  
ARG O    O N N 17  
ARG CB   C N N 18  
ARG CG   C N N 19  
ARG CD   C N N 20  
ARG NE   N N N 21  
ARG CZ   C N N 22  
ARG NH1  N N N 23  
ARG NH2  N N N 24  
ARG OXT  O N N 25  
ARG H    H N N 26  
ARG H2   H N N 27  
ARG HA   H N N 28  
ARG HB2  H N N 29  
ARG HB3  H N N 30  
ARG HG2  H N N 31  
ARG HG3  H N N 32  
ARG HD2  H N N 33  
ARG HD3  H N N 34  
ARG HE   H N N 35  
ARG HH11 H N N 36  
ARG HH12 H N N 37  
ARG HH21 H N N 38  
ARG HH22 H N N 39  
ARG HXT  H N N 40  
ASN N    N N N 41  
ASN CA   C N S 42  
ASN C    C N N 43  
ASN O    O N N 44  
ASN CB   C N N 45  
ASN CG   C N N 46  
ASN OD1  O N N 47  
ASN ND2  N N N 48  
ASN OXT  O N N 49  
ASN H    H N N 50  
ASN H2   H N N 51  
ASN HA   H N N 52  
ASN HB2  H N N 53  
ASN HB3  H N N 54  
ASN HD21 H N N 55  
ASN HD22 H N N 56  
ASN HXT  H N N 57  
ASP N    N N N 58  
ASP CA   C N S 59  
ASP C    C N N 60  
ASP O    O N N 61  
ASP CB   C N N 62  
ASP CG   C N N 63  
ASP OD1  O N N 64  
ASP OD2  O N N 65  
ASP OXT  O N N 66  
ASP H    H N N 67  
ASP H2   H N N 68  
ASP HA   H N N 69  
ASP HB2  H N N 70  
ASP HB3  H N N 71  
ASP HD2  H N N 72  
ASP HXT  H N N 73  
CYS N    N N N 74  
CYS CA   C N R 75  
CYS C    C N N 76  
CYS O    O N N 77  
CYS CB   C N N 78  
CYS SG   S N N 79  
CYS OXT  O N N 80  
CYS H    H N N 81  
CYS H2   H N N 82  
CYS HA   H N N 83  
CYS HB2  H N N 84  
CYS HB3  H N N 85  
CYS HG   H N N 86  
CYS HXT  H N N 87  
GLN N    N N N 88  
GLN CA   C N S 89  
GLN C    C N N 90  
GLN O    O N N 91  
GLN CB   C N N 92  
GLN CG   C N N 93  
GLN CD   C N N 94  
GLN OE1  O N N 95  
GLN NE2  N N N 96  
GLN OXT  O N N 97  
GLN H    H N N 98  
GLN H2   H N N 99  
GLN HA   H N N 100 
GLN HB2  H N N 101 
GLN HB3  H N N 102 
GLN HG2  H N N 103 
GLN HG3  H N N 104 
GLN HE21 H N N 105 
GLN HE22 H N N 106 
GLN HXT  H N N 107 
GLU N    N N N 108 
GLU CA   C N S 109 
GLU C    C N N 110 
GLU O    O N N 111 
GLU CB   C N N 112 
GLU CG   C N N 113 
GLU CD   C N N 114 
GLU OE1  O N N 115 
GLU OE2  O N N 116 
GLU OXT  O N N 117 
GLU H    H N N 118 
GLU H2   H N N 119 
GLU HA   H N N 120 
GLU HB2  H N N 121 
GLU HB3  H N N 122 
GLU HG2  H N N 123 
GLU HG3  H N N 124 
GLU HE2  H N N 125 
GLU HXT  H N N 126 
GLY N    N N N 127 
GLY CA   C N N 128 
GLY C    C N N 129 
GLY O    O N N 130 
GLY OXT  O N N 131 
GLY H    H N N 132 
GLY H2   H N N 133 
GLY HA2  H N N 134 
GLY HA3  H N N 135 
GLY HXT  H N N 136 
HOH O    O N N 137 
HOH H1   H N N 138 
HOH H2   H N N 139 
ILE N    N N N 140 
ILE CA   C N S 141 
ILE C    C N N 142 
ILE O    O N N 143 
ILE CB   C N S 144 
ILE CG1  C N N 145 
ILE CG2  C N N 146 
ILE CD1  C N N 147 
ILE OXT  O N N 148 
ILE H    H N N 149 
ILE H2   H N N 150 
ILE HA   H N N 151 
ILE HB   H N N 152 
ILE HG12 H N N 153 
ILE HG13 H N N 154 
ILE HG21 H N N 155 
ILE HG22 H N N 156 
ILE HG23 H N N 157 
ILE HD11 H N N 158 
ILE HD12 H N N 159 
ILE HD13 H N N 160 
ILE HXT  H N N 161 
LEU N    N N N 162 
LEU CA   C N S 163 
LEU C    C N N 164 
LEU O    O N N 165 
LEU CB   C N N 166 
LEU CG   C N N 167 
LEU CD1  C N N 168 
LEU CD2  C N N 169 
LEU OXT  O N N 170 
LEU H    H N N 171 
LEU H2   H N N 172 
LEU HA   H N N 173 
LEU HB2  H N N 174 
LEU HB3  H N N 175 
LEU HG   H N N 176 
LEU HD11 H N N 177 
LEU HD12 H N N 178 
LEU HD13 H N N 179 
LEU HD21 H N N 180 
LEU HD22 H N N 181 
LEU HD23 H N N 182 
LEU HXT  H N N 183 
LYS N    N N N 184 
LYS CA   C N S 185 
LYS C    C N N 186 
LYS O    O N N 187 
LYS CB   C N N 188 
LYS CG   C N N 189 
LYS CD   C N N 190 
LYS CE   C N N 191 
LYS NZ   N N N 192 
LYS OXT  O N N 193 
LYS H    H N N 194 
LYS H2   H N N 195 
LYS HA   H N N 196 
LYS HB2  H N N 197 
LYS HB3  H N N 198 
LYS HG2  H N N 199 
LYS HG3  H N N 200 
LYS HD2  H N N 201 
LYS HD3  H N N 202 
LYS HE2  H N N 203 
LYS HE3  H N N 204 
LYS HZ1  H N N 205 
LYS HZ2  H N N 206 
LYS HZ3  H N N 207 
LYS HXT  H N N 208 
PHE N    N N N 209 
PHE CA   C N S 210 
PHE C    C N N 211 
PHE O    O N N 212 
PHE CB   C N N 213 
PHE CG   C Y N 214 
PHE CD1  C Y N 215 
PHE CD2  C Y N 216 
PHE CE1  C Y N 217 
PHE CE2  C Y N 218 
PHE CZ   C Y N 219 
PHE OXT  O N N 220 
PHE H    H N N 221 
PHE H2   H N N 222 
PHE HA   H N N 223 
PHE HB2  H N N 224 
PHE HB3  H N N 225 
PHE HD1  H N N 226 
PHE HD2  H N N 227 
PHE HE1  H N N 228 
PHE HE2  H N N 229 
PHE HZ   H N N 230 
PHE HXT  H N N 231 
PRO N    N N N 232 
PRO CA   C N S 233 
PRO C    C N N 234 
PRO O    O N N 235 
PRO CB   C N N 236 
PRO CG   C N N 237 
PRO CD   C N N 238 
PRO OXT  O N N 239 
PRO H    H N N 240 
PRO HA   H N N 241 
PRO HB2  H N N 242 
PRO HB3  H N N 243 
PRO HG2  H N N 244 
PRO HG3  H N N 245 
PRO HD2  H N N 246 
PRO HD3  H N N 247 
PRO HXT  H N N 248 
SER N    N N N 249 
SER CA   C N S 250 
SER C    C N N 251 
SER O    O N N 252 
SER CB   C N N 253 
SER OG   O N N 254 
SER OXT  O N N 255 
SER H    H N N 256 
SER H2   H N N 257 
SER HA   H N N 258 
SER HB2  H N N 259 
SER HB3  H N N 260 
SER HG   H N N 261 
SER HXT  H N N 262 
THR N    N N N 263 
THR CA   C N S 264 
THR C    C N N 265 
THR O    O N N 266 
THR CB   C N R 267 
THR OG1  O N N 268 
THR CG2  C N N 269 
THR OXT  O N N 270 
THR H    H N N 271 
THR H2   H N N 272 
THR HA   H N N 273 
THR HB   H N N 274 
THR HG1  H N N 275 
THR HG21 H N N 276 
THR HG22 H N N 277 
THR HG23 H N N 278 
THR HXT  H N N 279 
TRP N    N N N 280 
TRP CA   C N S 281 
TRP C    C N N 282 
TRP O    O N N 283 
TRP CB   C N N 284 
TRP CG   C Y N 285 
TRP CD1  C Y N 286 
TRP CD2  C Y N 287 
TRP NE1  N Y N 288 
TRP CE2  C Y N 289 
TRP CE3  C Y N 290 
TRP CZ2  C Y N 291 
TRP CZ3  C Y N 292 
TRP CH2  C Y N 293 
TRP OXT  O N N 294 
TRP H    H N N 295 
TRP H2   H N N 296 
TRP HA   H N N 297 
TRP HB2  H N N 298 
TRP HB3  H N N 299 
TRP HD1  H N N 300 
TRP HE1  H N N 301 
TRP HE3  H N N 302 
TRP HZ2  H N N 303 
TRP HZ3  H N N 304 
TRP HH2  H N N 305 
TRP HXT  H N N 306 
TYR N    N N N 307 
TYR CA   C N S 308 
TYR C    C N N 309 
TYR O    O N N 310 
TYR CB   C N N 311 
TYR CG   C Y N 312 
TYR CD1  C Y N 313 
TYR CD2  C Y N 314 
TYR CE1  C Y N 315 
TYR CE2  C Y N 316 
TYR CZ   C Y N 317 
TYR OH   O N N 318 
TYR OXT  O N N 319 
TYR H    H N N 320 
TYR H2   H N N 321 
TYR HA   H N N 322 
TYR HB2  H N N 323 
TYR HB3  H N N 324 
TYR HD1  H N N 325 
TYR HD2  H N N 326 
TYR HE1  H N N 327 
TYR HE2  H N N 328 
TYR HH   H N N 329 
TYR HXT  H N N 330 
VAL N    N N N 331 
VAL CA   C N S 332 
VAL C    C N N 333 
VAL O    O N N 334 
VAL CB   C N N 335 
VAL CG1  C N N 336 
VAL CG2  C N N 337 
VAL OXT  O N N 338 
VAL H    H N N 339 
VAL H2   H N N 340 
VAL HA   H N N 341 
VAL HB   H N N 342 
VAL HG11 H N N 343 
VAL HG12 H N N 344 
VAL HG13 H N N 345 
VAL HG21 H N N 346 
VAL HG22 H N N 347 
VAL HG23 H N N 348 
VAL HXT  H N N 349 
# 
loop_
_chem_comp_bond.comp_id 
_chem_comp_bond.atom_id_1 
_chem_comp_bond.atom_id_2 
_chem_comp_bond.value_order 
_chem_comp_bond.pdbx_aromatic_flag 
_chem_comp_bond.pdbx_stereo_config 
_chem_comp_bond.pdbx_ordinal 
ALA N   CA   sing N N 1   
ALA N   H    sing N N 2   
ALA N   H2   sing N N 3   
ALA CA  C    sing N N 4   
ALA CA  CB   sing N N 5   
ALA CA  HA   sing N N 6   
ALA C   O    doub N N 7   
ALA C   OXT  sing N N 8   
ALA CB  HB1  sing N N 9   
ALA CB  HB2  sing N N 10  
ALA CB  HB3  sing N N 11  
ALA OXT HXT  sing N N 12  
ARG N   CA   sing N N 13  
ARG N   H    sing N N 14  
ARG N   H2   sing N N 15  
ARG CA  C    sing N N 16  
ARG CA  CB   sing N N 17  
ARG CA  HA   sing N N 18  
ARG C   O    doub N N 19  
ARG C   OXT  sing N N 20  
ARG CB  CG   sing N N 21  
ARG CB  HB2  sing N N 22  
ARG CB  HB3  sing N N 23  
ARG CG  CD   sing N N 24  
ARG CG  HG2  sing N N 25  
ARG CG  HG3  sing N N 26  
ARG CD  NE   sing N N 27  
ARG CD  HD2  sing N N 28  
ARG CD  HD3  sing N N 29  
ARG NE  CZ   sing N N 30  
ARG NE  HE   sing N N 31  
ARG CZ  NH1  sing N N 32  
ARG CZ  NH2  doub N N 33  
ARG NH1 HH11 sing N N 34  
ARG NH1 HH12 sing N N 35  
ARG NH2 HH21 sing N N 36  
ARG NH2 HH22 sing N N 37  
ARG OXT HXT  sing N N 38  
ASN N   CA   sing N N 39  
ASN N   H    sing N N 40  
ASN N   H2   sing N N 41  
ASN CA  C    sing N N 42  
ASN CA  CB   sing N N 43  
ASN CA  HA   sing N N 44  
ASN C   O    doub N N 45  
ASN C   OXT  sing N N 46  
ASN CB  CG   sing N N 47  
ASN CB  HB2  sing N N 48  
ASN CB  HB3  sing N N 49  
ASN CG  OD1  doub N N 50  
ASN CG  ND2  sing N N 51  
ASN ND2 HD21 sing N N 52  
ASN ND2 HD22 sing N N 53  
ASN OXT HXT  sing N N 54  
ASP N   CA   sing N N 55  
ASP N   H    sing N N 56  
ASP N   H2   sing N N 57  
ASP CA  C    sing N N 58  
ASP CA  CB   sing N N 59  
ASP CA  HA   sing N N 60  
ASP C   O    doub N N 61  
ASP C   OXT  sing N N 62  
ASP CB  CG   sing N N 63  
ASP CB  HB2  sing N N 64  
ASP CB  HB3  sing N N 65  
ASP CG  OD1  doub N N 66  
ASP CG  OD2  sing N N 67  
ASP OD2 HD2  sing N N 68  
ASP OXT HXT  sing N N 69  
CYS N   CA   sing N N 70  
CYS N   H    sing N N 71  
CYS N   H2   sing N N 72  
CYS CA  C    sing N N 73  
CYS CA  CB   sing N N 74  
CYS CA  HA   sing N N 75  
CYS C   O    doub N N 76  
CYS C   OXT  sing N N 77  
CYS CB  SG   sing N N 78  
CYS CB  HB2  sing N N 79  
CYS CB  HB3  sing N N 80  
CYS SG  HG   sing N N 81  
CYS OXT HXT  sing N N 82  
GLN N   CA   sing N N 83  
GLN N   H    sing N N 84  
GLN N   H2   sing N N 85  
GLN CA  C    sing N N 86  
GLN CA  CB   sing N N 87  
GLN CA  HA   sing N N 88  
GLN C   O    doub N N 89  
GLN C   OXT  sing N N 90  
GLN CB  CG   sing N N 91  
GLN CB  HB2  sing N N 92  
GLN CB  HB3  sing N N 93  
GLN CG  CD   sing N N 94  
GLN CG  HG2  sing N N 95  
GLN CG  HG3  sing N N 96  
GLN CD  OE1  doub N N 97  
GLN CD  NE2  sing N N 98  
GLN NE2 HE21 sing N N 99  
GLN NE2 HE22 sing N N 100 
GLN OXT HXT  sing N N 101 
GLU N   CA   sing N N 102 
GLU N   H    sing N N 103 
GLU N   H2   sing N N 104 
GLU CA  C    sing N N 105 
GLU CA  CB   sing N N 106 
GLU CA  HA   sing N N 107 
GLU C   O    doub N N 108 
GLU C   OXT  sing N N 109 
GLU CB  CG   sing N N 110 
GLU CB  HB2  sing N N 111 
GLU CB  HB3  sing N N 112 
GLU CG  CD   sing N N 113 
GLU CG  HG2  sing N N 114 
GLU CG  HG3  sing N N 115 
GLU CD  OE1  doub N N 116 
GLU CD  OE2  sing N N 117 
GLU OE2 HE2  sing N N 118 
GLU OXT HXT  sing N N 119 
GLY N   CA   sing N N 120 
GLY N   H    sing N N 121 
GLY N   H2   sing N N 122 
GLY CA  C    sing N N 123 
GLY CA  HA2  sing N N 124 
GLY CA  HA3  sing N N 125 
GLY C   O    doub N N 126 
GLY C   OXT  sing N N 127 
GLY OXT HXT  sing N N 128 
HOH O   H1   sing N N 129 
HOH O   H2   sing N N 130 
ILE N   CA   sing N N 131 
ILE N   H    sing N N 132 
ILE N   H2   sing N N 133 
ILE CA  C    sing N N 134 
ILE CA  CB   sing N N 135 
ILE CA  HA   sing N N 136 
ILE C   O    doub N N 137 
ILE C   OXT  sing N N 138 
ILE CB  CG1  sing N N 139 
ILE CB  CG2  sing N N 140 
ILE CB  HB   sing N N 141 
ILE CG1 CD1  sing N N 142 
ILE CG1 HG12 sing N N 143 
ILE CG1 HG13 sing N N 144 
ILE CG2 HG21 sing N N 145 
ILE CG2 HG22 sing N N 146 
ILE CG2 HG23 sing N N 147 
ILE CD1 HD11 sing N N 148 
ILE CD1 HD12 sing N N 149 
ILE CD1 HD13 sing N N 150 
ILE OXT HXT  sing N N 151 
LEU N   CA   sing N N 152 
LEU N   H    sing N N 153 
LEU N   H2   sing N N 154 
LEU CA  C    sing N N 155 
LEU CA  CB   sing N N 156 
LEU CA  HA   sing N N 157 
LEU C   O    doub N N 158 
LEU C   OXT  sing N N 159 
LEU CB  CG   sing N N 160 
LEU CB  HB2  sing N N 161 
LEU CB  HB3  sing N N 162 
LEU CG  CD1  sing N N 163 
LEU CG  CD2  sing N N 164 
LEU CG  HG   sing N N 165 
LEU CD1 HD11 sing N N 166 
LEU CD1 HD12 sing N N 167 
LEU CD1 HD13 sing N N 168 
LEU CD2 HD21 sing N N 169 
LEU CD2 HD22 sing N N 170 
LEU CD2 HD23 sing N N 171 
LEU OXT HXT  sing N N 172 
LYS N   CA   sing N N 173 
LYS N   H    sing N N 174 
LYS N   H2   sing N N 175 
LYS CA  C    sing N N 176 
LYS CA  CB   sing N N 177 
LYS CA  HA   sing N N 178 
LYS C   O    doub N N 179 
LYS C   OXT  sing N N 180 
LYS CB  CG   sing N N 181 
LYS CB  HB2  sing N N 182 
LYS CB  HB3  sing N N 183 
LYS CG  CD   sing N N 184 
LYS CG  HG2  sing N N 185 
LYS CG  HG3  sing N N 186 
LYS CD  CE   sing N N 187 
LYS CD  HD2  sing N N 188 
LYS CD  HD3  sing N N 189 
LYS CE  NZ   sing N N 190 
LYS CE  HE2  sing N N 191 
LYS CE  HE3  sing N N 192 
LYS NZ  HZ1  sing N N 193 
LYS NZ  HZ2  sing N N 194 
LYS NZ  HZ3  sing N N 195 
LYS OXT HXT  sing N N 196 
PHE N   CA   sing N N 197 
PHE N   H    sing N N 198 
PHE N   H2   sing N N 199 
PHE CA  C    sing N N 200 
PHE CA  CB   sing N N 201 
PHE CA  HA   sing N N 202 
PHE C   O    doub N N 203 
PHE C   OXT  sing N N 204 
PHE CB  CG   sing N N 205 
PHE CB  HB2  sing N N 206 
PHE CB  HB3  sing N N 207 
PHE CG  CD1  doub Y N 208 
PHE CG  CD2  sing Y N 209 
PHE CD1 CE1  sing Y N 210 
PHE CD1 HD1  sing N N 211 
PHE CD2 CE2  doub Y N 212 
PHE CD2 HD2  sing N N 213 
PHE CE1 CZ   doub Y N 214 
PHE CE1 HE1  sing N N 215 
PHE CE2 CZ   sing Y N 216 
PHE CE2 HE2  sing N N 217 
PHE CZ  HZ   sing N N 218 
PHE OXT HXT  sing N N 219 
PRO N   CA   sing N N 220 
PRO N   CD   sing N N 221 
PRO N   H    sing N N 222 
PRO CA  C    sing N N 223 
PRO CA  CB   sing N N 224 
PRO CA  HA   sing N N 225 
PRO C   O    doub N N 226 
PRO C   OXT  sing N N 227 
PRO CB  CG   sing N N 228 
PRO CB  HB2  sing N N 229 
PRO CB  HB3  sing N N 230 
PRO CG  CD   sing N N 231 
PRO CG  HG2  sing N N 232 
PRO CG  HG3  sing N N 233 
PRO CD  HD2  sing N N 234 
PRO CD  HD3  sing N N 235 
PRO OXT HXT  sing N N 236 
SER N   CA   sing N N 237 
SER N   H    sing N N 238 
SER N   H2   sing N N 239 
SER CA  C    sing N N 240 
SER CA  CB   sing N N 241 
SER CA  HA   sing N N 242 
SER C   O    doub N N 243 
SER C   OXT  sing N N 244 
SER CB  OG   sing N N 245 
SER CB  HB2  sing N N 246 
SER CB  HB3  sing N N 247 
SER OG  HG   sing N N 248 
SER OXT HXT  sing N N 249 
THR N   CA   sing N N 250 
THR N   H    sing N N 251 
THR N   H2   sing N N 252 
THR CA  C    sing N N 253 
THR CA  CB   sing N N 254 
THR CA  HA   sing N N 255 
THR C   O    doub N N 256 
THR C   OXT  sing N N 257 
THR CB  OG1  sing N N 258 
THR CB  CG2  sing N N 259 
THR CB  HB   sing N N 260 
THR OG1 HG1  sing N N 261 
THR CG2 HG21 sing N N 262 
THR CG2 HG22 sing N N 263 
THR CG2 HG23 sing N N 264 
THR OXT HXT  sing N N 265 
TRP N   CA   sing N N 266 
TRP N   H    sing N N 267 
TRP N   H2   sing N N 268 
TRP CA  C    sing N N 269 
TRP CA  CB   sing N N 270 
TRP CA  HA   sing N N 271 
TRP C   O    doub N N 272 
TRP C   OXT  sing N N 273 
TRP CB  CG   sing N N 274 
TRP CB  HB2  sing N N 275 
TRP CB  HB3  sing N N 276 
TRP CG  CD1  doub Y N 277 
TRP CG  CD2  sing Y N 278 
TRP CD1 NE1  sing Y N 279 
TRP CD1 HD1  sing N N 280 
TRP CD2 CE2  doub Y N 281 
TRP CD2 CE3  sing Y N 282 
TRP NE1 CE2  sing Y N 283 
TRP NE1 HE1  sing N N 284 
TRP CE2 CZ2  sing Y N 285 
TRP CE3 CZ3  doub Y N 286 
TRP CE3 HE3  sing N N 287 
TRP CZ2 CH2  doub Y N 288 
TRP CZ2 HZ2  sing N N 289 
TRP CZ3 CH2  sing Y N 290 
TRP CZ3 HZ3  sing N N 291 
TRP CH2 HH2  sing N N 292 
TRP OXT HXT  sing N N 293 
TYR N   CA   sing N N 294 
TYR N   H    sing N N 295 
TYR N   H2   sing N N 296 
TYR CA  C    sing N N 297 
TYR CA  CB   sing N N 298 
TYR CA  HA   sing N N 299 
TYR C   O    doub N N 300 
TYR C   OXT  sing N N 301 
TYR CB  CG   sing N N 302 
TYR CB  HB2  sing N N 303 
TYR CB  HB3  sing N N 304 
TYR CG  CD1  doub Y N 305 
TYR CG  CD2  sing Y N 306 
TYR CD1 CE1  sing Y N 307 
TYR CD1 HD1  sing N N 308 
TYR CD2 CE2  doub Y N 309 
TYR CD2 HD2  sing N N 310 
TYR CE1 CZ   doub Y N 311 
TYR CE1 HE1  sing N N 312 
TYR CE2 CZ   sing Y N 313 
TYR CE2 HE2  sing N N 314 
TYR CZ  OH   sing N N 315 
TYR OH  HH   sing N N 316 
TYR OXT HXT  sing N N 317 
VAL N   CA   sing N N 318 
VAL N   H    sing N N 319 
VAL N   H2   sing N N 320 
VAL CA  C    sing N N 321 
VAL CA  CB   sing N N 322 
VAL CA  HA   sing N N 323 
VAL C   O    doub N N 324 
VAL C   OXT  sing N N 325 
VAL CB  CG1  sing N N 326 
VAL CB  CG2  sing N N 327 
VAL CB  HB   sing N N 328 
VAL CG1 HG11 sing N N 329 
VAL CG1 HG12 sing N N 330 
VAL CG1 HG13 sing N N 331 
VAL CG2 HG21 sing N N 332 
VAL CG2 HG22 sing N N 333 
VAL CG2 HG23 sing N N 334 
VAL OXT HXT  sing N N 335 
# 
_atom_sites.entry_id                    1NOA 
_atom_sites.fract_transf_matrix[1][1]   0.02537723 
_atom_sites.fract_transf_matrix[1][2]   0.00548020 
_atom_sites.fract_transf_matrix[1][3]   0.02559304 
_atom_sites.fract_transf_matrix[2][1]   0.01859473 
_atom_sites.fract_transf_matrix[2][2]   0.00971041 
_atom_sites.fract_transf_matrix[2][3]   -0.02051721 
_atom_sites.fract_transf_matrix[3][1]   -0.00329466 
_atom_sites.fract_transf_matrix[3][2]   0.00909620 
_atom_sites.fract_transf_matrix[3][3]   0.00131912 
_atom_sites.fract_transf_vector[1]      0.453965 
_atom_sites.fract_transf_vector[2]      0.254551 
_atom_sites.fract_transf_vector[3]      0.374531 
# 
_atom_sites_footnote.id     1 
_atom_sites_footnote.text   'RESIDUE 9 IS A CIS PROLINE.' 
# 
loop_
_atom_type.symbol 
C 
N 
O 
S 
# 
loop_
_atom_site.group_PDB 
_atom_site.id 
_atom_site.type_symbol 
_atom_site.label_atom_id 
_atom_site.label_alt_id 
_atom_site.label_comp_id 
_atom_site.label_asym_id 
_atom_site.label_entity_id 
_atom_site.label_seq_id 
_atom_site.pdbx_PDB_ins_code 
_atom_site.Cartn_x 
_atom_site.Cartn_y 
_atom_site.Cartn_z 
_atom_site.occupancy 
_atom_site.B_iso_or_equiv 
_atom_site.pdbx_formal_charge 
_atom_site.auth_seq_id 
_atom_site.auth_comp_id 
_atom_site.auth_asym_id 
_atom_site.auth_atom_id 
_atom_site.pdbx_PDB_model_num 
ATOM   1   N N   . ALA A 1 1   ? -15.099 -11.239 10.569  1.00 22.81 ? 1   ALA A N   1 
ATOM   2   C CA  . ALA A 1 1   ? -14.083 -10.375 11.168  1.00 18.15 ? 1   ALA A CA  1 
ATOM   3   C C   . ALA A 1 1   ? -13.818 -9.148  10.291  1.00 17.83 ? 1   ALA A C   1 
ATOM   4   O O   . ALA A 1 1   ? -14.048 -9.225  9.070   1.00 19.93 ? 1   ALA A O   1 
ATOM   5   C CB  . ALA A 1 1   ? -12.763 -11.128 11.203  1.00 17.63 ? 1   ALA A CB  1 
ATOM   6   N N   . ALA A 1 2   ? -13.309 -8.152  10.982  1.00 13.74 ? 2   ALA A N   1 
ATOM   7   C CA  . ALA A 1 2   ? -12.929 -6.919  10.228  1.00 14.15 ? 2   ALA A CA  1 
ATOM   8   C C   . ALA A 1 2   ? -11.703 -7.202  9.324   1.00 14.68 ? 2   ALA A C   1 
ATOM   9   O O   . ALA A 1 2   ? -10.878 -8.088  9.611   1.00 13.90 ? 2   ALA A O   1 
ATOM   10  C CB  . ALA A 1 2   ? -12.605 -5.880  11.286  1.00 21.00 ? 2   ALA A CB  1 
ATOM   11  N N   . PRO A 1 3   ? -11.594 -6.441  8.215   1.00 13.38 ? 3   PRO A N   1 
ATOM   12  C CA  . PRO A 1 3   ? -10.460 -6.655  7.313   1.00 13.45 ? 3   PRO A CA  1 
ATOM   13  C C   . PRO A 1 3   ? -9.136  -6.269  7.955   1.00 14.90 ? 3   PRO A C   1 
ATOM   14  O O   . PRO A 1 3   ? -9.007  -5.263  8.690   1.00 13.18 ? 3   PRO A O   1 
ATOM   15  C CB  . PRO A 1 3   ? -10.760 -5.748  6.106   1.00 15.98 ? 3   PRO A CB  1 
ATOM   16  C CG  . PRO A 1 3   ? -11.564 -4.646  6.741   1.00 19.64 ? 3   PRO A CG  1 
ATOM   17  C CD  . PRO A 1 3   ? -12.480 -5.394  7.739   1.00 15.79 ? 3   PRO A CD  1 
ATOM   18  N N   . THR A 1 4   ? -8.113  -7.080  7.586   1.00 10.73 ? 4   THR A N   1 
ATOM   19  C CA  . THR A 1 4   ? -6.759  -6.835  8.095   1.00 11.23 ? 4   THR A CA  1 
ATOM   20  C C   . THR A 1 4   ? -5.740  -7.028  6.975   1.00 9.29  ? 4   THR A C   1 
ATOM   21  O O   . THR A 1 4   ? -6.063  -7.735  6.007   1.00 12.64 ? 4   THR A O   1 
ATOM   22  C CB  . THR A 1 4   ? -6.328  -7.836  9.207   1.00 18.87 ? 4   THR A CB  1 
ATOM   23  O OG1 . THR A 1 4   ? -6.623  -9.181  8.798   1.00 19.12 ? 4   THR A OG1 1 
ATOM   24  C CG2 . THR A 1 4   ? -7.159  -7.569  10.471  1.00 24.86 ? 4   THR A CG2 1 
ATOM   25  N N   . ALA A 1 5   ? -4.550  -6.474  7.125   1.00 10.12 ? 5   ALA A N   1 
ATOM   26  C CA  . ALA A 1 5   ? -3.492  -6.667  6.129   1.00 9.21  ? 5   ALA A CA  1 
ATOM   27  C C   . ALA A 1 5   ? -2.179  -6.933  6.876   1.00 11.61 ? 5   ALA A C   1 
ATOM   28  O O   . ALA A 1 5   ? -1.916  -6.450  8.000   1.00 12.64 ? 5   ALA A O   1 
ATOM   29  C CB  . ALA A 1 5   ? -3.333  -5.362  5.331   1.00 14.27 ? 5   ALA A CB  1 
ATOM   30  N N   . THR A 1 6   ? -1.298  -7.661  6.197   1.00 10.03 ? 6   THR A N   1 
ATOM   31  C CA  . THR A 1 6   ? 0.043   -7.925  6.699   1.00 9.19  ? 6   THR A CA  1 
ATOM   32  C C   . THR A 1 6   ? 1.010   -7.689  5.539   1.00 12.37 ? 6   THR A C   1 
ATOM   33  O O   . THR A 1 6   ? 0.636   -7.896  4.380   1.00 14.60 ? 6   THR A O   1 
ATOM   34  C CB  . THR A 1 6   ? 0.315   -9.322  7.282   1.00 14.40 ? 6   THR A CB  1 
ATOM   35  O OG1 . THR A 1 6   ? 0.129   -10.222 6.198   1.00 22.13 ? 6   THR A OG1 1 
ATOM   36  C CG2 . THR A 1 6   ? -0.695  -9.665  8.364   1.00 14.84 ? 6   THR A CG2 1 
ATOM   37  N N   . VAL A 1 7   ? 2.224   -7.227  5.854   1.00 10.64 ? 7   VAL A N   1 
ATOM   38  C CA  . VAL A 1 7   ? 3.236   -7.018  4.806   1.00 9.30  ? 7   VAL A CA  1 
ATOM   39  C C   . VAL A 1 7   ? 4.491   -7.732  5.307   1.00 8.68  ? 7   VAL A C   1 
ATOM   40  O O   . VAL A 1 7   ? 4.912   -7.460  6.458   1.00 11.39 ? 7   VAL A O   1 
ATOM   41  C CB  . VAL A 1 7   ? 3.511   -5.510  4.631   1.00 10.17 ? 7   VAL A CB  1 
ATOM   42  C CG1 . VAL A 1 7   ? 4.636   -5.404  3.599   1.00 13.18 ? 7   VAL A CG1 1 
ATOM   43  C CG2 . VAL A 1 7   ? 2.248   -4.830  4.212   1.00 9.68  ? 7   VAL A CG2 1 
ATOM   44  N N   . THR A 1 8   ? 5.021   -8.624  4.458   1.00 8.99  ? 8   THR A N   1 
ATOM   45  C CA  . THR A 1 8   ? 6.223   -9.362  4.865   1.00 10.57 ? 8   THR A CA  1 
ATOM   46  C C   . THR A 1 8   ? 7.284   -9.405  3.782   1.00 10.25 ? 8   THR A C   1 
ATOM   47  O O   . THR A 1 8   ? 6.932   -9.834  2.655   1.00 11.19 ? 8   THR A O   1 
ATOM   48  C CB  . THR A 1 8   ? 5.818   -10.836 5.179   1.00 15.97 ? 8   THR A CB  1 
ATOM   49  O OG1 . THR A 1 8   ? 4.845   -10.836 6.248   1.00 21.94 ? 8   THR A OG1 1 
ATOM   50  C CG2 . THR A 1 8   ? 7.018   -11.578 5.772   1.00 18.76 ? 8   THR A CG2 1 
ATOM   51  N N   . PRO A 1 9   ? 8.522   -8.967  4.016   1.00 9.46  ? 9   PRO A N   1 
ATOM   52  C CA  . PRO A 1 9   ? 9.001   -8.352  5.239   1.00 8.83  ? 9   PRO A CA  1 
ATOM   53  C C   . PRO A 1 9   ? 8.460   -6.911  5.316   1.00 9.84  ? 9   PRO A C   1 
ATOM   54  O O   . PRO A 1 9   ? 8.018   -6.370  4.263   1.00 10.60 ? 9   PRO A O   1 
ATOM   55  C CB  . PRO A 1 9   ? 10.548  -8.333  5.006   1.00 11.12 ? 9   PRO A CB  1 
ATOM   56  C CG  . PRO A 1 9   ? 10.766  -8.279  3.528   1.00 12.22 ? 9   PRO A CG  1 
ATOM   57  C CD  . PRO A 1 9   ? 9.552   -9.013  2.950   1.00 10.91 ? 9   PRO A CD  1 
ATOM   58  N N   . SER A 1 10  ? 8.554   -6.276  6.480   1.00 7.79  ? 10  SER A N   1 
ATOM   59  C CA  . SER A 1 10  ? 8.115   -4.886  6.640   1.00 7.96  ? 10  SER A CA  1 
ATOM   60  C C   . SER A 1 10  ? 9.249   -3.966  7.140   1.00 9.17  ? 10  SER A C   1 
ATOM   61  O O   . SER A 1 10  ? 8.988   -2.734  7.277   1.00 11.96 ? 10  SER A O   1 
ATOM   62  C CB  . SER A 1 10  ? 6.888   -4.795  7.569   1.00 8.91  ? 10  SER A CB  1 
ATOM   63  O OG  . SER A 1 10  ? 7.269   -5.338  8.855   1.00 10.56 ? 10  SER A OG  1 
ATOM   64  N N   . SER A 1 11  ? 10.449  -4.445  7.372   1.00 8.04  ? 11  SER A N   1 
ATOM   65  C CA  . SER A 1 11  ? 11.575  -3.594  7.842   1.00 7.55  ? 11  SER A CA  1 
ATOM   66  C C   . SER A 1 11  ? 12.872  -4.069  7.169   1.00 10.05 ? 11  SER A C   1 
ATOM   67  O O   . SER A 1 11  ? 12.842  -5.127  6.467   1.00 10.39 ? 11  SER A O   1 
ATOM   68  C CB  . SER A 1 11  ? 11.736  -3.532  9.360   1.00 9.79  ? 11  SER A CB  1 
ATOM   69  O OG  . SER A 1 11  ? 12.028  -4.896  9.782   1.00 12.74 ? 11  SER A OG  1 
ATOM   70  N N   . GLY A 1 12  ? 13.962  -3.328  7.327   1.00 8.88  ? 12  GLY A N   1 
ATOM   71  C CA  . GLY A 1 12  ? 15.200  -3.762  6.644   1.00 9.41  ? 12  GLY A CA  1 
ATOM   72  C C   . GLY A 1 12  ? 15.052  -3.714  5.124   1.00 11.25 ? 12  GLY A C   1 
ATOM   73  O O   . GLY A 1 12  ? 15.826  -4.415  4.434   1.00 12.64 ? 12  GLY A O   1 
ATOM   74  N N   . LEU A 1 13  ? 14.089  -2.944  4.602   1.00 8.09  ? 13  LEU A N   1 
ATOM   75  C CA  . LEU A 1 13  ? 13.827  -2.907  3.157   1.00 10.34 ? 13  LEU A CA  1 
ATOM   76  C C   . LEU A 1 13  ? 14.841  -2.086  2.358   1.00 13.43 ? 13  LEU A C   1 
ATOM   77  O O   . LEU A 1 13  ? 15.467  -1.215  2.956   1.00 13.04 ? 13  LEU A O   1 
ATOM   78  C CB  . LEU A 1 13  ? 12.391  -2.409  2.843   1.00 9.59  ? 13  LEU A CB  1 
ATOM   79  C CG  . LEU A 1 13  ? 11.306  -3.194  3.613   1.00 9.97  ? 13  LEU A CG  1 
ATOM   80  C CD1 . LEU A 1 13  ? 9.984   -2.456  3.363   1.00 12.40 ? 13  LEU A CD1 1 
ATOM   81  C CD2 . LEU A 1 13  ? 11.277  -4.665  3.174   1.00 9.97  ? 13  LEU A CD2 1 
ATOM   82  N N   . SER A 1 14  ? 14.915  -2.376  1.053   1.00 15.56 ? 14  SER A N   1 
ATOM   83  C CA  . SER A 1 14  ? 15.807  -1.639  0.141   1.00 12.57 ? 14  SER A CA  1 
ATOM   84  C C   . SER A 1 14  ? 14.941  -1.134  -1.002  1.00 12.69 ? 14  SER A C   1 
ATOM   85  O O   . SER A 1 14  ? 13.835  -1.680  -1.161  1.00 13.11 ? 14  SER A O   1 
ATOM   86  C CB  . SER A 1 14  ? 16.763  -2.673  -0.495  1.00 19.37 ? 14  SER A CB  1 
ATOM   87  O OG  . SER A 1 14  ? 17.768  -2.888  0.459   1.00 33.98 ? 14  SER A OG  1 
ATOM   88  N N   . ASP A 1 15  ? 15.448  -0.135  -1.726  1.00 11.97 ? 15  ASP A N   1 
ATOM   89  C CA  . ASP A 1 15  ? 14.680  0.350   -2.868  1.00 12.56 ? 15  ASP A CA  1 
ATOM   90  C C   . ASP A 1 15  ? 14.561  -0.827  -3.846  1.00 12.50 ? 15  ASP A C   1 
ATOM   91  O O   . ASP A 1 15  ? 15.593  -1.506  -4.169  1.00 12.60 ? 15  ASP A O   1 
ATOM   92  C CB  . ASP A 1 15  ? 15.519  1.518   -3.491  1.00 14.07 ? 15  ASP A CB  1 
ATOM   93  C CG  . ASP A 1 15  ? 14.627  2.104   -4.562  1.00 31.08 ? 15  ASP A CG  1 
ATOM   94  O OD1 . ASP A 1 15  ? 13.668  2.800   -4.147  1.00 19.40 ? 15  ASP A OD1 1 
ATOM   95  O OD2 . ASP A 1 15  ? 14.685  1.904   -5.808  1.00 42.15 ? 15  ASP A OD2 1 
ATOM   96  N N   . GLY A 1 16  ? 13.392  -1.169  -4.337  1.00 10.48 ? 16  GLY A N   1 
ATOM   97  C CA  . GLY A 1 16  ? 13.212  -2.254  -5.281  1.00 11.92 ? 16  GLY A CA  1 
ATOM   98  C C   . GLY A 1 16  ? 12.998  -3.651  -4.754  1.00 11.99 ? 16  GLY A C   1 
ATOM   99  O O   . GLY A 1 16  ? 12.836  -4.638  -5.512  1.00 12.39 ? 16  GLY A O   1 
ATOM   100 N N   . THR A 1 17  ? 12.970  -3.732  -3.420  1.00 10.55 ? 17  THR A N   1 
ATOM   101 C CA  . THR A 1 17  ? 12.694  -5.008  -2.744  1.00 8.97  ? 17  THR A CA  1 
ATOM   102 C C   . THR A 1 17  ? 11.221  -5.366  -3.035  1.00 9.55  ? 17  THR A C   1 
ATOM   103 O O   . THR A 1 17  ? 10.323  -4.494  -3.138  1.00 10.80 ? 17  THR A O   1 
ATOM   104 C CB  . THR A 1 17  ? 12.823  -4.847  -1.201  1.00 11.51 ? 17  THR A CB  1 
ATOM   105 O OG1 . THR A 1 17  ? 14.210  -4.631  -1.014  1.00 17.69 ? 17  THR A OG1 1 
ATOM   106 C CG2 . THR A 1 17  ? 12.426  -6.104  -0.435  1.00 17.16 ? 17  THR A CG2 1 
ATOM   107 N N   . VAL A 1 18  ? 10.936  -6.668  -3.157  1.00 9.86  ? 18  VAL A N   1 
ATOM   108 C CA  . VAL A 1 18  ? 9.589   -7.194  -3.381  1.00 10.42 ? 18  VAL A CA  1 
ATOM   109 C C   . VAL A 1 18  ? 9.042   -7.741  -2.043  1.00 14.75 ? 18  VAL A C   1 
ATOM   110 O O   . VAL A 1 18  ? 9.738   -8.576  -1.393  1.00 15.21 ? 18  VAL A O   1 
ATOM   111 C CB  . VAL A 1 18  ? 9.559   -8.269  -4.485  1.00 14.66 ? 18  VAL A CB  1 
ATOM   112 C CG1 . VAL A 1 18  ? 8.161   -8.862  -4.605  1.00 18.95 ? 18  VAL A CG1 1 
ATOM   113 C CG2 . VAL A 1 18  ? 9.974   -7.631  -5.805  1.00 16.75 ? 18  VAL A CG2 1 
ATOM   114 N N   . VAL A 1 19  ? 7.875   -7.264  -1.641  1.00 8.82  ? 19  VAL A N   1 
ATOM   115 C CA  . VAL A 1 19  ? 7.260   -7.714  -0.387  1.00 8.32  ? 19  VAL A CA  1 
ATOM   116 C C   . VAL A 1 19  ? 5.935   -8.453  -0.714  1.00 11.77 ? 19  VAL A C   1 
ATOM   117 O O   . VAL A 1 19  ? 5.333   -8.180  -1.764  1.00 12.48 ? 19  VAL A O   1 
ATOM   118 C CB  . VAL A 1 19  ? 6.947   -6.542  0.556   1.00 10.74 ? 19  VAL A CB  1 
ATOM   119 C CG1 . VAL A 1 19  ? 8.246   -5.770  0.846   1.00 12.31 ? 19  VAL A CG1 1 
ATOM   120 C CG2 . VAL A 1 19  ? 5.874   -5.565  0.040   1.00 11.77 ? 19  VAL A CG2 1 
ATOM   121 N N   . LYS A 1 20  ? 5.588   -9.307  0.242   1.00 8.97  ? 20  LYS A N   1 
ATOM   122 C CA  . LYS A 1 20  ? 4.327   -10.047 0.115   1.00 8.65  ? 20  LYS A CA  1 
ATOM   123 C C   . LYS A 1 20  ? 3.278   -9.295  0.897   1.00 10.82 ? 20  LYS A C   1 
ATOM   124 O O   . LYS A 1 20  ? 3.486   -9.010  2.084   1.00 11.39 ? 20  LYS A O   1 
ATOM   125 C CB  . LYS A 1 20  ? 4.491   -11.486 0.629   1.00 10.42 ? 20  LYS A CB  1 
ATOM   126 C CG  . LYS A 1 20  ? 3.128   -12.239 0.447   1.00 20.69 ? 20  LYS A CG  1 
ATOM   127 C CD  . LYS A 1 20  ? 3.195   -13.631 1.053   1.00 33.42 ? 20  LYS A CD  1 
ATOM   128 C CE  . LYS A 1 20  ? 1.992   -14.576 1.088   1.00 23.08 ? 20  LYS A CE  1 
ATOM   129 N NZ  . LYS A 1 20  ? 2.424   -16.020 1.278   1.00 19.09 ? 20  LYS A NZ  1 
ATOM   130 N N   . VAL A 1 21  ? 2.168   -8.996  0.230   1.00 10.35 ? 21  VAL A N   1 
ATOM   131 C CA  . VAL A 1 21  ? 1.037   -8.309  0.923   1.00 10.96 ? 21  VAL A CA  1 
ATOM   132 C C   . VAL A 1 21  ? -0.136  -9.284  1.041   1.00 12.12 ? 21  VAL A C   1 
ATOM   133 O O   . VAL A 1 21  ? -0.552  -9.862  0.007   1.00 14.14 ? 21  VAL A O   1 
ATOM   134 C CB  . VAL A 1 21  ? 0.629   -7.044  0.139   1.00 11.22 ? 21  VAL A CB  1 
ATOM   135 C CG1 . VAL A 1 21  ? -0.431  -6.315  0.980   1.00 14.82 ? 21  VAL A CG1 1 
ATOM   136 C CG2 . VAL A 1 21  ? 1.815   -6.123  -0.110  1.00 11.89 ? 21  VAL A CG2 1 
ATOM   137 N N   . ALA A 1 22  ? -0.664  -9.510  2.228   1.00 11.23 ? 22  ALA A N   1 
ATOM   138 C CA  . ALA A 1 22  ? -1.800  -10.430 2.422   1.00 12.61 ? 22  ALA A CA  1 
ATOM   139 C C   . ALA A 1 22  ? -2.902  -9.665  3.169   1.00 12.99 ? 22  ALA A C   1 
ATOM   140 O O   . ALA A 1 22  ? -2.688  -8.804  4.012   1.00 15.83 ? 22  ALA A O   1 
ATOM   141 C CB  . ALA A 1 22  ? -1.412  -11.667 3.195   1.00 14.09 ? 22  ALA A CB  1 
ATOM   142 N N   . GLY A 1 23  ? -4.105  -10.024 2.752   1.00 11.54 ? 23  GLY A N   1 
ATOM   143 C CA  . GLY A 1 23  ? -5.296  -9.425  3.363   1.00 9.02  ? 23  GLY A CA  1 
ATOM   144 C C   . GLY A 1 23  ? -6.256  -10.552 3.726   1.00 10.01 ? 23  GLY A C   1 
ATOM   145 O O   . GLY A 1 23  ? -6.298  -11.623 3.107   1.00 9.98  ? 23  GLY A O   1 
ATOM   146 N N   . ALA A 1 24  ? -6.983  -10.260 4.802   1.00 11.23 ? 24  ALA A N   1 
ATOM   147 C CA  . ALA A 1 24  ? -8.049  -11.188 5.265   1.00 13.25 ? 24  ALA A CA  1 
ATOM   148 C C   . ALA A 1 24  ? -9.257  -10.314 5.639   1.00 10.18 ? 24  ALA A C   1 
ATOM   149 O O   . ALA A 1 24  ? -9.199  -9.121  5.887   1.00 10.01 ? 24  ALA A O   1 
ATOM   150 C CB  . ALA A 1 24  ? -7.518  -12.080 6.367   1.00 13.00 ? 24  ALA A CB  1 
ATOM   151 N N   . GLY A 1 25  ? -10.436 -10.995 5.638   1.00 13.95 ? 25  GLY A N   1 
ATOM   152 C CA  . GLY A 1 25  ? -11.708 -10.351 6.004   1.00 10.50 ? 25  GLY A CA  1 
ATOM   153 C C   . GLY A 1 25  ? -12.131 -9.369  4.923   1.00 11.32 ? 25  GLY A C   1 
ATOM   154 O O   . GLY A 1 25  ? -12.883 -8.431  5.249   1.00 12.19 ? 25  GLY A O   1 
ATOM   155 N N   . LEU A 1 26  ? -11.604 -9.549  3.703   1.00 9.93  ? 26  LEU A N   1 
ATOM   156 C CA  . LEU A 1 26  ? -11.965 -8.620  2.580   1.00 8.42  ? 26  LEU A CA  1 
ATOM   157 C C   . LEU A 1 26  ? -13.296 -9.037  1.962   1.00 10.61 ? 26  LEU A C   1 
ATOM   158 O O   . LEU A 1 26  ? -13.833 -10.084 2.364   1.00 14.00 ? 26  LEU A O   1 
ATOM   159 C CB  . LEU A 1 26  ? -10.888 -8.712  1.511   1.00 8.33  ? 26  LEU A CB  1 
ATOM   160 C CG  . LEU A 1 26  ? -9.448  -8.446  1.953   1.00 10.16 ? 26  LEU A CG  1 
ATOM   161 C CD1 . LEU A 1 26  ? -8.520  -8.782  0.805   1.00 12.52 ? 26  LEU A CD1 1 
ATOM   162 C CD2 . LEU A 1 26  ? -9.397  -7.026  2.474   1.00 10.71 ? 26  LEU A CD2 1 
ATOM   163 N N   . GLN A 1 27  ? -13.795 -8.260  1.023   1.00 9.91  ? 27  GLN A N   1 
ATOM   164 C CA  . GLN A 1 27  ? -15.066 -8.686  0.370   1.00 13.86 ? 27  GLN A CA  1 
ATOM   165 C C   . GLN A 1 27  ? -14.746 -9.785  -0.679  1.00 13.00 ? 27  GLN A C   1 
ATOM   166 O O   . GLN A 1 27  ? -14.000 -9.562  -1.640  1.00 11.68 ? 27  GLN A O   1 
ATOM   167 C CB  . GLN A 1 27  ? -15.780 -7.542  -0.322  1.00 16.05 ? 27  GLN A CB  1 
ATOM   168 C CG  . GLN A 1 27  ? -16.387 -6.473  0.585   1.00 63.57 ? 27  GLN A CG  1 
ATOM   169 C CD  . GLN A 1 27  ? -17.195 -5.599  -0.392  1.00 80.25 ? 27  GLN A CD  1 
ATOM   170 O OE1 . GLN A 1 27  ? -18.378 -5.921  -0.504  1.00 90.71 ? 27  GLN A OE1 1 
ATOM   171 N NE2 . GLN A 1 27  ? -16.506 -4.661  -1.040  1.00 87.38 ? 27  GLN A NE2 1 
ATOM   172 N N   . ALA A 1 28  ? -15.373 -10.942 -0.480  1.00 10.22 ? 28  ALA A N   1 
ATOM   173 C CA  . ALA A 1 28  ? -15.121 -12.031 -1.394  1.00 10.76 ? 28  ALA A CA  1 
ATOM   174 C C   . ALA A 1 28  ? -15.416 -11.675 -2.833  1.00 14.27 ? 28  ALA A C   1 
ATOM   175 O O   . ALA A 1 28  ? -16.447 -11.034 -3.135  1.00 14.71 ? 28  ALA A O   1 
ATOM   176 C CB  . ALA A 1 28  ? -16.010 -13.229 -0.997  1.00 12.78 ? 28  ALA A CB  1 
ATOM   177 N N   . GLY A 1 29  ? -14.489 -12.093 -3.711  1.00 13.81 ? 29  GLY A N   1 
ATOM   178 C CA  . GLY A 1 29  ? -14.653 -11.840 -5.147  1.00 14.11 ? 29  GLY A CA  1 
ATOM   179 C C   . GLY A 1 29  ? -14.455 -10.437 -5.661  1.00 17.30 ? 29  GLY A C   1 
ATOM   180 O O   . GLY A 1 29  ? -14.717 -10.188 -6.862  1.00 24.68 ? 29  GLY A O   1 
ATOM   181 N N   . THR A 1 30  ? -13.974 -9.528  -4.827  1.00 12.34 ? 30  THR A N   1 
ATOM   182 C CA  . THR A 1 30  ? -13.783 -8.140  -5.211  1.00 13.53 ? 30  THR A CA  1 
ATOM   183 C C   . THR A 1 30  ? -12.313 -7.780  -5.536  1.00 13.02 ? 30  THR A C   1 
ATOM   184 O O   . THR A 1 30  ? -11.418 -8.307  -4.832  1.00 9.78  ? 30  THR A O   1 
ATOM   185 C CB  . THR A 1 30  ? -14.260 -7.292  -3.973  1.00 14.26 ? 30  THR A CB  1 
ATOM   186 O OG1 . THR A 1 30  ? -15.641 -7.683  -3.850  1.00 26.84 ? 30  THR A OG1 1 
ATOM   187 C CG2 . THR A 1 30  ? -14.172 -5.804  -4.179  1.00 18.13 ? 30  THR A CG2 1 
ATOM   188 N N   . ALA A 1 31  ? -12.120 -6.879  -6.524  1.00 9.89  ? 31  ALA A N   1 
ATOM   189 C CA  . ALA A 1 31  ? -10.788 -6.455  -6.920  1.00 8.90  ? 31  ALA A CA  1 
ATOM   190 C C   . ALA A 1 31  ? -10.270 -5.410  -5.939  1.00 11.46 ? 31  ALA A C   1 
ATOM   191 O O   . ALA A 1 31  ? -11.001 -4.457  -5.598  1.00 12.70 ? 31  ALA A O   1 
ATOM   192 C CB  . ALA A 1 31  ? -10.840 -5.797  -8.296  1.00 9.03  ? 31  ALA A CB  1 
ATOM   193 N N   . TYR A 1 32  ? -9.022  -5.527  -5.491  1.00 7.03  ? 32  TYR A N   1 
ATOM   194 C CA  . TYR A 1 32  ? -8.386  -4.565  -4.586  1.00 6.75  ? 32  TYR A CA  1 
ATOM   195 C C   . TYR A 1 32  ? -7.080  -4.069  -5.226  1.00 8.77  ? 32  TYR A C   1 
ATOM   196 O O   . TYR A 1 32  ? -6.379  -4.892  -5.817  1.00 9.42  ? 32  TYR A O   1 
ATOM   197 C CB  . TYR A 1 32  ? -7.956  -5.141  -3.190  1.00 6.73  ? 32  TYR A CB  1 
ATOM   198 C CG  . TYR A 1 32  ? -9.174  -5.384  -2.327  1.00 9.16  ? 32  TYR A CG  1 
ATOM   199 C CD1 . TYR A 1 32  ? -10.001 -6.511  -2.502  1.00 8.67  ? 32  TYR A CD1 1 
ATOM   200 C CD2 . TYR A 1 32  ? -9.498  -4.443  -1.335  1.00 9.92  ? 32  TYR A CD2 1 
ATOM   201 C CE1 . TYR A 1 32  ? -11.143 -6.651  -1.694  1.00 10.36 ? 32  TYR A CE1 1 
ATOM   202 C CE2 . TYR A 1 32  ? -10.626 -4.628  -0.508  1.00 10.55 ? 32  TYR A CE2 1 
ATOM   203 C CZ  . TYR A 1 32  ? -11.475 -5.728  -0.728  1.00 11.09 ? 32  TYR A CZ  1 
ATOM   204 O OH  . TYR A 1 32  ? -12.575 -5.888  0.081   1.00 11.63 ? 32  TYR A OH  1 
ATOM   205 N N   . ASP A 1 33  ? -6.787  -2.794  -5.068  1.00 6.41  ? 33  ASP A N   1 
ATOM   206 C CA  . ASP A 1 33  ? -5.511  -2.205  -5.511  1.00 5.42  ? 33  ASP A CA  1 
ATOM   207 C C   . ASP A 1 33  ? -4.616  -2.208  -4.260  1.00 9.18  ? 33  ASP A C   1 
ATOM   208 O O   . ASP A 1 33  ? -5.058  -2.029  -3.106  1.00 11.29 ? 33  ASP A O   1 
ATOM   209 C CB  . ASP A 1 33  ? -5.648  -0.768  -6.017  1.00 7.91  ? 33  ASP A CB  1 
ATOM   210 C CG  . ASP A 1 33  ? -6.508  -0.804  -7.302  1.00 19.05 ? 33  ASP A CG  1 
ATOM   211 O OD1 . ASP A 1 33  ? -6.026  -1.516  -8.235  1.00 14.43 ? 33  ASP A OD1 1 
ATOM   212 O OD2 . ASP A 1 33  ? -7.606  -0.152  -7.243  1.00 19.38 ? 33  ASP A OD2 1 
ATOM   213 N N   . VAL A 1 34  ? -3.316  -2.421  -4.526  1.00 7.84  ? 34  VAL A N   1 
ATOM   214 C CA  . VAL A 1 34  ? -2.309  -2.505  -3.481  1.00 9.02  ? 34  VAL A CA  1 
ATOM   215 C C   . VAL A 1 34  ? -1.265  -1.418  -3.771  1.00 8.41  ? 34  VAL A C   1 
ATOM   216 O O   . VAL A 1 34  ? -0.828  -1.344  -4.930  1.00 9.99  ? 34  VAL A O   1 
ATOM   217 C CB  . VAL A 1 34  ? -1.721  -3.932  -3.485  1.00 13.32 ? 34  VAL A CB  1 
ATOM   218 C CG1 . VAL A 1 34  ? -0.709  -4.031  -2.352  1.00 11.59 ? 34  VAL A CG1 1 
ATOM   219 C CG2 . VAL A 1 34  ? -2.779  -5.035  -3.289  1.00 14.70 ? 34  VAL A CG2 1 
ATOM   220 N N   . GLY A 1 35  ? -0.934  -0.600  -2.766  1.00 8.75  ? 35  GLY A N   1 
ATOM   221 C CA  . GLY A 1 35  ? 0.042   0.465   -3.077  1.00 8.18  ? 35  GLY A CA  1 
ATOM   222 C C   . GLY A 1 35  ? 0.765   0.990   -1.857  1.00 10.15 ? 35  GLY A C   1 
ATOM   223 O O   . GLY A 1 35  ? 0.394   0.713   -0.706  1.00 11.58 ? 35  GLY A O   1 
ATOM   224 N N   . GLN A 1 36  ? 1.815   1.776   -2.180  1.00 8.14  ? 36  GLN A N   1 
ATOM   225 C CA  . GLN A 1 36  ? 2.674   2.407   -1.169  1.00 6.03  ? 36  GLN A CA  1 
ATOM   226 C C   . GLN A 1 36  ? 2.357   3.906   -1.163  1.00 7.11  ? 36  GLN A C   1 
ATOM   227 O O   . GLN A 1 36  ? 2.350   4.546   -2.237  1.00 8.47  ? 36  GLN A O   1 
ATOM   228 C CB  . GLN A 1 36  ? 4.148   2.157   -1.585  1.00 8.32  ? 36  GLN A CB  1 
ATOM   229 C CG  . GLN A 1 36  ? 5.115   2.773   -0.553  1.00 9.09  ? 36  GLN A CG  1 
ATOM   230 C CD  . GLN A 1 36  ? 6.572   2.572   -0.970  1.00 11.88 ? 36  GLN A CD  1 
ATOM   231 O OE1 . GLN A 1 36  ? 6.882   1.890   -1.979  1.00 11.26 ? 36  GLN A OE1 1 
ATOM   232 N NE2 . GLN A 1 36  ? 7.548   3.124   -0.261  1.00 9.06  ? 36  GLN A NE2 1 
ATOM   233 N N   . CYS A 1 37  ? 2.102   4.402   0.020   1.00 7.25  ? 37  CYS A N   1 
ATOM   234 C CA  . CYS A 1 37  ? 1.762   5.838   0.188   1.00 9.21  ? 37  CYS A CA  1 
ATOM   235 C C   . CYS A 1 37  ? 2.391   6.413   1.444   1.00 11.85 ? 37  CYS A C   1 
ATOM   236 O O   . CYS A 1 37  ? 2.889   5.655   2.288   1.00 11.90 ? 37  CYS A O   1 
ATOM   237 C CB  . CYS A 1 37  ? 0.228   5.984   0.368   1.00 8.25  ? 37  CYS A CB  1 
ATOM   238 S SG  . CYS A 1 37  ? -0.766  5.289   -0.966  1.00 11.61 ? 37  CYS A SG  1 
ATOM   239 N N   . ALA A 1 38  ? 2.347   7.732   1.592   1.00 9.87  ? 38  ALA A N   1 
ATOM   240 C CA  . ALA A 1 38  ? 2.874   8.399   2.787   1.00 11.40 ? 38  ALA A CA  1 
ATOM   241 C C   . ALA A 1 38  ? 1.832   9.497   3.160   1.00 9.85  ? 38  ALA A C   1 
ATOM   242 O O   . ALA A 1 38  ? 1.189   10.086  2.273   1.00 10.91 ? 38  ALA A O   1 
ATOM   243 C CB  . ALA A 1 38  ? 4.259   8.996   2.541   1.00 13.33 ? 38  ALA A CB  1 
ATOM   244 N N   . TRP A 1 39  ? 1.644   9.715   4.455   1.00 12.51 ? 39  TRP A N   1 
ATOM   245 C CA  . TRP A 1 39  ? 0.731   10.772  4.962   1.00 15.91 ? 39  TRP A CA  1 
ATOM   246 C C   . TRP A 1 39  ? 1.484   12.110  4.834   1.00 16.89 ? 39  TRP A C   1 
ATOM   247 O O   . TRP A 1 39  ? 2.552   12.169  5.468   1.00 21.19 ? 39  TRP A O   1 
ATOM   248 C CB  . TRP A 1 39  ? 0.396   10.498  6.436   1.00 22.32 ? 39  TRP A CB  1 
ATOM   249 C CG  . TRP A 1 39  ? -0.500  9.296   6.507   1.00 17.06 ? 39  TRP A CG  1 
ATOM   250 C CD1 . TRP A 1 39  ? -0.133  8.005   6.803   1.00 18.06 ? 39  TRP A CD1 1 
ATOM   251 C CD2 . TRP A 1 39  ? -1.898  9.315   6.233   1.00 20.43 ? 39  TRP A CD2 1 
ATOM   252 N NE1 . TRP A 1 39  ? -1.279  7.189   6.734   1.00 20.70 ? 39  TRP A NE1 1 
ATOM   253 C CE2 . TRP A 1 39  ? -2.354  7.950   6.395   1.00 22.98 ? 39  TRP A CE2 1 
ATOM   254 C CE3 . TRP A 1 39  ? -2.807  10.343  5.908   1.00 19.01 ? 39  TRP A CE3 1 
ATOM   255 C CZ2 . TRP A 1 39  ? -3.681  7.630   6.191   1.00 20.42 ? 39  TRP A CZ2 1 
ATOM   256 C CZ3 . TRP A 1 39  ? -4.141  10.007  5.692   1.00 24.79 ? 39  TRP A CZ3 1 
ATOM   257 C CH2 . TRP A 1 39  ? -4.544  8.665   5.863   1.00 23.97 ? 39  TRP A CH2 1 
ATOM   258 N N   . VAL A 1 40  ? 0.969   13.039  4.047   1.00 15.53 ? 40  VAL A N   1 
ATOM   259 C CA  . VAL A 1 40  ? 1.709   14.308  3.869   1.00 19.40 ? 40  VAL A CA  1 
ATOM   260 C C   . VAL A 1 40  ? 1.040   15.497  4.596   1.00 22.62 ? 40  VAL A C   1 
ATOM   261 O O   . VAL A 1 40  ? 1.648   16.591  4.740   1.00 21.99 ? 40  VAL A O   1 
ATOM   262 C CB  . VAL A 1 40  ? 2.035   14.574  2.373   1.00 16.59 ? 40  VAL A CB  1 
ATOM   263 C CG1 . VAL A 1 40  ? 3.018   13.497  1.871   1.00 15.45 ? 40  VAL A CG1 1 
ATOM   264 C CG2 . VAL A 1 40  ? 0.771   14.721  1.524   1.00 15.25 ? 40  VAL A CG2 1 
ATOM   265 N N   . ASP A 1 41  ? -0.169  15.247  5.043   1.00 15.08 ? 41  ASP A N   1 
ATOM   266 C CA  . ASP A 1 41  ? -0.906  16.281  5.770   1.00 17.25 ? 41  ASP A CA  1 
ATOM   267 C C   . ASP A 1 41  ? -2.039  15.563  6.448   1.00 19.23 ? 41  ASP A C   1 
ATOM   268 O O   . ASP A 1 41  ? -2.265  14.366  6.146   1.00 16.89 ? 41  ASP A O   1 
ATOM   269 C CB  . ASP A 1 41  ? -1.379  17.369  4.815   1.00 23.01 ? 41  ASP A CB  1 
ATOM   270 C CG  . ASP A 1 41  ? -1.854  18.660  5.487   1.00 32.63 ? 41  ASP A CG  1 
ATOM   271 O OD1 . ASP A 1 41  ? -1.270  19.094  6.510   1.00 30.13 ? 41  ASP A OD1 1 
ATOM   272 O OD2 . ASP A 1 41  ? -2.861  19.226  4.953   1.00 35.08 ? 41  ASP A OD2 1 
ATOM   273 N N   . THR A 1 42  ? -2.685  16.342  7.325   1.00 15.60 ? 42  THR A N   1 
ATOM   274 C CA  . THR A 1 42  ? -3.836  15.766  8.037   1.00 20.13 ? 42  THR A CA  1 
ATOM   275 C C   . THR A 1 42  ? -4.824  15.190  7.006   1.00 23.89 ? 42  THR A C   1 
ATOM   276 O O   . THR A 1 42  ? -5.462  15.899  6.207   1.00 23.44 ? 42  THR A O   1 
ATOM   277 C CB  . THR A 1 42  ? -4.476  16.827  8.988   1.00 17.89 ? 42  THR A CB  1 
ATOM   278 O OG1 . THR A 1 42  ? -3.576  17.057  10.068  1.00 28.73 ? 42  THR A OG1 1 
ATOM   279 C CG2 . THR A 1 42  ? -5.805  16.276  9.492   1.00 21.13 ? 42  THR A CG2 1 
ATOM   280 N N   . GLY A 1 43  ? -4.936  13.840  6.991   1.00 20.79 ? 43  GLY A N   1 
ATOM   281 C CA  . GLY A 1 43  ? -5.818  13.134  6.088   1.00 22.08 ? 43  GLY A CA  1 
ATOM   282 C C   . GLY A 1 43  ? -5.516  13.144  4.594   1.00 19.45 ? 43  GLY A C   1 
ATOM   283 O O   . GLY A 1 43  ? -6.373  12.840  3.732   1.00 25.48 ? 43  GLY A O   1 
ATOM   284 N N   . VAL A 1 44  ? -4.274  13.459  4.288   1.00 17.41 ? 44  VAL A N   1 
ATOM   285 C CA  . VAL A 1 44  ? -3.837  13.476  2.852   1.00 17.38 ? 44  VAL A CA  1 
ATOM   286 C C   . VAL A 1 44  ? -2.657  12.498  2.610   1.00 11.69 ? 44  VAL A C   1 
ATOM   287 O O   . VAL A 1 44  ? -1.633  12.647  3.268   1.00 14.35 ? 44  VAL A O   1 
ATOM   288 C CB  . VAL A 1 44  ? -3.407  14.891  2.434   1.00 20.70 ? 44  VAL A CB  1 
ATOM   289 C CG1 . VAL A 1 44  ? -2.812  14.947  1.033   1.00 18.12 ? 44  VAL A CG1 1 
ATOM   290 C CG2 . VAL A 1 44  ? -4.632  15.819  2.562   1.00 22.47 ? 44  VAL A CG2 1 
ATOM   291 N N   . LEU A 1 45  ? -2.913  11.572  1.699   1.00 13.87 ? 45  LEU A N   1 
ATOM   292 C CA  . LEU A 1 45  ? -1.880  10.591  1.312   1.00 13.30 ? 45  LEU A CA  1 
ATOM   293 C C   . LEU A 1 45  ? -1.253  10.935  -0.040  1.00 12.10 ? 45  LEU A C   1 
ATOM   294 O O   . LEU A 1 45  ? -2.009  11.381  -0.937  1.00 13.15 ? 45  LEU A O   1 
ATOM   295 C CB  . LEU A 1 45  ? -2.668  9.275   1.058   1.00 15.84 ? 45  LEU A CB  1 
ATOM   296 C CG  . LEU A 1 45  ? -2.840  8.443   2.339   1.00 17.02 ? 45  LEU A CG  1 
ATOM   297 C CD1 . LEU A 1 45  ? -3.666  7.262   1.913   1.00 16.62 ? 45  LEU A CD1 1 
ATOM   298 C CD2 . LEU A 1 45  ? -1.521  7.967   2.954   1.00 14.08 ? 45  LEU A CD2 1 
ATOM   299 N N   . ALA A 1 46  ? 0.048   10.753  -0.169  1.00 10.31 ? 46  ALA A N   1 
ATOM   300 C CA  . ALA A 1 46  ? 0.754   10.946  -1.436  1.00 10.83 ? 46  ALA A CA  1 
ATOM   301 C C   . ALA A 1 46  ? 1.180   9.483   -1.744  1.00 10.31 ? 46  ALA A C   1 
ATOM   302 O O   . ALA A 1 46  ? 1.793   8.903   -0.829  1.00 12.58 ? 46  ALA A O   1 
ATOM   303 C CB  . ALA A 1 46  ? 1.887   11.934  -1.350  1.00 12.20 ? 46  ALA A CB  1 
ATOM   304 N N   . CYS A 1 47  ? 0.852   8.966   -2.918  1.00 8.34  ? 47  CYS A N   1 
ATOM   305 C CA  . CYS A 1 47  ? 1.176   7.553   -3.264  1.00 8.50  ? 47  CYS A CA  1 
ATOM   306 C C   . CYS A 1 47  ? 2.105   7.415   -4.464  1.00 10.40 ? 47  CYS A C   1 
ATOM   307 O O   . CYS A 1 47  ? 2.429   8.363   -5.192  1.00 9.63  ? 47  CYS A O   1 
ATOM   308 C CB  . CYS A 1 47  ? -0.138  6.802   -3.557  1.00 8.11  ? 47  CYS A CB  1 
ATOM   309 S SG  . CYS A 1 47  ? -1.301  6.915   -2.143  1.00 11.93 ? 47  CYS A SG  1 
ATOM   310 N N   . ASN A 1 48  ? 2.495   6.147   -4.695  1.00 8.39  ? 48  ASN A N   1 
ATOM   311 C CA  . ASN A 1 48  ? 3.407   5.824   -5.824  1.00 7.42  ? 48  ASN A CA  1 
ATOM   312 C C   . ASN A 1 48  ? 2.655   4.945   -6.818  1.00 8.13  ? 48  ASN A C   1 
ATOM   313 O O   . ASN A 1 48  ? 2.801   3.690   -6.849  1.00 8.35  ? 48  ASN A O   1 
ATOM   314 C CB  . ASN A 1 48  ? 4.586   5.031   -5.217  1.00 9.21  ? 48  ASN A CB  1 
ATOM   315 C CG  . ASN A 1 48  ? 5.554   4.535   -6.304  1.00 9.97  ? 48  ASN A CG  1 
ATOM   316 O OD1 . ASN A 1 48  ? 5.643   5.184   -7.346  1.00 12.05 ? 48  ASN A OD1 1 
ATOM   317 N ND2 . ASN A 1 48  ? 6.224   3.423   -6.017  1.00 11.29 ? 48  ASN A ND2 1 
ATOM   318 N N   . PRO A 1 49  ? 1.842   5.570   -7.672  1.00 9.58  ? 49  PRO A N   1 
ATOM   319 C CA  . PRO A 1 49  ? 1.064   4.796   -8.653  1.00 11.62 ? 49  PRO A CA  1 
ATOM   320 C C   . PRO A 1 49  ? 1.883   3.946   -9.652  1.00 11.60 ? 49  PRO A C   1 
ATOM   321 O O   . PRO A 1 49  ? 1.321   2.936   -10.119 1.00 11.38 ? 49  PRO A O   1 
ATOM   322 C CB  . PRO A 1 49  ? 0.130   5.845   -9.284  1.00 14.65 ? 49  PRO A CB  1 
ATOM   323 C CG  . PRO A 1 49  ? 0.818   7.189   -9.003  1.00 15.62 ? 49  PRO A CG  1 
ATOM   324 C CD  . PRO A 1 49  ? 1.617   7.043   -7.728  1.00 9.88  ? 49  PRO A CD  1 
ATOM   325 N N   . ALA A 1 50  ? 3.127   4.377   -9.923  1.00 9.93  ? 50  ALA A N   1 
ATOM   326 C CA  . ALA A 1 50  ? 3.957   3.619   -10.874 1.00 12.50 ? 50  ALA A CA  1 
ATOM   327 C C   . ALA A 1 50  ? 4.144   2.149   -10.480 1.00 17.38 ? 50  ALA A C   1 
ATOM   328 O O   . ALA A 1 50  ? 4.384   1.315   -11.387 1.00 14.85 ? 50  ALA A O   1 
ATOM   329 C CB  . ALA A 1 50  ? 5.370   4.239   -10.941 1.00 11.55 ? 50  ALA A CB  1 
ATOM   330 N N   . ASP A 1 51  ? 4.073   1.819   -9.170  1.00 7.73  ? 51  ASP A N   1 
ATOM   331 C CA  . ASP A 1 51  ? 4.293   0.434   -8.724  1.00 7.65  ? 51  ASP A CA  1 
ATOM   332 C C   . ASP A 1 51  ? 3.057   -0.226  -8.096  1.00 7.94  ? 51  ASP A C   1 
ATOM   333 O O   . ASP A 1 51  ? 3.184   -1.284  -7.423  1.00 10.04 ? 51  ASP A O   1 
ATOM   334 C CB  . ASP A 1 51  ? 5.459   0.436   -7.735  1.00 7.51  ? 51  ASP A CB  1 
ATOM   335 C CG  . ASP A 1 51  ? 6.754   0.722   -8.464  1.00 10.85 ? 51  ASP A CG  1 
ATOM   336 O OD1 . ASP A 1 51  ? 7.191   -0.032  -9.355  1.00 12.82 ? 51  ASP A OD1 1 
ATOM   337 O OD2 . ASP A 1 51  ? 7.378   1.773   -8.160  1.00 11.06 ? 51  ASP A OD2 1 
ATOM   338 N N   . PHE A 1 52  ? 1.870   0.398   -8.268  1.00 7.04  ? 52  PHE A N   1 
ATOM   339 C CA  . PHE A 1 52  ? 0.690   -0.232  -7.682  1.00 6.80  ? 52  PHE A CA  1 
ATOM   340 C C   . PHE A 1 52  ? 0.528   -1.628  -8.321  1.00 11.55 ? 52  PHE A C   1 
ATOM   341 O O   . PHE A 1 52  ? 0.916   -1.861  -9.476  1.00 12.19 ? 52  PHE A O   1 
ATOM   342 C CB  . PHE A 1 52  ? -0.612  0.506   -8.097  1.00 7.40  ? 52  PHE A CB  1 
ATOM   343 C CG  . PHE A 1 52  ? -0.868  1.759   -7.308  1.00 8.14  ? 52  PHE A CG  1 
ATOM   344 C CD1 . PHE A 1 52  ? -0.126  2.109   -6.201  1.00 7.43  ? 52  PHE A CD1 1 
ATOM   345 C CD2 . PHE A 1 52  ? -1.933  2.566   -7.691  1.00 14.07 ? 52  PHE A CD2 1 
ATOM   346 C CE1 . PHE A 1 52  ? -0.378  3.268   -5.451  1.00 11.50 ? 52  PHE A CE1 1 
ATOM   347 C CE2 . PHE A 1 52  ? -2.212  3.730   -6.964  1.00 15.89 ? 52  PHE A CE2 1 
ATOM   348 C CZ  . PHE A 1 52  ? -1.434  4.104   -5.831  1.00 16.82 ? 52  PHE A CZ  1 
ATOM   349 N N   . SER A 1 53  ? -0.080  -2.490  -7.501  1.00 9.60  ? 53  SER A N   1 
ATOM   350 C CA  . SER A 1 53  ? -0.463  -3.862  -7.934  1.00 12.16 ? 53  SER A CA  1 
ATOM   351 C C   . SER A 1 53  ? -1.983  -4.080  -7.696  1.00 9.23  ? 53  SER A C   1 
ATOM   352 O O   . SER A 1 53  ? -2.632  -3.116  -7.186  1.00 8.16  ? 53  SER A O   1 
ATOM   353 C CB  . SER A 1 53  ? 0.380   -4.888  -7.158  1.00 16.57 ? 53  SER A CB  1 
ATOM   354 O OG  . SER A 1 53  ? 0.356   -6.036  -8.055  1.00 32.53 ? 53  SER A OG  1 
ATOM   355 N N   . SER A 1 54  ? -2.561  -5.240  -8.044  1.00 8.48  ? 54  SER A N   1 
ATOM   356 C CA  . SER A 1 54  ? -4.005  -5.442  -7.750  1.00 7.15  ? 54  SER A CA  1 
ATOM   357 C C   . SER A 1 54  ? -4.141  -6.952  -7.548  1.00 10.50 ? 54  SER A C   1 
ATOM   358 O O   . SER A 1 54  ? -3.289  -7.754  -8.009  1.00 11.82 ? 54  SER A O   1 
ATOM   359 C CB  . SER A 1 54  ? -4.945  -4.817  -8.779  1.00 6.89  ? 54  SER A CB  1 
ATOM   360 O OG  . SER A 1 54  ? -4.610  -5.373  -10.065 1.00 10.46 ? 54  SER A OG  1 
ATOM   361 N N   . VAL A 1 55  ? -5.232  -7.323  -6.883  1.00 7.05  ? 55  VAL A N   1 
ATOM   362 C CA  . VAL A 1 55  ? -5.506  -8.747  -6.603  1.00 8.49  ? 55  VAL A CA  1 
ATOM   363 C C   . VAL A 1 55  ? -7.011  -8.895  -6.390  1.00 10.00 ? 55  VAL A C   1 
ATOM   364 O O   . VAL A 1 55  ? -7.651  -7.880  -6.045  1.00 10.16 ? 55  VAL A O   1 
ATOM   365 C CB  . VAL A 1 55  ? -4.668  -9.264  -5.395  1.00 16.02 ? 55  VAL A CB  1 
ATOM   366 C CG1 . VAL A 1 55  ? -5.012  -8.529  -4.092  1.00 14.08 ? 55  VAL A CG1 1 
ATOM   367 C CG2 . VAL A 1 55  ? -4.814  -10.783 -5.203  1.00 11.90 ? 55  VAL A CG2 1 
ATOM   368 N N   . THR A 1 56  ? -7.596  -10.072 -6.621  1.00 8.53  ? 56  THR A N   1 
ATOM   369 C CA  . THR A 1 56  ? -9.079  -10.224 -6.360  1.00 9.05  ? 56  THR A CA  1 
ATOM   370 C C   . THR A 1 56  ? -9.237  -11.115 -5.114  1.00 7.94  ? 56  THR A C   1 
ATOM   371 O O   . THR A 1 56  ? -8.570  -12.179 -5.115  1.00 10.26 ? 56  THR A O   1 
ATOM   372 C CB  . THR A 1 56  ? -9.815  -10.810 -7.586  1.00 11.09 ? 56  THR A CB  1 
ATOM   373 O OG1 . THR A 1 56  ? -9.565  -9.840  -8.646  1.00 11.85 ? 56  THR A OG1 1 
ATOM   374 C CG2 . THR A 1 56  ? -11.338 -10.967 -7.342  1.00 8.97  ? 56  THR A CG2 1 
ATOM   375 N N   . ALA A 1 57  ? -9.974  -10.699 -4.101  1.00 7.56  ? 57  ALA A N   1 
ATOM   376 C CA  . ALA A 1 57  ? -10.143 -11.545 -2.912  1.00 6.70  ? 57  ALA A CA  1 
ATOM   377 C C   . ALA A 1 57  ? -10.876 -12.829 -3.352  1.00 9.96  ? 57  ALA A C   1 
ATOM   378 O O   . ALA A 1 57  ? -11.759 -12.843 -4.256  1.00 8.81  ? 57  ALA A O   1 
ATOM   379 C CB  . ALA A 1 57  ? -10.960 -10.807 -1.874  1.00 8.87  ? 57  ALA A CB  1 
ATOM   380 N N   . ASP A 1 58  ? -10.475 -13.911 -2.677  1.00 9.16  ? 58  ASP A N   1 
ATOM   381 C CA  . ASP A 1 58  ? -11.057 -15.250 -2.964  1.00 11.25 ? 58  ASP A CA  1 
ATOM   382 C C   . ASP A 1 58  ? -12.385 -15.423 -2.240  1.00 10.52 ? 58  ASP A C   1 
ATOM   383 O O   . ASP A 1 58  ? -12.929 -14.505 -1.625  1.00 8.87  ? 58  ASP A O   1 
ATOM   384 C CB  . ASP A 1 58  ? -9.998  -16.351 -2.719  1.00 11.85 ? 58  ASP A CB  1 
ATOM   385 C CG  . ASP A 1 58  ? -9.607  -16.517 -1.271  1.00 11.60 ? 58  ASP A CG  1 
ATOM   386 O OD1 . ASP A 1 58  ? -10.385 -16.138 -0.372  1.00 10.38 ? 58  ASP A OD1 1 
ATOM   387 O OD2 . ASP A 1 58  ? -8.509  -17.063 -1.041  1.00 16.09 ? 58  ASP A OD2 1 
ATOM   388 N N   . ALA A 1 59  ? -12.918 -16.661 -2.337  1.00 9.63  ? 59  ALA A N   1 
ATOM   389 C CA  . ALA A 1 59  ? -14.223 -16.929 -1.744  1.00 10.40 ? 59  ALA A CA  1 
ATOM   390 C C   . ALA A 1 59  ? -14.146 -16.827 -0.241  1.00 9.81  ? 59  ALA A C   1 
ATOM   391 O O   . ALA A 1 59  ? -15.259 -16.682 0.335   1.00 14.57 ? 59  ALA A O   1 
ATOM   392 C CB  . ALA A 1 59  ? -14.789 -18.324 -2.159  1.00 12.28 ? 59  ALA A CB  1 
ATOM   393 N N   . ASN A 1 60  ? -12.965 -16.902 0.353   1.00 7.51  ? 60  ASN A N   1 
ATOM   394 C CA  . ASN A 1 60  ? -12.918 -16.787 1.811   1.00 8.68  ? 60  ASN A CA  1 
ATOM   395 C C   . ASN A 1 60  ? -12.593 -15.354 2.223   1.00 10.57 ? 60  ASN A C   1 
ATOM   396 O O   . ASN A 1 60  ? -12.344 -15.115 3.441   1.00 12.92 ? 60  ASN A O   1 
ATOM   397 C CB  . ASN A 1 60  ? -11.797 -17.687 2.349   1.00 9.71  ? 60  ASN A CB  1 
ATOM   398 C CG  . ASN A 1 60  ? -11.977 -19.120 1.818   1.00 15.16 ? 60  ASN A CG  1 
ATOM   399 O OD1 . ASN A 1 60  ? -13.091 -19.605 2.041   1.00 15.21 ? 60  ASN A OD1 1 
ATOM   400 N ND2 . ASN A 1 60  ? -10.979 -19.720 1.168   1.00 12.70 ? 60  ASN A ND2 1 
ATOM   401 N N   . GLY A 1 61  ? -12.516 -14.407 1.319   1.00 8.40  ? 61  GLY A N   1 
ATOM   402 C CA  . GLY A 1 61  ? -12.164 -12.985 1.621   1.00 9.50  ? 61  GLY A CA  1 
ATOM   403 C C   . GLY A 1 61  ? -10.670 -12.800 1.876   1.00 10.24 ? 61  GLY A C   1 
ATOM   404 O O   . GLY A 1 61  ? -10.286 -11.836 2.588   1.00 12.55 ? 61  GLY A O   1 
ATOM   405 N N   . SER A 1 62  ? -9.818  -13.705 1.357   1.00 8.89  ? 62  SER A N   1 
ATOM   406 C CA  . SER A 1 62  ? -8.377  -13.632 1.513   1.00 10.01 ? 62  SER A CA  1 
ATOM   407 C C   . SER A 1 62  ? -7.732  -13.273 0.171   1.00 11.22 ? 62  SER A C   1 
ATOM   408 O O   . SER A 1 62  ? -8.265  -13.543 -0.900  1.00 11.44 ? 62  SER A O   1 
ATOM   409 C CB  . SER A 1 62  ? -7.768  -15.012 1.966   1.00 13.52 ? 62  SER A CB  1 
ATOM   410 O OG  . SER A 1 62  ? -8.224  -15.125 3.308   1.00 21.73 ? 62  SER A OG  1 
ATOM   411 N N   . ALA A 1 63  ? -6.540  -12.683 0.231   1.00 12.31 ? 63  ALA A N   1 
ATOM   412 C CA  . ALA A 1 63  ? -5.798  -12.304 -0.970  1.00 13.43 ? 63  ALA A CA  1 
ATOM   413 C C   . ALA A 1 63  ? -4.299  -12.200 -0.563  1.00 14.11 ? 63  ALA A C   1 
ATOM   414 O O   . ALA A 1 63  ? -3.921  -11.897 0.564   1.00 14.54 ? 63  ALA A O   1 
ATOM   415 C CB  . ALA A 1 63  ? -6.304  -10.964 -1.510  1.00 14.79 ? 63  ALA A CB  1 
ATOM   416 N N   . SER A 1 64  ? -3.464  -12.519 -1.535  1.00 13.87 ? 64  SER A N   1 
ATOM   417 C CA  . SER A 1 64  ? -1.993  -12.463 -1.374  1.00 18.63 ? 64  SER A CA  1 
ATOM   418 C C   . SER A 1 64  ? -1.412  -11.933 -2.711  1.00 20.60 ? 64  SER A C   1 
ATOM   419 O O   . SER A 1 64  ? -1.820  -12.474 -3.773  1.00 17.80 ? 64  SER A O   1 
ATOM   420 C CB  . SER A 1 64  ? -1.252  -13.754 -1.042  1.00 21.44 ? 64  SER A CB  1 
ATOM   421 O OG  . SER A 1 64  ? -1.569  -14.300 0.231   1.00 49.52 ? 64  SER A OG  1 
ATOM   422 N N   . THR A 1 65  ? -0.536  -10.935 -2.671  1.00 12.30 ? 65  THR A N   1 
ATOM   423 C CA  . THR A 1 65  ? 0.088   -10.430 -3.874  1.00 12.38 ? 65  THR A CA  1 
ATOM   424 C C   . THR A 1 65  ? 1.497   -9.894  -3.493  1.00 11.02 ? 65  THR A C   1 
ATOM   425 O O   . THR A 1 65  ? 1.854   -9.863  -2.298  1.00 16.96 ? 65  THR A O   1 
ATOM   426 C CB  . THR A 1 65  ? -0.764  -9.438  -4.692  1.00 14.33 ? 65  THR A CB  1 
ATOM   427 O OG1 . THR A 1 65  ? -0.106  -9.279  -5.980  1.00 23.40 ? 65  THR A OG1 1 
ATOM   428 C CG2 . THR A 1 65  ? -0.927  -8.114  -3.999  1.00 16.72 ? 65  THR A CG2 1 
ATOM   429 N N   . SER A 1 66  ? 2.265   -9.605  -4.522  1.00 11.16 ? 66  SER A N   1 
ATOM   430 C CA  . SER A 1 66  ? 3.614   -9.059  -4.366  1.00 11.16 ? 66  SER A CA  1 
ATOM   431 C C   . SER A 1 66  ? 3.544   -7.554  -4.704  1.00 16.06 ? 66  SER A C   1 
ATOM   432 O O   . SER A 1 66  ? 2.647   -7.190  -5.499  1.00 15.61 ? 66  SER A O   1 
ATOM   433 C CB  . SER A 1 66  ? 4.607   -9.644  -5.385  1.00 17.77 ? 66  SER A CB  1 
ATOM   434 O OG  . SER A 1 66  ? 4.868   -11.009 -5.049  1.00 30.25 ? 66  SER A OG  1 
ATOM   435 N N   . LEU A 1 67  ? 4.455   -6.810  -4.074  1.00 9.62  ? 67  LEU A N   1 
ATOM   436 C CA  . LEU A 1 67  ? 4.525   -5.369  -4.334  1.00 8.97  ? 67  LEU A CA  1 
ATOM   437 C C   . LEU A 1 67  ? 6.001   -4.959  -4.356  1.00 8.76  ? 67  LEU A C   1 
ATOM   438 O O   . LEU A 1 67  ? 6.723   -5.390  -3.479  1.00 9.65  ? 67  LEU A O   1 
ATOM   439 C CB  . LEU A 1 67  ? 3.762   -4.530  -3.285  1.00 9.59  ? 67  LEU A CB  1 
ATOM   440 C CG  . LEU A 1 67  ? 3.755   -2.986  -3.519  1.00 12.39 ? 67  LEU A CG  1 
ATOM   441 C CD1 . LEU A 1 67  ? 2.810   -2.594  -4.636  1.00 12.75 ? 67  LEU A CD1 1 
ATOM   442 C CD2 . LEU A 1 67  ? 3.347   -2.269  -2.228  1.00 17.23 ? 67  LEU A CD2 1 
ATOM   443 N N   . THR A 1 68  ? 6.421   -4.153  -5.318  1.00 8.67  ? 68  THR A N   1 
ATOM   444 C CA  . THR A 1 68  ? 7.803   -3.682  -5.338  1.00 8.81  ? 68  THR A CA  1 
ATOM   445 C C   . THR A 1 68  ? 7.768   -2.328  -4.588  1.00 9.53  ? 68  THR A C   1 
ATOM   446 O O   . THR A 1 68  ? 6.942   -1.471  -4.985  1.00 10.54 ? 68  THR A O   1 
ATOM   447 C CB  . THR A 1 68  ? 8.350   -3.459  -6.776  1.00 9.41  ? 68  THR A CB  1 
ATOM   448 O OG1 . THR A 1 68  ? 8.279   -4.735  -7.416  1.00 12.27 ? 68  THR A OG1 1 
ATOM   449 C CG2 . THR A 1 68  ? 9.767   -2.900  -6.707  1.00 10.83 ? 68  THR A CG2 1 
ATOM   450 N N   . VAL A 1 69  ? 8.577   -2.260  -3.530  1.00 7.74  ? 69  VAL A N   1 
ATOM   451 C CA  . VAL A 1 69  ? 8.603   -1.002  -2.727  1.00 9.37  ? 69  VAL A CA  1 
ATOM   452 C C   . VAL A 1 69  ? 9.788   -0.141  -3.148  1.00 8.89  ? 69  VAL A C   1 
ATOM   453 O O   . VAL A 1 69  ? 10.820  -0.587  -3.635  1.00 9.90  ? 69  VAL A O   1 
ATOM   454 C CB  . VAL A 1 69  ? 8.546   -1.296  -1.222  1.00 8.95  ? 69  VAL A CB  1 
ATOM   455 C CG1 . VAL A 1 69  ? 7.217   -1.957  -0.835  1.00 10.34 ? 69  VAL A CG1 1 
ATOM   456 C CG2 . VAL A 1 69  ? 9.724   -2.157  -0.738  1.00 12.98 ? 69  VAL A CG2 1 
ATOM   457 N N   . ARG A 1 70  ? 9.620   1.171   -2.919  1.00 9.34  ? 70  ARG A N   1 
ATOM   458 C CA  . ARG A 1 70  ? 10.643  2.171   -3.260  1.00 9.48  ? 70  ARG A CA  1 
ATOM   459 C C   . ARG A 1 70  ? 11.070  2.958   -2.024  1.00 9.60  ? 70  ARG A C   1 
ATOM   460 O O   . ARG A 1 70  ? 10.176  3.378   -1.258  1.00 11.15 ? 70  ARG A O   1 
ATOM   461 C CB  . ARG A 1 70  ? 10.097  3.221   -4.308  1.00 9.77  ? 70  ARG A CB  1 
ATOM   462 C CG  . ARG A 1 70  ? 9.609   2.518   -5.595  1.00 10.51 ? 70  ARG A CG  1 
ATOM   463 C CD  . ARG A 1 70  ? 10.751  1.754   -6.313  1.00 10.09 ? 70  ARG A CD  1 
ATOM   464 N NE  . ARG A 1 70  ? 10.111  1.063   -7.452  1.00 12.11 ? 70  ARG A NE  1 
ATOM   465 C CZ  . ARG A 1 70  ? 10.788  0.229   -8.272  1.00 16.59 ? 70  ARG A CZ  1 
ATOM   466 N NH1 . ARG A 1 70  ? 12.088  0.037   -8.081  1.00 13.28 ? 70  ARG A NH1 1 
ATOM   467 N NH2 . ARG A 1 70  ? 10.145  -0.393  -9.268  1.00 13.63 ? 70  ARG A NH2 1 
ATOM   468 N N   . ARG A 1 71  ? 12.354  3.232   -1.837  1.00 8.90  ? 71  ARG A N   1 
ATOM   469 C CA  . ARG A 1 71  ? 12.804  4.058   -0.711  1.00 10.01 ? 71  ARG A CA  1 
ATOM   470 C C   . ARG A 1 71  ? 12.322  5.522   -0.896  1.00 12.39 ? 71  ARG A C   1 
ATOM   471 O O   . ARG A 1 71  ? 11.968  6.231   0.082   1.00 12.78 ? 71  ARG A O   1 
ATOM   472 C CB  . ARG A 1 71  ? 14.313  3.953   -0.626  1.00 11.88 ? 71  ARG A CB  1 
ATOM   473 C CG  . ARG A 1 71  ? 14.891  4.684   0.621   1.00 22.65 ? 71  ARG A CG  1 
ATOM   474 C CD  . ARG A 1 71  ? 16.167  3.944   1.002   1.00 47.27 ? 71  ARG A CD  1 
ATOM   475 N NE  . ARG A 1 71  ? 17.088  4.575   1.905   1.00 82.29 ? 71  ARG A NE  1 
ATOM   476 C CZ  . ARG A 1 71  ? 17.886  4.243   2.922   1.00 89.27 ? 71  ARG A CZ  1 
ATOM   477 N NH1 . ARG A 1 71  ? 18.066  3.041   3.492   1.00 71.03 ? 71  ARG A NH1 1 
ATOM   478 N NH2 . ARG A 1 71  ? 18.619  5.258   3.451   1.00 96.44 ? 71  ARG A NH2 1 
ATOM   479 N N   . SER A 1 72  ? 12.342  5.934   -2.178  1.00 10.52 ? 72  SER A N   1 
ATOM   480 C CA  . SER A 1 72  ? 11.818  7.317   -2.430  1.00 13.89 ? 72  SER A CA  1 
ATOM   481 C C   . SER A 1 72  ? 11.074  7.217   -3.749  1.00 11.96 ? 72  SER A C   1 
ATOM   482 O O   . SER A 1 72  ? 11.392  6.314   -4.547  1.00 13.34 ? 72  SER A O   1 
ATOM   483 C CB  . SER A 1 72  ? 12.879  8.397   -2.268  1.00 19.94 ? 72  SER A CB  1 
ATOM   484 O OG  . SER A 1 72  ? 13.755  8.362   -3.337  1.00 25.54 ? 72  SER A OG  1 
ATOM   485 N N   . PHE A 1 73  ? 10.094  8.116   -3.903  1.00 9.75  ? 73  PHE A N   1 
ATOM   486 C CA  . PHE A 1 73  ? 9.309   8.092   -5.127  1.00 8.91  ? 73  PHE A CA  1 
ATOM   487 C C   . PHE A 1 73  ? 8.639   9.473   -5.329  1.00 11.11 ? 73  PHE A C   1 
ATOM   488 O O   . PHE A 1 73  ? 8.497   10.285  -4.360  1.00 13.51 ? 73  PHE A O   1 
ATOM   489 C CB  . PHE A 1 73  ? 8.233   6.937   -5.029  1.00 9.62  ? 73  PHE A CB  1 
ATOM   490 C CG  . PHE A 1 73  ? 7.269   7.076   -3.876  1.00 10.38 ? 73  PHE A CG  1 
ATOM   491 C CD1 . PHE A 1 73  ? 6.104   7.840   -3.999  1.00 8.74  ? 73  PHE A CD1 1 
ATOM   492 C CD2 . PHE A 1 73  ? 7.551   6.432   -2.646  1.00 12.50 ? 73  PHE A CD2 1 
ATOM   493 C CE1 . PHE A 1 73  ? 5.257   7.953   -2.880  1.00 11.15 ? 73  PHE A CE1 1 
ATOM   494 C CE2 . PHE A 1 73  ? 6.717   6.546   -1.554  1.00 10.87 ? 73  PHE A CE2 1 
ATOM   495 C CZ  . PHE A 1 73  ? 5.543   7.330   -1.646  1.00 13.07 ? 73  PHE A CZ  1 
ATOM   496 N N   . GLU A 1 74  ? 8.242   9.662   -6.592  1.00 12.52 ? 74  GLU A N   1 
ATOM   497 C CA  . GLU A 1 74  ? 7.497   10.919  -6.885  1.00 14.18 ? 74  GLU A CA  1 
ATOM   498 C C   . GLU A 1 74  ? 6.035   10.629  -6.430  1.00 13.07 ? 74  GLU A C   1 
ATOM   499 O O   . GLU A 1 74  ? 5.364   9.785   -7.023  1.00 13.83 ? 74  GLU A O   1 
ATOM   500 C CB  . GLU A 1 74  ? 7.618   11.201  -8.352  1.00 22.48 ? 74  GLU A CB  1 
ATOM   501 C CG  . GLU A 1 74  ? 7.008   12.509  -8.826  1.00 44.37 ? 74  GLU A CG  1 
ATOM   502 C CD  . GLU A 1 74  ? 7.344   12.647  -10.318 1.00 62.01 ? 74  GLU A CD  1 
ATOM   503 O OE1 . GLU A 1 74  ? 7.086   11.739  -11.158 1.00 62.79 ? 74  GLU A OE1 1 
ATOM   504 O OE2 . GLU A 1 74  ? 7.909   13.709  -10.673 1.00 75.44 ? 74  GLU A OE2 1 
ATOM   505 N N   . GLY A 1 75  ? 5.611   11.358  -5.403  1.00 12.10 ? 75  GLY A N   1 
ATOM   506 C CA  . GLY A 1 75  ? 4.278   11.188  -4.818  1.00 11.65 ? 75  GLY A CA  1 
ATOM   507 C C   . GLY A 1 75  ? 3.194   11.944  -5.604  1.00 14.88 ? 75  GLY A C   1 
ATOM   508 O O   . GLY A 1 75  ? 3.418   13.075  -6.068  1.00 15.05 ? 75  GLY A O   1 
ATOM   509 N N   . PHE A 1 76  ? 2.043   11.263  -5.716  1.00 12.18 ? 76  PHE A N   1 
ATOM   510 C CA  . PHE A 1 76  ? 0.867   11.825  -6.402  1.00 12.21 ? 76  PHE A CA  1 
ATOM   511 C C   . PHE A 1 76  ? -0.331  11.808  -5.441  1.00 13.02 ? 76  PHE A C   1 
ATOM   512 O O   . PHE A 1 76  ? -0.468  10.801  -4.723  1.00 10.27 ? 76  PHE A O   1 
ATOM   513 C CB  . PHE A 1 76  ? 0.474   11.047  -7.684  1.00 10.32 ? 76  PHE A CB  1 
ATOM   514 C CG  . PHE A 1 76  ? 1.484   11.275  -8.753  1.00 15.07 ? 76  PHE A CG  1 
ATOM   515 C CD1 . PHE A 1 76  ? 2.721   10.608  -8.721  1.00 15.88 ? 76  PHE A CD1 1 
ATOM   516 C CD2 . PHE A 1 76  ? 1.208   12.207  -9.739  1.00 24.49 ? 76  PHE A CD2 1 
ATOM   517 C CE1 . PHE A 1 76  ? 3.679   10.846  -9.699  1.00 19.38 ? 76  PHE A CE1 1 
ATOM   518 C CE2 . PHE A 1 76  ? 2.185   12.459  -10.714 1.00 26.01 ? 76  PHE A CE2 1 
ATOM   519 C CZ  . PHE A 1 76  ? 3.386   11.789  -10.694 1.00 18.95 ? 76  PHE A CZ  1 
ATOM   520 N N   . LEU A 1 77  ? -1.142  12.887  -5.461  1.00 11.80 ? 77  LEU A N   1 
ATOM   521 C CA  . LEU A 1 77  ? -2.349  12.928  -4.632  1.00 11.21 ? 77  LEU A CA  1 
ATOM   522 C C   . LEU A 1 77  ? -3.488  12.211  -5.368  1.00 11.95 ? 77  LEU A C   1 
ATOM   523 O O   . LEU A 1 77  ? -3.376  11.873  -6.568  1.00 13.01 ? 77  LEU A O   1 
ATOM   524 C CB  . LEU A 1 77  ? -2.749  14.411  -4.388  1.00 12.45 ? 77  LEU A CB  1 
ATOM   525 C CG  . LEU A 1 77  ? -1.635  15.186  -3.672  1.00 15.98 ? 77  LEU A CG  1 
ATOM   526 C CD1 . LEU A 1 77  ? -2.211  16.561  -3.373  1.00 22.62 ? 77  LEU A CD1 1 
ATOM   527 C CD2 . LEU A 1 77  ? -1.199  14.560  -2.353  1.00 16.55 ? 77  LEU A CD2 1 
ATOM   528 N N   . PHE A 1 78  ? -4.582  11.967  -4.624  1.00 11.39 ? 78  PHE A N   1 
ATOM   529 C CA  . PHE A 1 78  ? -5.748  11.263  -5.235  1.00 13.96 ? 78  PHE A CA  1 
ATOM   530 C C   . PHE A 1 78  ? -6.307  11.930  -6.491  1.00 15.31 ? 78  PHE A C   1 
ATOM   531 O O   . PHE A 1 78  ? -6.826  11.259  -7.391  1.00 16.05 ? 78  PHE A O   1 
ATOM   532 C CB  . PHE A 1 78  ? -6.924  11.129  -4.239  1.00 12.54 ? 78  PHE A CB  1 
ATOM   533 C CG  . PHE A 1 78  ? -6.701  10.136  -3.133  1.00 13.06 ? 78  PHE A CG  1 
ATOM   534 C CD1 . PHE A 1 78  ? -5.685  9.174   -3.201  1.00 14.48 ? 78  PHE A CD1 1 
ATOM   535 C CD2 . PHE A 1 78  ? -7.491  10.197  -1.996  1.00 19.52 ? 78  PHE A CD2 1 
ATOM   536 C CE1 . PHE A 1 78  ? -5.486  8.298   -2.160  1.00 14.69 ? 78  PHE A CE1 1 
ATOM   537 C CE2 . PHE A 1 78  ? -7.317  9.287   -0.955  1.00 17.46 ? 78  PHE A CE2 1 
ATOM   538 C CZ  . PHE A 1 78  ? -6.290  8.340   -1.041  1.00 15.97 ? 78  PHE A CZ  1 
ATOM   539 N N   . ASP A 1 79  ? -6.212  13.275  -6.472  1.00 16.19 ? 79  ASP A N   1 
ATOM   540 C CA  . ASP A 1 79  ? -6.711  14.046  -7.621  1.00 19.93 ? 79  ASP A CA  1 
ATOM   541 C C   . ASP A 1 79  ? -5.729  14.015  -8.779  1.00 26.99 ? 79  ASP A C   1 
ATOM   542 O O   . ASP A 1 79  ? -6.025  14.635  -9.811  1.00 30.03 ? 79  ASP A O   1 
ATOM   543 C CB  . ASP A 1 79  ? -7.052  15.472  -7.199  1.00 14.56 ? 79  ASP A CB  1 
ATOM   544 C CG  . ASP A 1 79  ? -5.771  16.266  -7.020  1.00 25.98 ? 79  ASP A CG  1 
ATOM   545 O OD1 . ASP A 1 79  ? -4.633  15.761  -7.146  1.00 22.75 ? 79  ASP A OD1 1 
ATOM   546 O OD2 . ASP A 1 79  ? -5.947  17.476  -6.709  1.00 38.74 ? 79  ASP A OD2 1 
ATOM   547 N N   . GLY A 1 80  ? -4.577  13.348  -8.635  1.00 24.36 ? 80  GLY A N   1 
ATOM   548 C CA  . GLY A 1 80  ? -3.623  13.252  -9.740  1.00 24.00 ? 80  GLY A CA  1 
ATOM   549 C C   . GLY A 1 80  ? -2.540  14.329  -9.781  1.00 21.31 ? 80  GLY A C   1 
ATOM   550 O O   . GLY A 1 80  ? -1.687  14.250  -10.687 1.00 24.95 ? 80  GLY A O   1 
ATOM   551 N N   . THR A 1 81  ? -2.620  15.226  -8.819  1.00 18.31 ? 81  THR A N   1 
ATOM   552 C CA  . THR A 1 81  ? -1.593  16.263  -8.703  1.00 23.66 ? 81  THR A CA  1 
ATOM   553 C C   . THR A 1 81  ? -0.270  15.651  -8.236  1.00 23.16 ? 81  THR A C   1 
ATOM   554 O O   . THR A 1 81  ? -0.221  14.814  -7.328  1.00 17.69 ? 81  THR A O   1 
ATOM   555 C CB  . THR A 1 81  ? -2.040  17.207  -7.558  1.00 26.70 ? 81  THR A CB  1 
ATOM   556 O OG1 . THR A 1 81  ? -3.018  18.063  -8.133  1.00 35.88 ? 81  THR A OG1 1 
ATOM   557 C CG2 . THR A 1 81  ? -0.919  18.031  -6.938  1.00 35.41 ? 81  THR A CG2 1 
ATOM   558 N N   . ARG A 1 82  ? 0.810   16.110  -8.853  1.00 23.16 ? 82  ARG A N   1 
ATOM   559 C CA  . ARG A 1 82  ? 2.176   15.651  -8.485  1.00 22.25 ? 82  ARG A CA  1 
ATOM   560 C C   . ARG A 1 82  ? 2.501   16.415  -7.211  1.00 23.77 ? 82  ARG A C   1 
ATOM   561 O O   . ARG A 1 82  ? 2.499   17.668  -7.210  1.00 32.21 ? 82  ARG A O   1 
ATOM   562 C CB  . ARG A 1 82  ? 3.253   15.885  -9.555  1.00 21.00 ? 82  ARG A CB  1 
ATOM   563 C CG  . ARG A 1 82  ? 4.645   15.686  -8.941  1.00 33.69 ? 82  ARG A CG  1 
ATOM   564 C CD  . ARG A 1 82  ? 5.711   16.137  -9.949  1.00 48.25 ? 82  ARG A CD  1 
ATOM   565 N NE  . ARG A 1 82  ? 7.043   15.837  -9.426  1.00 56.79 ? 82  ARG A NE  1 
ATOM   566 C CZ  . ARG A 1 82  ? 7.766   16.494  -8.528  1.00 76.35 ? 82  ARG A CZ  1 
ATOM   567 N NH1 . ARG A 1 82  ? 7.265   17.611  -7.989  1.00 83.10 ? 82  ARG A NH1 1 
ATOM   568 N NH2 . ARG A 1 82  ? 8.982   16.068  -8.158  1.00 76.39 ? 82  ARG A NH2 1 
ATOM   569 N N   . TRP A 1 83  ? 2.767   15.742  -6.108  1.00 18.91 ? 83  TRP A N   1 
ATOM   570 C CA  . TRP A 1 83  ? 3.064   16.353  -4.829  1.00 13.04 ? 83  TRP A CA  1 
ATOM   571 C C   . TRP A 1 83  ? 4.560   16.660  -4.654  1.00 22.07 ? 83  TRP A C   1 
ATOM   572 O O   . TRP A 1 83  ? 4.889   17.702  -4.065  1.00 21.99 ? 83  TRP A O   1 
ATOM   573 C CB  . TRP A 1 83  ? 2.653   15.468  -3.663  1.00 16.70 ? 83  TRP A CB  1 
ATOM   574 C CG  . TRP A 1 83  ? 2.851   16.055  -2.318  1.00 14.29 ? 83  TRP A CG  1 
ATOM   575 C CD1 . TRP A 1 83  ? 1.998   16.969  -1.705  1.00 18.16 ? 83  TRP A CD1 1 
ATOM   576 C CD2 . TRP A 1 83  ? 3.950   15.859  -1.424  1.00 13.64 ? 83  TRP A CD2 1 
ATOM   577 N NE1 . TRP A 1 83  ? 2.514   17.296  -0.476  1.00 18.45 ? 83  TRP A NE1 1 
ATOM   578 C CE2 . TRP A 1 83  ? 3.704   16.663  -0.283  1.00 16.47 ? 83  TRP A CE2 1 
ATOM   579 C CE3 . TRP A 1 83  ? 5.130   15.095  -1.539  1.00 13.08 ? 83  TRP A CE3 1 
ATOM   580 C CZ2 . TRP A 1 83  ? 4.578   16.693  0.798   1.00 20.70 ? 83  TRP A CZ2 1 
ATOM   581 C CZ3 . TRP A 1 83  ? 5.982   15.137  -0.461  1.00 20.95 ? 83  TRP A CZ3 1 
ATOM   582 C CH2 . TRP A 1 83  ? 5.705   15.918  0.680   1.00 24.36 ? 83  TRP A CH2 1 
ATOM   583 N N   . GLY A 1 84  ? 5.397   15.762  -5.149  1.00 16.20 ? 84  GLY A N   1 
ATOM   584 C CA  . GLY A 1 84  ? 6.836   15.951  -4.984  1.00 16.71 ? 84  GLY A CA  1 
ATOM   585 C C   . GLY A 1 84  ? 7.415   14.594  -4.548  1.00 18.19 ? 84  GLY A C   1 
ATOM   586 O O   . GLY A 1 84  ? 6.700   13.596  -4.443  1.00 17.08 ? 84  GLY A O   1 
ATOM   587 N N   . THR A 1 85  ? 8.709   14.725  -4.275  1.00 16.07 ? 85  THR A N   1 
ATOM   588 C CA  . THR A 1 85  ? 9.473   13.527  -3.846  1.00 19.25 ? 85  THR A CA  1 
ATOM   589 C C   . THR A 1 85  ? 9.228   13.160  -2.384  1.00 17.17 ? 85  THR A C   1 
ATOM   590 O O   . THR A 1 85  ? 9.298   13.965  -1.447  1.00 16.98 ? 85  THR A O   1 
ATOM   591 C CB  . THR A 1 85  ? 11.001  13.691  -4.139  1.00 26.82 ? 85  THR A CB  1 
ATOM   592 O OG1 . THR A 1 85  ? 11.196  13.968  -5.555  1.00 27.63 ? 85  THR A OG1 1 
ATOM   593 C CG2 . THR A 1 85  ? 11.751  12.417  -3.783  1.00 25.86 ? 85  THR A CG2 1 
ATOM   594 N N   . VAL A 1 86  ? 8.878   11.863  -2.243  1.00 15.22 ? 86  VAL A N   1 
ATOM   595 C CA  . VAL A 1 86  ? 8.667   11.328  -0.898  1.00 14.15 ? 86  VAL A CA  1 
ATOM   596 C C   . VAL A 1 86  ? 9.875   10.425  -0.551  1.00 14.96 ? 86  VAL A C   1 
ATOM   597 O O   . VAL A 1 86  ? 10.158  9.551   -1.388  1.00 15.65 ? 86  VAL A O   1 
ATOM   598 C CB  . VAL A 1 86  ? 7.381   10.464  -0.773  1.00 17.70 ? 86  VAL A CB  1 
ATOM   599 C CG1 . VAL A 1 86  ? 7.316   9.803   0.604   1.00 16.36 ? 86  VAL A CG1 1 
ATOM   600 C CG2 . VAL A 1 86  ? 6.154   11.331  -1.037  1.00 16.04 ? 86  VAL A CG2 1 
ATOM   601 N N   . ASP A 1 87  ? 10.459  10.723  0.603   1.00 11.40 ? 87  ASP A N   1 
ATOM   602 C CA  . ASP A 1 87  ? 11.585  9.913   1.101   1.00 12.91 ? 87  ASP A CA  1 
ATOM   603 C C   . ASP A 1 87  ? 11.083  9.137   2.314   1.00 10.10 ? 87  ASP A C   1 
ATOM   604 O O   . ASP A 1 87  ? 10.829  9.730   3.349   1.00 11.63 ? 87  ASP A O   1 
ATOM   605 C CB  . ASP A 1 87  ? 12.760  10.779  1.557   1.00 16.32 ? 87  ASP A CB  1 
ATOM   606 C CG  . ASP A 1 87  ? 13.978  9.955   1.961   1.00 21.38 ? 87  ASP A CG  1 
ATOM   607 O OD1 . ASP A 1 87  ? 13.903  8.818   2.453   1.00 18.25 ? 87  ASP A OD1 1 
ATOM   608 O OD2 . ASP A 1 87  ? 15.144  10.446  1.767   1.00 27.62 ? 87  ASP A OD2 1 
ATOM   609 N N   . CYS A 1 88  ? 10.961  7.817   2.203   1.00 10.88 ? 88  CYS A N   1 
ATOM   610 C CA  . CYS A 1 88  ? 10.459  6.961   3.287   1.00 9.13  ? 88  CYS A CA  1 
ATOM   611 C C   . CYS A 1 88  ? 11.377  6.859   4.468   1.00 12.56 ? 88  CYS A C   1 
ATOM   612 O O   . CYS A 1 88  ? 10.975  6.151   5.401   1.00 17.01 ? 88  CYS A O   1 
ATOM   613 C CB  . CYS A 1 88  ? 10.023  5.562   2.745   1.00 8.83  ? 88  CYS A CB  1 
ATOM   614 S SG  . CYS A 1 88  ? 8.647   5.757   1.560   1.00 11.61 ? 88  CYS A SG  1 
ATOM   615 N N   . THR A 1 89  ? 12.553  7.476   4.438   1.00 14.11 ? 89  THR A N   1 
ATOM   616 C CA  . THR A 1 89  ? 13.401  7.416   5.654   1.00 18.38 ? 89  THR A CA  1 
ATOM   617 C C   . THR A 1 89  ? 13.044  8.667   6.468   1.00 21.63 ? 89  THR A C   1 
ATOM   618 O O   . THR A 1 89  ? 13.358  8.721   7.650   1.00 22.35 ? 89  THR A O   1 
ATOM   619 C CB  . THR A 1 89  ? 14.890  7.236   5.383   1.00 24.41 ? 89  THR A CB  1 
ATOM   620 O OG1 . THR A 1 89  ? 15.477  8.398   4.730   1.00 20.84 ? 89  THR A OG1 1 
ATOM   621 C CG2 . THR A 1 89  ? 15.138  5.983   4.549   1.00 16.84 ? 89  THR A CG2 1 
ATOM   622 N N   . THR A 1 90  ? 12.347  9.658   5.872   1.00 16.26 ? 90  THR A N   1 
ATOM   623 C CA  . THR A 1 90  ? 12.002  10.828  6.678   1.00 21.65 ? 90  THR A CA  1 
ATOM   624 C C   . THR A 1 90  ? 10.526  11.147  6.656   1.00 27.30 ? 90  THR A C   1 
ATOM   625 O O   . THR A 1 90  ? 10.155  12.316  6.930   1.00 33.83 ? 90  THR A O   1 
ATOM   626 C CB  . THR A 1 90  ? 12.716  12.092  6.125   1.00 24.23 ? 90  THR A CB  1 
ATOM   627 O OG1 . THR A 1 90  ? 12.319  12.382  4.755   1.00 24.88 ? 90  THR A OG1 1 
ATOM   628 C CG2 . THR A 1 90  ? 14.215  11.900  6.044   1.00 38.26 ? 90  THR A CG2 1 
ATOM   629 N N   . ALA A 1 91  ? 9.712   10.257  6.207   1.00 19.16 ? 91  ALA A N   1 
ATOM   630 C CA  . ALA A 1 91  ? 8.270   10.327  6.045   1.00 18.31 ? 91  ALA A CA  1 
ATOM   631 C C   . ALA A 1 91  ? 7.779   8.921   6.471   1.00 19.04 ? 91  ALA A C   1 
ATOM   632 O O   . ALA A 1 91  ? 8.580   7.982   6.322   1.00 19.87 ? 91  ALA A O   1 
ATOM   633 C CB  . ALA A 1 91  ? 7.821   10.598  4.614   1.00 15.51 ? 91  ALA A CB  1 
ATOM   634 N N   . ALA A 1 92  ? 6.546   8.882   6.961   1.00 20.82 ? 92  ALA A N   1 
ATOM   635 C CA  . ALA A 1 92  ? 5.950   7.609   7.392   1.00 24.12 ? 92  ALA A CA  1 
ATOM   636 C C   . ALA A 1 92  ? 5.197   6.972   6.202   1.00 19.16 ? 92  ALA A C   1 
ATOM   637 O O   . ALA A 1 92  ? 4.056   7.347   5.869   1.00 23.11 ? 92  ALA A O   1 
ATOM   638 C CB  . ALA A 1 92  ? 4.968   7.900   8.510   1.00 21.86 ? 92  ALA A CB  1 
ATOM   639 N N   . CYS A 1 93  ? 5.927   6.009   5.611   1.00 14.16 ? 93  CYS A N   1 
ATOM   640 C CA  . CYS A 1 93  ? 5.358   5.277   4.460   1.00 11.89 ? 93  CYS A CA  1 
ATOM   641 C C   . CYS A 1 93  ? 4.630   4.013   4.920   1.00 11.40 ? 93  CYS A C   1 
ATOM   642 O O   . CYS A 1 93  ? 4.973   3.433   5.975   1.00 13.04 ? 93  CYS A O   1 
ATOM   643 C CB  . CYS A 1 93  ? 6.464   4.901   3.440   1.00 7.55  ? 93  CYS A CB  1 
ATOM   644 S SG  . CYS A 1 93  ? 7.093   6.452   2.726   1.00 10.85 ? 93  CYS A SG  1 
ATOM   645 N N   . GLN A 1 94  ? 3.634   3.662   4.117   1.00 10.24 ? 94  GLN A N   1 
ATOM   646 C CA  . GLN A 1 94  ? 2.844   2.470   4.467   1.00 8.11  ? 94  GLN A CA  1 
ATOM   647 C C   . GLN A 1 94  ? 2.390   1.796   3.165   1.00 12.90 ? 94  GLN A C   1 
ATOM   648 O O   . GLN A 1 94  ? 2.473   2.388   2.090   1.00 10.68 ? 94  GLN A O   1 
ATOM   649 C CB  . GLN A 1 94  ? 1.603   2.839   5.268   1.00 12.33 ? 94  GLN A CB  1 
ATOM   650 C CG  . GLN A 1 94  ? 0.765   3.819   4.430   1.00 21.22 ? 94  GLN A CG  1 
ATOM   651 C CD  . GLN A 1 94  ? -0.616  3.987   5.090   1.00 49.87 ? 94  GLN A CD  1 
ATOM   652 O OE1 . GLN A 1 94  ? -0.643  4.140   6.343   1.00 32.17 ? 94  GLN A OE1 1 
ATOM   653 N NE2 . GLN A 1 94  ? -1.656  3.918   4.234   1.00 31.34 ? 94  GLN A NE2 1 
ATOM   654 N N   . VAL A 1 95  ? 1.970   0.540   3.365   1.00 10.03 ? 95  VAL A N   1 
ATOM   655 C CA  . VAL A 1 95  ? 1.451   -0.268  2.241   1.00 7.83  ? 95  VAL A CA  1 
ATOM   656 C C   . VAL A 1 95  ? 0.014   -0.617  2.643   1.00 12.07 ? 95  VAL A C   1 
ATOM   657 O O   . VAL A 1 95  ? -0.292  -0.938  3.825   1.00 13.33 ? 95  VAL A O   1 
ATOM   658 C CB  . VAL A 1 95  ? 2.321   -1.510  2.047   1.00 8.96  ? 95  VAL A CB  1 
ATOM   659 C CG1 . VAL A 1 95  ? 1.608   -2.402  1.024   1.00 14.50 ? 95  VAL A CG1 1 
ATOM   660 C CG2 . VAL A 1 95  ? 3.676   -1.107  1.476   1.00 14.28 ? 95  VAL A CG2 1 
ATOM   661 N N   . GLY A 1 96  ? -0.871  -0.497  1.692   1.00 11.57 ? 96  GLY A N   1 
ATOM   662 C CA  . GLY A 1 96  ? -2.301  -0.768  1.965   1.00 18.23 ? 96  GLY A CA  1 
ATOM   663 C C   . GLY A 1 96  ? -3.036  -1.324  0.734   1.00 15.79 ? 96  GLY A C   1 
ATOM   664 O O   . GLY A 1 96  ? -2.529  -1.348  -0.383  1.00 12.79 ? 96  GLY A O   1 
ATOM   665 N N   . LEU A 1 97  ? -4.251  -1.808  0.988   1.00 12.74 ? 97  LEU A N   1 
ATOM   666 C CA  . LEU A 1 97  ? -5.119  -2.370  -0.031  1.00 13.10 ? 97  LEU A CA  1 
ATOM   667 C C   . LEU A 1 97  ? -6.456  -1.597  0.061   1.00 11.99 ? 97  LEU A C   1 
ATOM   668 O O   . LEU A 1 97  ? -6.854  -1.319  1.215   1.00 13.48 ? 97  LEU A O   1 
ATOM   669 C CB  . LEU A 1 97  ? -5.551  -3.813  0.222   1.00 19.31 ? 97  LEU A CB  1 
ATOM   670 C CG  . LEU A 1 97  ? -4.546  -4.944  0.239   1.00 25.60 ? 97  LEU A CG  1 
ATOM   671 C CD1 . LEU A 1 97  ? -4.292  -5.336  1.700   1.00 30.42 ? 97  LEU A CD1 1 
ATOM   672 C CD2 . LEU A 1 97  ? -5.036  -6.103  -0.598  1.00 22.11 ? 97  LEU A CD2 1 
ATOM   673 N N   . SER A 1 98  ? -7.020  -1.364  -1.119  1.00 9.32  ? 98  SER A N   1 
ATOM   674 C CA  . SER A 1 98  ? -8.339  -0.710  -1.068  1.00 11.11 ? 98  SER A CA  1 
ATOM   675 C C   . SER A 1 98  ? -9.122  -1.135  -2.304  1.00 10.20 ? 98  SER A C   1 
ATOM   676 O O   . SER A 1 98  ? -8.499  -1.349  -3.350  1.00 12.48 ? 98  SER A O   1 
ATOM   677 C CB  . SER A 1 98  ? -8.240  0.788   -0.923  1.00 17.76 ? 98  SER A CB  1 
ATOM   678 O OG  . SER A 1 98  ? -7.569  1.330   -2.023  1.00 20.81 ? 98  SER A OG  1 
ATOM   679 N N   . ASP A 1 99  ? -10.418 -1.160  -2.102  1.00 9.64  ? 99  ASP A N   1 
ATOM   680 C CA  . ASP A 1 99  ? -11.338 -1.529  -3.194  1.00 11.80 ? 99  ASP A CA  1 
ATOM   681 C C   . ASP A 1 99  ? -11.598 -0.322  -4.093  1.00 10.98 ? 99  ASP A C   1 
ATOM   682 O O   . ASP A 1 99  ? -11.021 0.767   -3.892  1.00 12.02 ? 99  ASP A O   1 
ATOM   683 C CB  . ASP A 1 99  ? -12.558 -2.230  -2.614  1.00 10.24 ? 99  ASP A CB  1 
ATOM   684 C CG  . ASP A 1 99  ? -13.440 -1.262  -1.813  1.00 19.53 ? 99  ASP A CG  1 
ATOM   685 O OD1 . ASP A 1 99  ? -13.295 -0.019  -1.833  1.00 13.38 ? 99  ASP A OD1 1 
ATOM   686 O OD2 . ASP A 1 99  ? -14.338 -1.829  -1.138  1.00 22.07 ? 99  ASP A OD2 1 
ATOM   687 N N   . ALA A 1 100 ? -12.510 -0.521  -5.065  1.00 12.13 ? 100 ALA A N   1 
ATOM   688 C CA  . ALA A 1 100 ? -12.794 0.567   -6.034  1.00 19.23 ? 100 ALA A CA  1 
ATOM   689 C C   . ALA A 1 100 ? -13.318 1.863   -5.429  1.00 20.46 ? 100 ALA A C   1 
ATOM   690 O O   . ALA A 1 100 ? -13.270 2.923   -6.081  1.00 19.93 ? 100 ALA A O   1 
ATOM   691 C CB  . ALA A 1 100 ? -13.718 0.088   -7.177  1.00 14.98 ? 100 ALA A CB  1 
ATOM   692 N N   . ALA A 1 101 ? -13.844 1.770   -4.210  1.00 21.03 ? 101 ALA A N   1 
ATOM   693 C CA  . ALA A 1 101 ? -14.416 2.877   -3.432  1.00 23.41 ? 101 ALA A CA  1 
ATOM   694 C C   . ALA A 1 101 ? -13.443 3.442   -2.398  1.00 26.71 ? 101 ALA A C   1 
ATOM   695 O O   . ALA A 1 101 ? -13.820 4.338   -1.620  1.00 24.31 ? 101 ALA A O   1 
ATOM   696 C CB  . ALA A 1 101 ? -15.694 2.367   -2.749  1.00 21.03 ? 101 ALA A CB  1 
ATOM   697 N N   . GLY A 1 102 ? -12.226 2.926   -2.367  1.00 17.84 ? 102 GLY A N   1 
ATOM   698 C CA  . GLY A 1 102 ? -11.229 3.386   -1.420  1.00 16.23 ? 102 GLY A CA  1 
ATOM   699 C C   . GLY A 1 102 ? -11.366 2.751   -0.041  1.00 22.01 ? 102 GLY A C   1 
ATOM   700 O O   . GLY A 1 102 ? -10.652 3.219   0.877   1.00 23.96 ? 102 GLY A O   1 
ATOM   701 N N   . ASN A 1 103 ? -12.205 1.742   0.153   1.00 16.57 ? 103 ASN A N   1 
ATOM   702 C CA  . ASN A 1 103 ? -12.321 1.080   1.463   1.00 14.33 ? 103 ASN A CA  1 
ATOM   703 C C   . ASN A 1 103 ? -11.394 -0.132  1.556   1.00 14.36 ? 103 ASN A C   1 
ATOM   704 O O   . ASN A 1 103 ? -11.051 -0.785  0.588   1.00 15.98 ? 103 ASN A O   1 
ATOM   705 C CB  . ASN A 1 103 ? -13.757 0.644   1.695   1.00 20.65 ? 103 ASN A CB  1 
ATOM   706 C CG  . ASN A 1 103 ? -14.648 1.894   1.777   1.00 33.49 ? 103 ASN A CG  1 
ATOM   707 O OD1 . ASN A 1 103 ? -14.207 2.984   2.163   1.00 34.11 ? 103 ASN A OD1 1 
ATOM   708 N ND2 . ASN A 1 103 ? -15.892 1.652   1.367   1.00 37.59 ? 103 ASN A ND2 1 
ATOM   709 N N   . GLY A 1 104 ? -11.002 -0.468  2.772   1.00 15.08 ? 104 GLY A N   1 
ATOM   710 C CA  . GLY A 1 104 ? -10.092 -1.607  3.107   1.00 17.18 ? 104 GLY A CA  1 
ATOM   711 C C   . GLY A 1 104 ? -9.491  -1.530  4.510   1.00 12.93 ? 104 GLY A C   1 
ATOM   712 O O   . GLY A 1 104 ? -9.782  -0.618  5.303   1.00 15.78 ? 104 GLY A O   1 
ATOM   713 N N   . PRO A 1 105 ? -8.612  -2.486  4.805   1.00 11.35 ? 105 PRO A N   1 
ATOM   714 C CA  . PRO A 1 105 ? -7.930  -2.516  6.107   1.00 12.98 ? 105 PRO A CA  1 
ATOM   715 C C   . PRO A 1 105 ? -7.044  -1.295  6.277   1.00 13.44 ? 105 PRO A C   1 
ATOM   716 O O   . PRO A 1 105 ? -6.714  -0.554  5.323   1.00 14.18 ? 105 PRO A O   1 
ATOM   717 C CB  . PRO A 1 105 ? -7.080  -3.796  6.062   1.00 13.24 ? 105 PRO A CB  1 
ATOM   718 C CG  . PRO A 1 105 ? -7.012  -4.202  4.635   1.00 12.22 ? 105 PRO A CG  1 
ATOM   719 C CD  . PRO A 1 105 ? -8.196  -3.562  3.908   1.00 11.72 ? 105 PRO A CD  1 
ATOM   720 N N   . GLU A 1 106 ? -6.615  -1.102  7.517   1.00 14.39 ? 106 GLU A N   1 
ATOM   721 C CA  . GLU A 1 106 ? -5.646  -0.033  7.830   1.00 16.09 ? 106 GLU A CA  1 
ATOM   722 C C   . GLU A 1 106 ? -4.299  -0.390  7.156   1.00 12.66 ? 106 GLU A C   1 
ATOM   723 O O   . GLU A 1 106 ? -3.984  -1.588  6.980   1.00 13.74 ? 106 GLU A O   1 
ATOM   724 C CB  . GLU A 1 106 ? -5.432  -0.074  9.348   1.00 22.42 ? 106 GLU A CB  1 
ATOM   725 C CG  . GLU A 1 106 ? -6.743  0.376   10.012  1.00 79.59 ? 106 GLU A CG  1 
ATOM   726 C CD  . GLU A 1 106 ? -6.555  0.329   11.531  1.00 98.43 ? 106 GLU A CD  1 
ATOM   727 O OE1 . GLU A 1 106 ? -5.656  1.078   12.015  1.00 99.89 ? 106 GLU A OE1 1 
ATOM   728 O OE2 . GLU A 1 106 ? -7.316  -0.465  12.150  1.00 99.89 ? 106 GLU A OE2 1 
ATOM   729 N N   . GLY A 1 107 ? -3.551  0.625   6.753   1.00 12.89 ? 107 GLY A N   1 
ATOM   730 C CA  . GLY A 1 107 ? -2.232  0.375   6.094   1.00 12.14 ? 107 GLY A CA  1 
ATOM   731 C C   . GLY A 1 107 ? -1.221  -0.098  7.134   1.00 11.65 ? 107 GLY A C   1 
ATOM   732 O O   . GLY A 1 107 ? -1.388  0.082   8.373   1.00 12.64 ? 107 GLY A O   1 
ATOM   733 N N   . VAL A 1 108 ? -0.157  -0.685  6.597   1.00 9.49  ? 108 VAL A N   1 
ATOM   734 C CA  . VAL A 1 108 ? 0.950   -1.209  7.406   1.00 7.93  ? 108 VAL A CA  1 
ATOM   735 C C   . VAL A 1 108 ? 2.213   -0.368  7.219   1.00 10.18 ? 108 VAL A C   1 
ATOM   736 O O   . VAL A 1 108 ? 2.685   -0.152  6.090   1.00 9.60  ? 108 VAL A O   1 
ATOM   737 C CB  . VAL A 1 108 ? 1.240   -2.671  6.931   1.00 9.18  ? 108 VAL A CB  1 
ATOM   738 C CG1 . VAL A 1 108 ? 2.385   -3.292  7.701   1.00 11.16 ? 108 VAL A CG1 1 
ATOM   739 C CG2 . VAL A 1 108 ? -0.040  -3.485  7.018   1.00 14.11 ? 108 VAL A CG2 1 
ATOM   740 N N   . ALA A 1 109 ? 2.774   0.129   8.325   1.00 9.83  ? 109 ALA A N   1 
ATOM   741 C CA  . ALA A 1 109 ? 4.012   0.923   8.362   1.00 9.82  ? 109 ALA A CA  1 
ATOM   742 C C   . ALA A 1 109 ? 5.204   0.024   7.938   1.00 8.77  ? 109 ALA A C   1 
ATOM   743 O O   . ALA A 1 109 ? 5.300   -1.127  8.377   1.00 11.44 ? 109 ALA A O   1 
ATOM   744 C CB  . ALA A 1 109 ? 4.351   1.414   9.794   1.00 11.74 ? 109 ALA A CB  1 
ATOM   745 N N   . ILE A 1 110 ? 6.031   0.617   7.096   1.00 7.05  ? 110 ILE A N   1 
ATOM   746 C CA  . ILE A 1 110 ? 7.243   -0.113  6.635   1.00 8.14  ? 110 ILE A CA  1 
ATOM   747 C C   . ILE A 1 110 ? 8.465   0.805   6.886   1.00 10.45 ? 110 ILE A C   1 
ATOM   748 O O   . ILE A 1 110 ? 8.383   2.045   7.012   1.00 11.68 ? 110 ILE A O   1 
ATOM   749 C CB  . ILE A 1 110 ? 7.175   -0.498  5.152   1.00 9.05  ? 110 ILE A CB  1 
ATOM   750 C CG1 . ILE A 1 110 ? 6.982   0.753   4.268   1.00 10.62 ? 110 ILE A CG1 1 
ATOM   751 C CG2 . ILE A 1 110 ? 6.008   -1.488  4.906   1.00 11.25 ? 110 ILE A CG2 1 
ATOM   752 C CD1 . ILE A 1 110 ? 7.156   0.518   2.764   1.00 15.83 ? 110 ILE A CD1 1 
ATOM   753 N N   . SER A 1 111 ? 9.641   0.160   6.936   1.00 9.75  ? 111 SER A N   1 
ATOM   754 C CA  . SER A 1 111 ? 10.904  0.901   7.158   1.00 8.83  ? 111 SER A CA  1 
ATOM   755 C C   . SER A 1 111 ? 12.007  0.389   6.223   1.00 9.22  ? 111 SER A C   1 
ATOM   756 O O   . SER A 1 111 ? 12.102  -0.822  6.007   1.00 9.67  ? 111 SER A O   1 
ATOM   757 C CB  . SER A 1 111 ? 11.344  0.704   8.629   1.00 12.35 ? 111 SER A CB  1 
ATOM   758 O OG  . SER A 1 111 ? 12.550  1.517   8.784   1.00 13.22 ? 111 SER A OG  1 
ATOM   759 N N   . PHE A 1 112 ? 12.804  1.348   5.751   1.00 10.53 ? 112 PHE A N   1 
ATOM   760 C CA  . PHE A 1 112 ? 13.937  1.143   4.825   1.00 9.40  ? 112 PHE A CA  1 
ATOM   761 C C   . PHE A 1 112 ? 15.278  1.369   5.520   1.00 16.72 ? 112 PHE A C   1 
ATOM   762 O O   . PHE A 1 112 ? 16.325  1.410   4.825   1.00 17.49 ? 112 PHE A O   1 
ATOM   763 C CB  . PHE A 1 112 ? 13.789  2.155   3.666   1.00 10.59 ? 112 PHE A CB  1 
ATOM   764 C CG  . PHE A 1 112 ? 12.654  1.841   2.739   1.00 9.92  ? 112 PHE A CG  1 
ATOM   765 C CD1 . PHE A 1 112 ? 11.389  2.383   2.999   1.00 8.54  ? 112 PHE A CD1 1 
ATOM   766 C CD2 . PHE A 1 112 ? 12.889  1.035   1.625   1.00 10.35 ? 112 PHE A CD2 1 
ATOM   767 C CE1 . PHE A 1 112 ? 10.350  2.064   2.141   1.00 12.10 ? 112 PHE A CE1 1 
ATOM   768 C CE2 . PHE A 1 112 ? 11.815  0.759   0.743   1.00 12.55 ? 112 PHE A CE2 1 
ATOM   769 C CZ  . PHE A 1 112 ? 10.553  1.250   1.030   1.00 12.24 ? 112 PHE A CZ  1 
ATOM   770 N N   . ASN A 1 113 ? 15.267  1.572   6.850   1.00 15.35 ? 113 ASN A N   1 
ATOM   771 C CA  . ASN A 1 113 ? 16.556  1.786   7.553   1.00 13.57 ? 113 ASN A CA  1 
ATOM   772 C C   . ASN A 1 113 ? 17.279  0.462   7.558   1.00 17.33 ? 113 ASN A C   1 
ATOM   773 O O   . ASN A 1 113 ? 18.524  0.499   7.248   1.00 21.14 ? 113 ASN A O   1 
ATOM   774 C CB  . ASN A 1 113 ? 16.316  2.437   8.930   1.00 14.30 ? 113 ASN A CB  1 
ATOM   775 C CG  . ASN A 1 113 ? 15.971  3.919   8.701   1.00 19.75 ? 113 ASN A CG  1 
ATOM   776 O OD1 . ASN A 1 113 ? 16.669  4.622   7.932   1.00 19.20 ? 113 ASN A OD1 1 
ATOM   777 N ND2 . ASN A 1 113 ? 14.881  4.410   9.286   1.00 15.16 ? 113 ASN A ND2 1 
ATOM   778 O OXT . ASN A 1 113 ? 16.666  -0.572  7.862   1.00 14.82 ? 113 ASN A OXT 1 
HETATM 779 O O   . HOH B 2 .   ? 2.925   1.635   -4.851  1.00 9.05  ? 114 HOH A O   1 
HETATM 780 O O   . HOH B 2 .   ? 5.696   0.941   -4.335  1.00 9.68  ? 115 HOH A O   1 
HETATM 781 O O   . HOH B 2 .   ? 4.802   -3.517  -7.691  1.00 12.26 ? 116 HOH A O   1 
HETATM 782 O O   . HOH B 2 .   ? 12.222  4.113   6.643   1.00 13.35 ? 117 HOH A O   1 
HETATM 783 O O   . HOH B 2 .   ? -14.397 -6.399  -8.529  1.00 13.93 ? 118 HOH A O   1 
HETATM 784 O O   . HOH B 2 .   ? 2.688   -6.738  8.745   1.00 14.34 ? 119 HOH A O   1 
HETATM 785 O O   . HOH B 2 .   ? -12.830 -8.316  13.663  1.00 14.86 ? 120 HOH A O   1 
HETATM 786 O O   . HOH B 2 .   ? -4.330  12.422  -1.842  1.00 15.02 ? 121 HOH A O   1 
HETATM 787 O O   . HOH B 2 .   ? 8.623   4.621   6.117   1.00 16.77 ? 122 HOH A O   1 
HETATM 788 O O   . HOH B 2 .   ? 2.310   -10.798 4.353   1.00 17.75 ? 123 HOH A O   1 
HETATM 789 O O   . HOH B 2 .   ? -2.763  -10.147 -9.221  1.00 18.89 ? 124 HOH A O   1 
HETATM 790 O O   . HOH B 2 .   ? -14.291 -9.239  -9.136  1.00 18.99 ? 125 HOH A O   1 
HETATM 791 O O   . HOH B 2 .   ? 4.996   7.567   -8.682  1.00 20.07 ? 126 HOH A O   1 
HETATM 792 O O   . HOH B 2 .   ? -10.312 -14.022 5.127   1.00 20.56 ? 127 HOH A O   1 
HETATM 793 O O   . HOH B 2 .   ? -9.541  -10.146 9.196   1.00 20.72 ? 128 HOH A O   1 
HETATM 794 O O   . HOH B 2 .   ? -4.718  -13.591 4.199   1.00 20.91 ? 129 HOH A O   1 
HETATM 795 O O   . HOH B 2 .   ? -14.175 -21.789 0.693   1.00 21.20 ? 130 HOH A O   1 
HETATM 796 O O   . HOH B 2 .   ? 5.516   4.332   8.625   1.00 21.54 ? 131 HOH A O   1 
HETATM 797 O O   . HOH B 2 .   ? -8.402  -18.558 1.133   1.00 21.55 ? 132 HOH A O   1 
HETATM 798 O O   . HOH B 2 .   ? -1.367  3.095   -11.214 1.00 21.65 ? 133 HOH A O   1 
HETATM 799 O O   . HOH B 2 .   ? -13.239 -3.119  -6.208  1.00 21.88 ? 134 HOH A O   1 
HETATM 800 O O   . HOH B 2 .   ? -6.353  -12.269 -7.928  1.00 22.10 ? 135 HOH A O   1 
HETATM 801 O O   . HOH B 2 .   ? 13.509  -8.318  -3.649  1.00 22.62 ? 136 HOH A O   1 
HETATM 802 O O   . HOH B 2 .   ? -0.974  2.785   1.166   1.00 23.31 ? 137 HOH A O   1 
HETATM 803 O O   . HOH B 2 .   ? 6.355   -2.516  -9.984  1.00 23.78 ? 138 HOH A O   1 
HETATM 804 O O   . HOH B 2 .   ? -4.494  -1.956  4.036   1.00 23.85 ? 139 HOH A O   1 
HETATM 805 O O   . HOH B 2 .   ? 17.767  -5.991  5.666   1.00 23.87 ? 140 HOH A O   1 
HETATM 806 O O   . HOH B 2 .   ? -3.694  21.848  5.267   1.00 24.39 ? 141 HOH A O   1 
HETATM 807 O O   . HOH B 2 .   ? 8.312   5.043   -8.378  1.00 24.61 ? 142 HOH A O   1 
HETATM 808 O O   . HOH B 2 .   ? 3.181   -15.950 3.893   1.00 25.58 ? 143 HOH A O   1 
HETATM 809 O O   . HOH B 2 .   ? -7.559  -18.868 -2.651  1.00 25.94 ? 144 HOH A O   1 
HETATM 810 O O   . HOH B 2 .   ? 8.847   7.827   -8.855  1.00 26.02 ? 145 HOH A O   1 
HETATM 811 O O   . HOH B 2 .   ? -7.959  0.626   -10.035 1.00 26.34 ? 146 HOH A O   1 
HETATM 812 O O   . HOH B 2 .   ? -0.882  -9.160  -10.844 1.00 26.72 ? 147 HOH A O   1 
HETATM 813 O O   . HOH B 2 .   ? 13.902  6.967   9.598   1.00 26.99 ? 148 HOH A O   1 
HETATM 814 O O   . HOH B 2 .   ? -4.065  -3.764  8.845   1.00 27.00 ? 149 HOH A O   1 
HETATM 815 O O   . HOH B 2 .   ? 9.753   12.793  2.344   1.00 27.66 ? 150 HOH A O   1 
HETATM 816 O O   . HOH B 2 .   ? -3.379  -12.733 6.548   1.00 28.44 ? 151 HOH A O   1 
HETATM 817 O O   . HOH B 2 .   ? -7.329  -3.139  9.554   1.00 29.05 ? 152 HOH A O   1 
HETATM 818 O O   . HOH B 2 .   ? 1.992   -1.127  11.262  1.00 29.12 ? 153 HOH A O   1 
HETATM 819 O O   . HOH B 2 .   ? 11.285  5.323   -7.429  1.00 29.44 ? 154 HOH A O   1 
HETATM 820 O O   . HOH B 2 .   ? 10.146  7.029   8.584   1.00 29.57 ? 155 HOH A O   1 
HETATM 821 O O   . HOH B 2 .   ? -14.203 -6.328  4.207   1.00 29.62 ? 156 HOH A O   1 
HETATM 822 O O   . HOH B 2 .   ? -2.407  9.422   -3.593  1.00 29.62 ? 157 HOH A O   1 
HETATM 823 O O   . HOH B 2 .   ? 18.045  1.158   -0.966  1.00 30.64 ? 158 HOH A O   1 
HETATM 824 O O   . HOH B 2 .   ? -10.019 -1.732  -7.200  1.00 30.66 ? 159 HOH A O   1 
HETATM 825 O O   . HOH B 2 .   ? 17.682  -1.534  4.682   1.00 30.67 ? 160 HOH A O   1 
HETATM 826 O O   . HOH B 2 .   ? -1.112  -11.609 -7.499  1.00 30.69 ? 161 HOH A O   1 
HETATM 827 O O   . HOH B 2 .   ? -15.841 3.700   -7.268  1.00 31.49 ? 162 HOH A O   1 
HETATM 828 O O   . HOH B 2 .   ? 17.104  1.290   1.852   1.00 31.56 ? 163 HOH A O   1 
HETATM 829 O O   . HOH B 2 .   ? -13.518 -3.544  1.154   1.00 31.76 ? 164 HOH A O   1 
HETATM 830 O O   . HOH B 2 .   ? -6.559  14.773  -3.908  1.00 32.53 ? 165 HOH A O   1 
HETATM 831 O O   . HOH B 2 .   ? -5.509  11.254  0.793   1.00 32.79 ? 166 HOH A O   1 
HETATM 832 O O   . HOH B 2 .   ? -3.989  -10.140 6.793   1.00 32.93 ? 167 HOH A O   1 
HETATM 833 O O   . HOH B 2 .   ? -16.429 6.374   -8.694  1.00 33.43 ? 168 HOH A O   1 
HETATM 834 O O   . HOH B 2 .   ? -16.413 -0.465  -0.330  1.00 33.49 ? 169 HOH A O   1 
HETATM 835 O O   . HOH B 2 .   ? 11.139  -10.707 -0.630  1.00 33.71 ? 170 HOH A O   1 
HETATM 836 O O   . HOH B 2 .   ? -9.131  -12.076 -10.783 1.00 33.96 ? 171 HOH A O   1 
HETATM 837 O O   . HOH B 2 .   ? 12.093  -2.339  -11.051 1.00 34.40 ? 172 HOH A O   1 
HETATM 838 O O   . HOH B 2 .   ? 10.357  17.396  -5.027  1.00 34.79 ? 173 HOH A O   1 
HETATM 839 O O   . HOH B 2 .   ? 6.830   -8.449  8.758   1.00 35.22 ? 174 HOH A O   1 
HETATM 840 O O   . HOH B 2 .   ? -6.576  17.980  5.675   1.00 36.15 ? 175 HOH A O   1 
HETATM 841 O O   . HOH B 2 .   ? -6.768  -14.173 -4.099  1.00 37.25 ? 176 HOH A O   1 
HETATM 842 O O   . HOH B 2 .   ? 2.770   4.808   9.232   1.00 37.29 ? 177 HOH A O   1 
HETATM 843 O O   . HOH B 2 .   ? -6.162  2.952   -6.949  1.00 37.40 ? 178 HOH A O   1 
HETATM 844 O O   . HOH B 2 .   ? -7.126  9.040   2.755   1.00 37.84 ? 179 HOH A O   1 
HETATM 845 O O   . HOH B 2 .   ? 6.767   -6.801  -7.790  1.00 38.25 ? 180 HOH A O   1 
HETATM 846 O O   . HOH B 2 .   ? 8.120   -12.131 1.339   1.00 38.62 ? 181 HOH A O   1 
HETATM 847 O O   . HOH B 2 .   ? 7.963   3.604   9.644   1.00 39.38 ? 182 HOH A O   1 
HETATM 848 O O   . HOH B 2 .   ? -12.704 -14.512 -6.596  1.00 41.17 ? 183 HOH A O   1 
HETATM 849 O O   . HOH B 2 .   ? -3.537  2.139   0.190   1.00 41.29 ? 184 HOH A O   1 
HETATM 850 O O   . HOH B 2 .   ? -17.416 -0.912  -7.494  1.00 41.45 ? 185 HOH A O   1 
HETATM 851 O O   . HOH B 2 .   ? -0.557  -12.835 6.664   1.00 41.45 ? 186 HOH A O   1 
HETATM 852 O O   . HOH B 2 .   ? -11.184 3.064   -7.944  1.00 41.48 ? 187 HOH A O   1 
HETATM 853 O O   . HOH B 2 .   ? -10.188 -8.407  12.892  1.00 41.59 ? 188 HOH A O   1 
HETATM 854 O O   . HOH B 2 .   ? -17.718 -9.392  9.594   1.00 41.60 ? 189 HOH A O   1 
HETATM 855 O O   . HOH B 2 .   ? -5.428  -15.856 -2.439  1.00 42.07 ? 190 HOH A O   1 
HETATM 856 O O   . HOH B 2 .   ? -4.405  -15.813 -0.114  1.00 42.55 ? 191 HOH A O   1 
HETATM 857 O O   . HOH B 2 .   ? -4.314  3.742   7.011   1.00 42.76 ? 192 HOH A O   1 
HETATM 858 O O   . HOH B 2 .   ? -15.263 -8.581  6.849   1.00 44.51 ? 193 HOH A O   1 
HETATM 859 O O   . HOH B 2 .   ? 13.960  5.301   -4.632  1.00 45.10 ? 194 HOH A O   1 
HETATM 860 O O   . HOH B 2 .   ? 5.920   -17.224 4.599   1.00 45.89 ? 195 HOH A O   1 
HETATM 861 O O   . HOH B 2 .   ? -0.967  -6.599  -10.671 1.00 45.96 ? 196 HOH A O   1 
HETATM 862 O O   . HOH B 2 .   ? 1.769   -1.102  -11.734 1.00 46.74 ? 197 HOH A O   1 
HETATM 863 O O   . HOH B 2 .   ? 15.879  9.529   8.860   1.00 47.59 ? 198 HOH A O   1 
HETATM 864 O O   . HOH B 2 .   ? -2.418  8.588   -6.921  1.00 47.73 ? 199 HOH A O   1 
HETATM 865 O O   . HOH B 2 .   ? -17.825 -16.274 -0.754  1.00 47.87 ? 200 HOH A O   1 
HETATM 866 O O   . HOH B 2 .   ? -6.319  10.663  -10.354 1.00 48.01 ? 201 HOH A O   1 
HETATM 867 O O   . HOH B 2 .   ? -16.050 -3.116  -5.610  1.00 48.75 ? 202 HOH A O   1 
HETATM 868 O O   . HOH B 2 .   ? 5.872   13.911  5.530   1.00 48.86 ? 203 HOH A O   1 
HETATM 869 O O   . HOH B 2 .   ? -14.828 -19.347 3.899   1.00 48.88 ? 204 HOH A O   1 
HETATM 870 O O   . HOH B 2 .   ? 6.469   18.912  -1.791  1.00 49.42 ? 205 HOH A O   1 
HETATM 871 O O   . HOH B 2 .   ? -14.585 -11.845 4.411   1.00 49.45 ? 206 HOH A O   1 
HETATM 872 O O   . HOH B 2 .   ? -17.385 -11.336 1.940   1.00 49.63 ? 207 HOH A O   1 
HETATM 873 O O   . HOH B 2 .   ? -10.049 -2.476  9.522   1.00 50.76 ? 208 HOH A O   1 
HETATM 874 O O   . HOH B 2 .   ? 0.277   -5.742  10.390  1.00 52.61 ? 209 HOH A O   1 
HETATM 875 O O   . HOH B 2 .   ? 18.933  4.988   6.621   1.00 52.74 ? 210 HOH A O   1 
HETATM 876 O O   . HOH B 2 .   ? -3.960  1.447   -2.960  1.00 53.40 ? 211 HOH A O   1 
HETATM 877 O O   . HOH B 2 .   ? -13.097 -1.156  5.862   1.00 56.75 ? 212 HOH A O   1 
# 
